data_1G2Y
# 
_entry.id   1G2Y 
# 
_audit_conform.dict_name       mmcif_pdbx.dic 
_audit_conform.dict_version    5.397 
_audit_conform.dict_location   http://mmcif.pdb.org/dictionaries/ascii/mmcif_pdbx.dic 
# 
loop_
_database_2.database_id 
_database_2.database_code 
_database_2.pdbx_database_accession 
_database_2.pdbx_DOI 
PDB   1G2Y         pdb_00001g2y 10.2210/pdb1g2y/pdb 
RCSB  RCSB012168   ?            ?                   
WWPDB D_1000012168 ?            ?                   
# 
loop_
_pdbx_audit_revision_history.ordinal 
_pdbx_audit_revision_history.data_content_type 
_pdbx_audit_revision_history.major_revision 
_pdbx_audit_revision_history.minor_revision 
_pdbx_audit_revision_history.revision_date 
1 'Structure model' 1 0 2001-01-17 
2 'Structure model' 1 1 2008-04-27 
3 'Structure model' 1 2 2011-07-13 
4 'Structure model' 1 3 2021-11-03 
5 'Structure model' 1 4 2024-04-03 
6 'Structure model' 1 5 2024-10-16 
# 
_pdbx_audit_revision_details.ordinal             1 
_pdbx_audit_revision_details.revision_ordinal    1 
_pdbx_audit_revision_details.data_content_type   'Structure model' 
_pdbx_audit_revision_details.provider            repository 
_pdbx_audit_revision_details.type                'Initial release' 
_pdbx_audit_revision_details.description         ? 
_pdbx_audit_revision_details.details             ? 
# 
loop_
_pdbx_audit_revision_group.ordinal 
_pdbx_audit_revision_group.revision_ordinal 
_pdbx_audit_revision_group.data_content_type 
_pdbx_audit_revision_group.group 
1 2 'Structure model' 'Version format compliance' 
2 3 'Structure model' 'Version format compliance' 
3 4 'Structure model' 'Database references'       
4 4 'Structure model' 'Derived calculations'      
5 5 'Structure model' 'Data collection'           
6 5 'Structure model' 'Refinement description'    
7 6 'Structure model' 'Structure summary'         
# 
loop_
_pdbx_audit_revision_category.ordinal 
_pdbx_audit_revision_category.revision_ordinal 
_pdbx_audit_revision_category.data_content_type 
_pdbx_audit_revision_category.category 
1 4 'Structure model' database_2                    
2 4 'Structure model' struct_conn                   
3 4 'Structure model' struct_ref_seq_dif            
4 5 'Structure model' chem_comp_atom                
5 5 'Structure model' chem_comp_bond                
6 5 'Structure model' pdbx_initial_refinement_model 
7 6 'Structure model' pdbx_entry_details            
8 6 'Structure model' pdbx_modification_feature     
# 
loop_
_pdbx_audit_revision_item.ordinal 
_pdbx_audit_revision_item.revision_ordinal 
_pdbx_audit_revision_item.data_content_type 
_pdbx_audit_revision_item.item 
1 4 'Structure model' '_database_2.pdbx_DOI'                
2 4 'Structure model' '_database_2.pdbx_database_accession' 
3 4 'Structure model' '_struct_conn.pdbx_leaving_atom_flag' 
4 4 'Structure model' '_struct_ref_seq_dif.details'         
# 
_pdbx_database_status.status_code                     REL 
_pdbx_database_status.entry_id                        1G2Y 
_pdbx_database_status.recvd_initial_deposition_date   2000-10-23 
_pdbx_database_status.deposit_site                    RCSB 
_pdbx_database_status.process_site                    RCSB 
_pdbx_database_status.status_code_sf                  REL 
_pdbx_database_status.SG_entry                        . 
_pdbx_database_status.pdb_format_compatible           Y 
_pdbx_database_status.status_code_mr                  ? 
_pdbx_database_status.status_code_cs                  ? 
_pdbx_database_status.status_code_nmr_data            ? 
_pdbx_database_status.methods_development_category    ? 
# 
loop_
_pdbx_database_related.db_name 
_pdbx_database_related.db_id 
_pdbx_database_related.details 
_pdbx_database_related.content_type 
PDB 1F93 'CRYSTAL STRUCTURE OF A COMPLEX BETWEEN THE DIMERIZATION DOMAIN OF HNF-1 ALPHA AND THE COACTIVATOR DCOH' unspecified 
PDB 1G2Z 'dimerization domain of HNF-1alpha with a Leu 13 selenomethionine substitution'                          unspecified 
PDB 1G39 'WILD-TYPE HNF-1ALPHA DIMERIZATION DOMAIN'                                                               unspecified 
# 
loop_
_audit_author.name 
_audit_author.pdbx_ordinal 
'Rose, R.B.'     1 
'Endrizzi, J.A.' 2 
'Cronk, J.D.'    3 
'Holton, J.'     4 
'Alber, T.'      5 
# 
loop_
_citation.id 
_citation.title 
_citation.journal_abbrev 
_citation.journal_volume 
_citation.page_first 
_citation.page_last 
_citation.year 
_citation.journal_id_ASTM 
_citation.country 
_citation.journal_id_ISSN 
_citation.journal_id_CSD 
_citation.book_publisher 
_citation.pdbx_database_id_PubMed 
_citation.pdbx_database_id_DOI 
primary 'High-resolution structure of the HNF-1alpha dimerization domain.'                            Biochemistry     39 15062 
15070 2000 BICHAW US 0006-2960 0033 ? 11106484 10.1021/bi001996t 
1       'Structural basis of dimerization, coactivator recognition and MODY3 mutations in HNF-1alpha' Nat.Struct.Biol. 7  744   
748   2000 NSBIEW US 1072-8368 2024 ? ?        10.1038/78966     
# 
loop_
_citation_author.citation_id 
_citation_author.name 
_citation_author.ordinal 
_citation_author.identifier_ORCID 
primary 'Rose, R.B.'     1  ? 
primary 'Endrizzi, J.A.' 2  ? 
primary 'Cronk, J.D.'    3  ? 
primary 'Holton, J.'     4  ? 
primary 'Alber, T.'      5  ? 
1       'Rose, R.B.'     6  ? 
1       'Bayle, J.H.'    7  ? 
1       'Endrizzi, J.A.' 8  ? 
1       'Cronk, J.D.'    9  ? 
1       'Crabtree, G.R.' 10 ? 
1       'Alber, T.'      11 ? 
# 
loop_
_entity.id 
_entity.type 
_entity.src_method 
_entity.pdbx_description 
_entity.formula_weight 
_entity.pdbx_number_of_molecules 
_entity.pdbx_ec 
_entity.pdbx_mutation 
_entity.pdbx_fragment 
_entity.details 
1 polymer syn 'HEPATOCYTE NUCLEAR FACTOR 1-ALPHA' 3451.884 4   ? 'L12(MSE)' 'DIMERIZATION DOMAIN, RESIDUES 1-32' ? 
2 water   nat water                               18.015   176 ? ?          ?                                    ? 
# 
_entity_name_com.entity_id   1 
_entity_name_com.name        'HNF-1A, LIVER SPECIFIC TRANSCRIPTION FACTOR LF-B1' 
# 
_entity_poly.entity_id                      1 
_entity_poly.type                           'polypeptide(L)' 
_entity_poly.nstd_linkage                   no 
_entity_poly.nstd_monomer                   yes 
_entity_poly.pdbx_seq_one_letter_code       'MVSKLSQLQTE(MSE)LAALLESGLSKEALIQALGE' 
_entity_poly.pdbx_seq_one_letter_code_can   MVSKLSQLQTEMLAALLESGLSKEALIQALGE 
_entity_poly.pdbx_strand_id                 A,B,C,D 
_entity_poly.pdbx_target_identifier         ? 
# 
_pdbx_entity_nonpoly.entity_id   2 
_pdbx_entity_nonpoly.name        water 
_pdbx_entity_nonpoly.comp_id     HOH 
# 
loop_
_entity_poly_seq.entity_id 
_entity_poly_seq.num 
_entity_poly_seq.mon_id 
_entity_poly_seq.hetero 
1 1  MET n 
1 2  VAL n 
1 3  SER n 
1 4  LYS n 
1 5  LEU n 
1 6  SER n 
1 7  GLN n 
1 8  LEU n 
1 9  GLN n 
1 10 THR n 
1 11 GLU n 
1 12 MSE n 
1 13 LEU n 
1 14 ALA n 
1 15 ALA n 
1 16 LEU n 
1 17 LEU n 
1 18 GLU n 
1 19 SER n 
1 20 GLY n 
1 21 LEU n 
1 22 SER n 
1 23 LYS n 
1 24 GLU n 
1 25 ALA n 
1 26 LEU n 
1 27 ILE n 
1 28 GLN n 
1 29 ALA n 
1 30 LEU n 
1 31 GLY n 
1 32 GLU n 
# 
_pdbx_entity_src_syn.entity_id              1 
_pdbx_entity_src_syn.pdbx_src_id            1 
_pdbx_entity_src_syn.pdbx_alt_source_flag   sample 
_pdbx_entity_src_syn.pdbx_beg_seq_num       ? 
_pdbx_entity_src_syn.pdbx_end_seq_num       ? 
_pdbx_entity_src_syn.organism_scientific    ? 
_pdbx_entity_src_syn.organism_common_name   ? 
_pdbx_entity_src_syn.ncbi_taxonomy_id       ? 
_pdbx_entity_src_syn.details                
;This peptide was chemically synthesized. The sequence of this peptide naturally occurs in mouse (Mus musculus), with a point mutation at position 12.
;
# 
loop_
_chem_comp.id 
_chem_comp.type 
_chem_comp.mon_nstd_flag 
_chem_comp.name 
_chem_comp.pdbx_synonyms 
_chem_comp.formula 
_chem_comp.formula_weight 
ALA 'L-peptide linking' y ALANINE          ? 'C3 H7 N O2'     89.093  
GLN 'L-peptide linking' y GLUTAMINE        ? 'C5 H10 N2 O3'   146.144 
GLU 'L-peptide linking' y 'GLUTAMIC ACID'  ? 'C5 H9 N O4'     147.129 
GLY 'peptide linking'   y GLYCINE          ? 'C2 H5 N O2'     75.067  
HOH non-polymer         . WATER            ? 'H2 O'           18.015  
ILE 'L-peptide linking' y ISOLEUCINE       ? 'C6 H13 N O2'    131.173 
LEU 'L-peptide linking' y LEUCINE          ? 'C6 H13 N O2'    131.173 
LYS 'L-peptide linking' y LYSINE           ? 'C6 H15 N2 O2 1' 147.195 
MET 'L-peptide linking' y METHIONINE       ? 'C5 H11 N O2 S'  149.211 
MSE 'L-peptide linking' n SELENOMETHIONINE ? 'C5 H11 N O2 Se' 196.106 
SER 'L-peptide linking' y SERINE           ? 'C3 H7 N O3'     105.093 
THR 'L-peptide linking' y THREONINE        ? 'C4 H9 N O3'     119.119 
VAL 'L-peptide linking' y VALINE           ? 'C5 H11 N O2'    117.146 
# 
loop_
_pdbx_poly_seq_scheme.asym_id 
_pdbx_poly_seq_scheme.entity_id 
_pdbx_poly_seq_scheme.seq_id 
_pdbx_poly_seq_scheme.mon_id 
_pdbx_poly_seq_scheme.ndb_seq_num 
_pdbx_poly_seq_scheme.pdb_seq_num 
_pdbx_poly_seq_scheme.auth_seq_num 
_pdbx_poly_seq_scheme.pdb_mon_id 
_pdbx_poly_seq_scheme.auth_mon_id 
_pdbx_poly_seq_scheme.pdb_strand_id 
_pdbx_poly_seq_scheme.pdb_ins_code 
_pdbx_poly_seq_scheme.hetero 
A 1 1  MET 1  1  1  MET ALA A . n 
A 1 2  VAL 2  2  2  VAL VAL A . n 
A 1 3  SER 3  3  3  SER SER A . n 
A 1 4  LYS 4  4  4  LYS LYS A . n 
A 1 5  LEU 5  5  5  LEU LEU A . n 
A 1 6  SER 6  6  6  SER SER A . n 
A 1 7  GLN 7  7  7  GLN GLN A . n 
A 1 8  LEU 8  8  8  LEU LEU A . n 
A 1 9  GLN 9  9  9  GLN GLN A . n 
A 1 10 THR 10 10 10 THR THR A . n 
A 1 11 GLU 11 11 11 GLU GLU A . n 
A 1 12 MSE 12 12 12 MSE MSE A . n 
A 1 13 LEU 13 13 13 LEU LEU A . n 
A 1 14 ALA 14 14 14 ALA ALA A . n 
A 1 15 ALA 15 15 15 ALA ALA A . n 
A 1 16 LEU 16 16 16 LEU LEU A . n 
A 1 17 LEU 17 17 17 LEU LEU A . n 
A 1 18 GLU 18 18 18 GLU GLU A . n 
A 1 19 SER 19 19 19 SER SER A . n 
A 1 20 GLY 20 20 20 GLY GLY A . n 
A 1 21 LEU 21 21 21 LEU LEU A . n 
A 1 22 SER 22 22 22 SER SER A . n 
A 1 23 LYS 23 23 23 LYS LYS A . n 
A 1 24 GLU 24 24 24 GLU GLU A . n 
A 1 25 ALA 25 25 25 ALA ALA A . n 
A 1 26 LEU 26 26 26 LEU LEU A . n 
A 1 27 ILE 27 27 27 ILE ILE A . n 
A 1 28 GLN 28 28 28 GLN GLN A . n 
A 1 29 ALA 29 29 29 ALA ALA A . n 
A 1 30 LEU 30 30 30 LEU LEU A . n 
A 1 31 GLY 31 31 31 GLY GLY A . n 
A 1 32 GLU 32 32 ?  ?   ?   A . n 
B 1 1  MET 1  1  1  MET MET B . n 
B 1 2  VAL 2  2  2  VAL VAL B . n 
B 1 3  SER 3  3  3  SER SER B . n 
B 1 4  LYS 4  4  4  LYS LYS B . n 
B 1 5  LEU 5  5  5  LEU LEU B . n 
B 1 6  SER 6  6  6  SER SER B . n 
B 1 7  GLN 7  7  7  GLN GLN B . n 
B 1 8  LEU 8  8  8  LEU LEU B . n 
B 1 9  GLN 9  9  9  GLN GLN B . n 
B 1 10 THR 10 10 10 THR THR B . n 
B 1 11 GLU 11 11 11 GLU GLU B . n 
B 1 12 MSE 12 12 12 MSE MSE B . n 
B 1 13 LEU 13 13 13 LEU LEU B . n 
B 1 14 ALA 14 14 14 ALA ALA B . n 
B 1 15 ALA 15 15 15 ALA ALA B . n 
B 1 16 LEU 16 16 16 LEU LEU B . n 
B 1 17 LEU 17 17 17 LEU LEU B . n 
B 1 18 GLU 18 18 18 GLU GLU B . n 
B 1 19 SER 19 19 19 SER SER B . n 
B 1 20 GLY 20 20 20 GLY GLY B . n 
B 1 21 LEU 21 21 21 LEU LEU B . n 
B 1 22 SER 22 22 22 SER SER B . n 
B 1 23 LYS 23 23 23 LYS LYS B . n 
B 1 24 GLU 24 24 24 GLU GLU B . n 
B 1 25 ALA 25 25 25 ALA ALA B . n 
B 1 26 LEU 26 26 26 LEU LEU B . n 
B 1 27 ILE 27 27 27 ILE ILE B . n 
B 1 28 GLN 28 28 28 GLN ALA B . n 
B 1 29 ALA 29 29 29 ALA ALA B . n 
B 1 30 LEU 30 30 30 LEU LEU B . n 
B 1 31 GLY 31 31 ?  ?   ?   B . n 
B 1 32 GLU 32 32 ?  ?   ?   B . n 
C 1 1  MET 1  1  ?  ?   ?   C . n 
C 1 2  VAL 2  2  2  VAL VAL C . n 
C 1 3  SER 3  3  3  SER SER C . n 
C 1 4  LYS 4  4  4  LYS LYS C . n 
C 1 5  LEU 5  5  5  LEU LEU C . n 
C 1 6  SER 6  6  6  SER SER C . n 
C 1 7  GLN 7  7  7  GLN GLN C . n 
C 1 8  LEU 8  8  8  LEU LEU C . n 
C 1 9  GLN 9  9  9  GLN GLN C . n 
C 1 10 THR 10 10 10 THR THR C . n 
C 1 11 GLU 11 11 11 GLU GLU C . n 
C 1 12 MSE 12 12 12 MSE MSE C . n 
C 1 13 LEU 13 13 13 LEU LEU C . n 
C 1 14 ALA 14 14 14 ALA ALA C . n 
C 1 15 ALA 15 15 15 ALA ALA C . n 
C 1 16 LEU 16 16 16 LEU LEU C . n 
C 1 17 LEU 17 17 17 LEU LEU C . n 
C 1 18 GLU 18 18 18 GLU GLU C . n 
C 1 19 SER 19 19 19 SER SER C . n 
C 1 20 GLY 20 20 20 GLY GLY C . n 
C 1 21 LEU 21 21 21 LEU LEU C . n 
C 1 22 SER 22 22 22 SER SER C . n 
C 1 23 LYS 23 23 23 LYS LYS C . n 
C 1 24 GLU 24 24 24 GLU GLU C . n 
C 1 25 ALA 25 25 25 ALA ALA C . n 
C 1 26 LEU 26 26 26 LEU LEU C . n 
C 1 27 ILE 27 27 27 ILE ILE C . n 
C 1 28 GLN 28 28 28 GLN GLN C . n 
C 1 29 ALA 29 29 29 ALA ALA C . n 
C 1 30 LEU 30 30 30 LEU ALA C . n 
C 1 31 GLY 31 31 ?  ?   ?   C . n 
C 1 32 GLU 32 32 ?  ?   ?   C . n 
D 1 1  MET 1  1  1  MET SER D . n 
D 1 2  VAL 2  2  2  VAL VAL D . n 
D 1 3  SER 3  3  3  SER SER D . n 
D 1 4  LYS 4  4  4  LYS LYS D . n 
D 1 5  LEU 5  5  5  LEU LEU D . n 
D 1 6  SER 6  6  6  SER SER D . n 
D 1 7  GLN 7  7  7  GLN GLN D . n 
D 1 8  LEU 8  8  8  LEU LEU D . n 
D 1 9  GLN 9  9  9  GLN GLN D . n 
D 1 10 THR 10 10 10 THR THR D . n 
D 1 11 GLU 11 11 11 GLU GLU D . n 
D 1 12 MSE 12 12 12 MSE MSE D . n 
D 1 13 LEU 13 13 13 LEU LEU D . n 
D 1 14 ALA 14 14 14 ALA ALA D . n 
D 1 15 ALA 15 15 15 ALA ALA D . n 
D 1 16 LEU 16 16 16 LEU LEU D . n 
D 1 17 LEU 17 17 17 LEU LEU D . n 
D 1 18 GLU 18 18 18 GLU ALA D . n 
D 1 19 SER 19 19 19 SER SER D . n 
D 1 20 GLY 20 20 20 GLY GLY D . n 
D 1 21 LEU 21 21 21 LEU LEU D . n 
D 1 22 SER 22 22 22 SER SER D . n 
D 1 23 LYS 23 23 23 LYS LYS D . n 
D 1 24 GLU 24 24 24 GLU GLU D . n 
D 1 25 ALA 25 25 25 ALA ALA D . n 
D 1 26 LEU 26 26 26 LEU LEU D . n 
D 1 27 ILE 27 27 27 ILE ILE D . n 
D 1 28 GLN 28 28 28 GLN GLN D . n 
D 1 29 ALA 29 29 29 ALA ALA D . n 
D 1 30 LEU 30 30 30 LEU LEU D . n 
D 1 31 GLY 31 31 ?  ?   ?   D . n 
D 1 32 GLU 32 32 ?  ?   ?   D . n 
# 
loop_
_pdbx_nonpoly_scheme.asym_id 
_pdbx_nonpoly_scheme.entity_id 
_pdbx_nonpoly_scheme.mon_id 
_pdbx_nonpoly_scheme.ndb_seq_num 
_pdbx_nonpoly_scheme.pdb_seq_num 
_pdbx_nonpoly_scheme.auth_seq_num 
_pdbx_nonpoly_scheme.pdb_mon_id 
_pdbx_nonpoly_scheme.auth_mon_id 
_pdbx_nonpoly_scheme.pdb_strand_id 
_pdbx_nonpoly_scheme.pdb_ins_code 
E 2 HOH 1  33 1   HOH WAT A . 
E 2 HOH 2  34 4   HOH WAT A . 
E 2 HOH 3  35 8   HOH WAT A . 
E 2 HOH 4  36 16  HOH WAT A . 
E 2 HOH 5  37 17  HOH WAT A . 
E 2 HOH 6  38 61  HOH WAT A . 
E 2 HOH 7  39 70  HOH WAT A . 
E 2 HOH 8  40 71  HOH WAT A . 
E 2 HOH 9  41 81  HOH WAT A . 
E 2 HOH 10 42 95  HOH WAT A . 
E 2 HOH 11 43 96  HOH WAT A . 
E 2 HOH 12 44 97  HOH WAT A . 
E 2 HOH 13 45 98  HOH WAT A . 
E 2 HOH 14 46 99  HOH WAT A . 
E 2 HOH 15 47 100 HOH WAT A . 
E 2 HOH 16 48 101 HOH WAT A . 
E 2 HOH 17 49 102 HOH WAT A . 
E 2 HOH 18 50 103 HOH WAT A . 
E 2 HOH 19 51 105 HOH WAT A . 
E 2 HOH 20 52 106 HOH WAT A . 
E 2 HOH 21 53 107 HOH WAT A . 
E 2 HOH 22 54 108 HOH WAT A . 
E 2 HOH 23 55 109 HOH WAT A . 
E 2 HOH 24 56 112 HOH WAT A . 
E 2 HOH 25 57 113 HOH WAT A . 
E 2 HOH 26 58 114 HOH WAT A . 
E 2 HOH 27 59 115 HOH WAT A . 
E 2 HOH 28 60 116 HOH WAT A . 
E 2 HOH 29 61 117 HOH WAT A . 
E 2 HOH 30 62 118 HOH WAT A . 
E 2 HOH 31 63 119 HOH WAT A . 
E 2 HOH 32 64 120 HOH WAT A . 
E 2 HOH 33 65 129 HOH WAT A . 
E 2 HOH 34 66 133 HOH WAT A . 
E 2 HOH 35 67 156 HOH WAT A . 
E 2 HOH 36 68 171 HOH WAT A . 
E 2 HOH 37 69 176 HOH WAT A . 
E 2 HOH 38 70 178 HOH WAT A . 
E 2 HOH 39 71 179 HOH WAT A . 
E 2 HOH 40 72 180 HOH WAT A . 
E 2 HOH 41 73 181 HOH WAT A . 
E 2 HOH 42 74 182 HOH WAT A . 
E 2 HOH 43 75 184 HOH WAT A . 
E 2 HOH 44 76 185 HOH WAT A . 
E 2 HOH 45 77 186 HOH WAT A . 
E 2 HOH 46 78 187 HOH WAT A . 
E 2 HOH 47 79 188 HOH WAT A . 
E 2 HOH 48 80 191 HOH WAT A . 
E 2 HOH 49 81 201 HOH WAT A . 
E 2 HOH 50 82 207 HOH WAT A . 
F 2 HOH 1  33 5   HOH WAT B . 
F 2 HOH 2  34 6   HOH WAT B . 
F 2 HOH 3  35 7   HOH WAT B . 
F 2 HOH 4  36 9   HOH WAT B . 
F 2 HOH 5  37 10  HOH WAT B . 
F 2 HOH 6  38 11  HOH WAT B . 
F 2 HOH 7  39 12  HOH WAT B . 
F 2 HOH 8  40 13  HOH WAT B . 
F 2 HOH 9  41 14  HOH WAT B . 
F 2 HOH 10 42 19  HOH WAT B . 
F 2 HOH 11 43 20  HOH WAT B . 
F 2 HOH 12 44 21  HOH WAT B . 
F 2 HOH 13 45 22  HOH WAT B . 
F 2 HOH 14 46 83  HOH WAT B . 
F 2 HOH 15 47 85  HOH WAT B . 
F 2 HOH 16 48 86  HOH WAT B . 
F 2 HOH 17 49 92  HOH WAT B . 
F 2 HOH 18 50 93  HOH WAT B . 
F 2 HOH 19 51 122 HOH WAT B . 
F 2 HOH 20 52 123 HOH WAT B . 
F 2 HOH 21 53 124 HOH WAT B . 
F 2 HOH 22 54 125 HOH WAT B . 
F 2 HOH 23 55 127 HOH WAT B . 
F 2 HOH 24 56 128 HOH WAT B . 
F 2 HOH 25 57 130 HOH WAT B . 
F 2 HOH 26 58 131 HOH WAT B . 
F 2 HOH 27 59 132 HOH WAT B . 
F 2 HOH 28 60 135 HOH WAT B . 
F 2 HOH 29 61 153 HOH WAT B . 
F 2 HOH 30 62 160 HOH WAT B . 
F 2 HOH 31 63 161 HOH WAT B . 
F 2 HOH 32 64 162 HOH WAT B . 
F 2 HOH 33 65 163 HOH WAT B . 
F 2 HOH 34 66 165 HOH WAT B . 
F 2 HOH 35 67 166 HOH WAT B . 
F 2 HOH 36 68 168 HOH WAT B . 
F 2 HOH 37 69 169 HOH WAT B . 
F 2 HOH 38 70 173 HOH WAT B . 
F 2 HOH 39 71 174 HOH WAT B . 
F 2 HOH 40 72 177 HOH WAT B . 
F 2 HOH 41 73 206 HOH WAT B . 
F 2 HOH 42 74 223 HOH WAT B . 
F 2 HOH 43 75 224 HOH WAT B . 
G 2 HOH 1  33 2   HOH WAT C . 
G 2 HOH 2  34 3   HOH WAT C . 
G 2 HOH 3  35 24  HOH WAT C . 
G 2 HOH 4  36 25  HOH WAT C . 
G 2 HOH 5  37 26  HOH WAT C . 
G 2 HOH 6  38 27  HOH WAT C . 
G 2 HOH 7  39 28  HOH WAT C . 
G 2 HOH 8  40 34  HOH WAT C . 
G 2 HOH 9  41 35  HOH WAT C . 
G 2 HOH 10 42 37  HOH WAT C . 
G 2 HOH 11 43 38  HOH WAT C . 
G 2 HOH 12 44 39  HOH WAT C . 
G 2 HOH 13 45 42  HOH WAT C . 
G 2 HOH 14 46 44  HOH WAT C . 
G 2 HOH 15 47 50  HOH WAT C . 
G 2 HOH 16 48 53  HOH WAT C . 
G 2 HOH 17 49 57  HOH WAT C . 
G 2 HOH 18 50 58  HOH WAT C . 
G 2 HOH 19 51 59  HOH WAT C . 
G 2 HOH 20 52 60  HOH WAT C . 
G 2 HOH 21 53 62  HOH WAT C . 
G 2 HOH 22 54 63  HOH WAT C . 
G 2 HOH 23 55 64  HOH WAT C . 
G 2 HOH 24 56 65  HOH WAT C . 
G 2 HOH 25 57 104 HOH WAT C . 
G 2 HOH 26 58 111 HOH WAT C . 
G 2 HOH 27 59 121 HOH WAT C . 
G 2 HOH 28 60 137 HOH WAT C . 
G 2 HOH 29 61 138 HOH WAT C . 
G 2 HOH 30 62 140 HOH WAT C . 
G 2 HOH 31 63 144 HOH WAT C . 
G 2 HOH 32 64 145 HOH WAT C . 
G 2 HOH 33 65 157 HOH WAT C . 
G 2 HOH 34 66 192 HOH WAT C . 
G 2 HOH 35 67 198 HOH WAT C . 
G 2 HOH 36 68 199 HOH WAT C . 
G 2 HOH 37 69 200 HOH WAT C . 
G 2 HOH 38 70 213 HOH WAT C . 
G 2 HOH 39 71 214 HOH WAT C . 
G 2 HOH 40 72 220 HOH WAT C . 
G 2 HOH 41 73 226 HOH WAT C . 
H 2 HOH 1  33 31  HOH WAT D . 
H 2 HOH 2  34 45  HOH WAT D . 
H 2 HOH 3  35 66  HOH WAT D . 
H 2 HOH 4  36 67  HOH WAT D . 
H 2 HOH 5  37 68  HOH WAT D . 
H 2 HOH 6  38 69  HOH WAT D . 
H 2 HOH 7  39 72  HOH WAT D . 
H 2 HOH 8  40 73  HOH WAT D . 
H 2 HOH 9  41 77  HOH WAT D . 
H 2 HOH 10 42 78  HOH WAT D . 
H 2 HOH 11 43 79  HOH WAT D . 
H 2 HOH 12 44 80  HOH WAT D . 
H 2 HOH 13 45 82  HOH WAT D . 
H 2 HOH 14 46 84  HOH WAT D . 
H 2 HOH 15 47 88  HOH WAT D . 
H 2 HOH 16 48 89  HOH WAT D . 
H 2 HOH 17 49 90  HOH WAT D . 
H 2 HOH 18 50 91  HOH WAT D . 
H 2 HOH 19 51 94  HOH WAT D . 
H 2 HOH 20 52 134 HOH WAT D . 
H 2 HOH 21 53 136 HOH WAT D . 
H 2 HOH 22 54 141 HOH WAT D . 
H 2 HOH 23 55 142 HOH WAT D . 
H 2 HOH 24 56 143 HOH WAT D . 
H 2 HOH 25 57 146 HOH WAT D . 
H 2 HOH 26 58 147 HOH WAT D . 
H 2 HOH 27 59 148 HOH WAT D . 
H 2 HOH 28 60 149 HOH WAT D . 
H 2 HOH 29 61 150 HOH WAT D . 
H 2 HOH 30 62 151 HOH WAT D . 
H 2 HOH 31 63 152 HOH WAT D . 
H 2 HOH 32 64 154 HOH WAT D . 
H 2 HOH 33 65 155 HOH WAT D . 
H 2 HOH 34 66 159 HOH WAT D . 
H 2 HOH 35 67 158 HOH WAT D . 
H 2 HOH 36 68 167 HOH WAT D . 
H 2 HOH 37 69 183 HOH WAT D . 
H 2 HOH 38 70 210 HOH WAT D . 
H 2 HOH 39 71 211 HOH WAT D . 
H 2 HOH 40 72 228 HOH WAT D . 
H 2 HOH 41 73 229 HOH WAT D . 
H 2 HOH 42 74 230 HOH WAT D . 
# 
loop_
_pdbx_unobs_or_zero_occ_atoms.id 
_pdbx_unobs_or_zero_occ_atoms.PDB_model_num 
_pdbx_unobs_or_zero_occ_atoms.polymer_flag 
_pdbx_unobs_or_zero_occ_atoms.occupancy_flag 
_pdbx_unobs_or_zero_occ_atoms.auth_asym_id 
_pdbx_unobs_or_zero_occ_atoms.auth_comp_id 
_pdbx_unobs_or_zero_occ_atoms.auth_seq_id 
_pdbx_unobs_or_zero_occ_atoms.PDB_ins_code 
_pdbx_unobs_or_zero_occ_atoms.auth_atom_id 
_pdbx_unobs_or_zero_occ_atoms.label_alt_id 
_pdbx_unobs_or_zero_occ_atoms.label_asym_id 
_pdbx_unobs_or_zero_occ_atoms.label_comp_id 
_pdbx_unobs_or_zero_occ_atoms.label_seq_id 
_pdbx_unobs_or_zero_occ_atoms.label_atom_id 
1  1 Y 1 A MET 1  ? CG  ? A MET 1  CG  
2  1 Y 1 A MET 1  ? SD  ? A MET 1  SD  
3  1 Y 1 A MET 1  ? CE  ? A MET 1  CE  
4  1 Y 1 B GLU 24 ? CG  ? B GLU 24 CG  
5  1 Y 1 B GLU 24 ? CD  ? B GLU 24 CD  
6  1 Y 1 B GLU 24 ? OE1 ? B GLU 24 OE1 
7  1 Y 1 B GLU 24 ? OE2 ? B GLU 24 OE2 
8  1 Y 1 B GLN 28 ? CG  ? B GLN 28 CG  
9  1 Y 1 B GLN 28 ? CD  ? B GLN 28 CD  
10 1 Y 1 B GLN 28 ? OE1 ? B GLN 28 OE1 
11 1 Y 1 B GLN 28 ? NE2 ? B GLN 28 NE2 
12 1 Y 1 C LEU 30 ? CG  ? C LEU 30 CG  
13 1 Y 1 C LEU 30 ? CD1 ? C LEU 30 CD1 
14 1 Y 1 C LEU 30 ? CD2 ? C LEU 30 CD2 
15 1 Y 1 D MET 1  ? CG  ? D MET 1  CG  
16 1 Y 1 D MET 1  ? SD  ? D MET 1  SD  
17 1 Y 1 D MET 1  ? CE  ? D MET 1  CE  
18 1 Y 1 D GLU 18 ? CG  ? D GLU 18 CG  
19 1 Y 1 D GLU 18 ? CD  ? D GLU 18 CD  
20 1 Y 1 D GLU 18 ? OE1 ? D GLU 18 OE1 
21 1 Y 1 D GLU 18 ? OE2 ? D GLU 18 OE2 
# 
loop_
_software.name 
_software.classification 
_software.version 
_software.citation_id 
_software.pdbx_ordinal 
SOLVE  phasing          .         ? 1 
CNS    refinement       .         ? 2 
MOSFLM 'data reduction' .         ? 3 
CCP4   'data scaling'   '(SCALA)' ? 4 
# 
_cell.entry_id           1G2Y 
_cell.length_a           31.270 
_cell.length_b           47.880 
_cell.length_c           40.470 
_cell.angle_alpha        90.00 
_cell.angle_beta         93.60 
_cell.angle_gamma        90.00 
_cell.Z_PDB              8 
_cell.pdbx_unique_axis   ? 
# 
_symmetry.entry_id                         1G2Y 
_symmetry.space_group_name_H-M             'P 1 21 1' 
_symmetry.pdbx_full_space_group_name_H-M   ? 
_symmetry.cell_setting                     ? 
_symmetry.Int_Tables_number                4 
# 
_exptl.entry_id          1G2Y 
_exptl.method            'X-RAY DIFFRACTION' 
_exptl.crystals_number   1 
# 
_exptl_crystal.id                    1 
_exptl_crystal.density_meas          ? 
_exptl_crystal.density_Matthews      2.19 
_exptl_crystal.density_percent_sol   43.83 
_exptl_crystal.description           ? 
# 
_exptl_crystal_grow.crystal_id      1 
_exptl_crystal_grow.method          'VAPOR DIFFUSION, HANGING DROP' 
_exptl_crystal_grow.temp            277.0 
_exptl_crystal_grow.temp_details    ? 
_exptl_crystal_grow.pH              8.5 
_exptl_crystal_grow.pdbx_details    
'PEG 4000, Tris-HCl, lithium sulphate, pH 8.5, VAPOR DIFFUSION, HANGING DROP, temperature 277.0K' 
_exptl_crystal_grow.pdbx_pH_range   . 
# 
_diffrn.id                     1 
_diffrn.ambient_temp           200.0 
_diffrn.ambient_temp_details   ? 
_diffrn.crystal_id             1 
# 
_diffrn_detector.diffrn_id              1 
_diffrn_detector.detector               CCD 
_diffrn_detector.type                   'ADSC QUANTUM 4' 
_diffrn_detector.pdbx_collection_date   1999-10-28 
_diffrn_detector.details                'Double crystal' 
# 
_diffrn_radiation.diffrn_id                        1 
_diffrn_radiation.wavelength_id                    1 
_diffrn_radiation.pdbx_monochromatic_or_laue_m_l   M 
_diffrn_radiation.monochromator                    'double crystal' 
_diffrn_radiation.pdbx_diffrn_protocol             MAD 
_diffrn_radiation.pdbx_scattering_type             x-ray 
# 
loop_
_diffrn_radiation_wavelength.id 
_diffrn_radiation_wavelength.wavelength 
_diffrn_radiation_wavelength.wt 
1 0.95372 1.0 
2 0.97957 1.0 
3 0.9798  1.0 
4 1.07812 1.0 
# 
_diffrn_source.diffrn_id                   1 
_diffrn_source.source                      SYNCHROTRON 
_diffrn_source.type                        'ALS BEAMLINE 5.0.2' 
_diffrn_source.pdbx_synchrotron_site       ALS 
_diffrn_source.pdbx_synchrotron_beamline   5.0.2 
_diffrn_source.pdbx_wavelength             ? 
_diffrn_source.pdbx_wavelength_list        '0.95372, 0.97957, 0.9798, 1.07812' 
# 
_reflns.entry_id                     1G2Y 
_reflns.observed_criterion_sigma_I   2.0 
_reflns.observed_criterion_sigma_F   2.0 
_reflns.d_resolution_low             30.9 
_reflns.d_resolution_high            1.0 
_reflns.number_obs                   55221 
_reflns.number_all                   55221 
_reflns.percent_possible_obs         86.4 
_reflns.pdbx_Rmerge_I_obs            0.0490000 
_reflns.pdbx_Rsym_value              ? 
_reflns.pdbx_netI_over_sigmaI        16.8 
_reflns.B_iso_Wilson_estimate        7.4 
_reflns.pdbx_redundancy              2.8 
_reflns.R_free_details               ? 
_reflns.limit_h_max                  ? 
_reflns.limit_h_min                  ? 
_reflns.limit_k_max                  ? 
_reflns.limit_k_min                  ? 
_reflns.limit_l_max                  ? 
_reflns.limit_l_min                  ? 
_reflns.observed_criterion_F_max     ? 
_reflns.observed_criterion_F_min     ? 
_reflns.pdbx_diffrn_id               1 
_reflns.pdbx_ordinal                 1 
# 
_reflns_shell.d_res_high             1.0 
_reflns_shell.d_res_low              1.05 
_reflns_shell.percent_possible_all   73.1 
_reflns_shell.Rmerge_I_obs           0.1010000 
_reflns_shell.pdbx_Rsym_value        ? 
_reflns_shell.meanI_over_sigI_obs    9.2 
_reflns_shell.pdbx_redundancy        2.8 
_reflns_shell.percent_possible_obs   ? 
_reflns_shell.number_unique_all      55221 
_reflns_shell.pdbx_diffrn_id         ? 
_reflns_shell.pdbx_ordinal           1 
# 
_refine.entry_id                                 1G2Y 
_refine.ls_number_reflns_obs                     55129 
_refine.ls_number_reflns_all                     55129 
_refine.pdbx_ls_sigma_I                          0.0 
_refine.pdbx_ls_sigma_F                          0.0 
_refine.pdbx_data_cutoff_high_absF               499172.87 
_refine.pdbx_data_cutoff_low_absF                0.00 
_refine.ls_d_res_low                             30.88 
_refine.ls_d_res_high                            1.00 
_refine.ls_percent_reflns_obs                    85.5 
_refine.ls_R_factor_obs                          0.1950000 
_refine.ls_R_factor_all                          0.1950000 
_refine.ls_R_factor_R_work                       0.1950000 
_refine.ls_R_factor_R_free                       0.1980000 
_refine.ls_R_factor_R_free_error                 0.005 
_refine.ls_R_factor_R_free_error_details         ? 
_refine.ls_percent_reflns_R_free                 3.0 
_refine.ls_number_reflns_R_free                  1657 
_refine.ls_number_parameters                     ? 
_refine.ls_number_restraints                     ? 
_refine.occupancy_min                            ? 
_refine.occupancy_max                            ? 
_refine.B_iso_mean                               16.0 
_refine.aniso_B[1][1]                            -0.38 
_refine.aniso_B[2][2]                            0.57 
_refine.aniso_B[3][3]                            -0.19 
_refine.aniso_B[1][2]                            0.00 
_refine.aniso_B[1][3]                            -0.43 
_refine.aniso_B[2][3]                            0.00 
_refine.solvent_model_details                    'FLAT MODEL' 
_refine.solvent_model_param_ksol                 0.372 
_refine.solvent_model_param_bsol                 98.59 
_refine.pdbx_ls_cross_valid_method               THROUGHOUT 
_refine.details                                  ? 
_refine.pdbx_starting_model                      'wARP model' 
_refine.pdbx_method_to_determine_struct          MAD 
_refine.pdbx_isotropic_thermal_model             RESTRAINED 
_refine.pdbx_stereochemistry_target_values       'Engh & Huber' 
_refine.pdbx_stereochem_target_val_spec_case     ? 
_refine.pdbx_R_Free_selection_details            RANDOM 
_refine.pdbx_overall_ESU_R_Free                  ? 
_refine.overall_SU_B                             ? 
_refine.ls_redundancy_reflns_obs                 ? 
_refine.B_iso_min                                ? 
_refine.B_iso_max                                ? 
_refine.overall_SU_ML                            ? 
_refine.pdbx_overall_ESU_R                       ? 
_refine.pdbx_data_cutoff_high_rms_absF           ? 
_refine.correlation_coeff_Fo_to_Fc               ? 
_refine.correlation_coeff_Fo_to_Fc_free          ? 
_refine.overall_SU_R_Cruickshank_DPI             ? 
_refine.overall_SU_R_free                        ? 
_refine.pdbx_refine_id                           'X-RAY DIFFRACTION' 
_refine.pdbx_diffrn_id                           1 
_refine.pdbx_TLS_residual_ADP_flag               ? 
_refine.pdbx_solvent_vdw_probe_radii             ? 
_refine.pdbx_solvent_ion_probe_radii             ? 
_refine.pdbx_solvent_shrinkage_radii             ? 
_refine.pdbx_overall_phase_error                 ? 
_refine.pdbx_overall_SU_R_free_Cruickshank_DPI   ? 
_refine.pdbx_overall_SU_R_Blow_DPI               ? 
_refine.pdbx_overall_SU_R_free_Blow_DPI          ? 
# 
_refine_analyze.entry_id                        1G2Y 
_refine_analyze.Luzzati_coordinate_error_obs    0.14 
_refine_analyze.Luzzati_sigma_a_obs             0.15 
_refine_analyze.Luzzati_d_res_low_obs           5.00 
_refine_analyze.Luzzati_coordinate_error_free   0.14 
_refine_analyze.Luzzati_sigma_a_free            0.14 
_refine_analyze.Luzzati_d_res_low_free          ? 
_refine_analyze.number_disordered_residues      ? 
_refine_analyze.occupancy_sum_hydrogen          ? 
_refine_analyze.occupancy_sum_non_hydrogen      ? 
_refine_analyze.pdbx_Luzzati_d_res_high_obs     ? 
_refine_analyze.pdbx_refine_id                  'X-RAY DIFFRACTION' 
# 
_refine_hist.pdbx_refine_id                   'X-RAY DIFFRACTION' 
_refine_hist.cycle_id                         LAST 
_refine_hist.pdbx_number_atoms_protein        863 
_refine_hist.pdbx_number_atoms_nucleic_acid   0 
_refine_hist.pdbx_number_atoms_ligand         0 
_refine_hist.number_atoms_solvent             176 
_refine_hist.number_atoms_total               1039 
_refine_hist.d_res_high                       1.00 
_refine_hist.d_res_low                        30.88 
# 
loop_
_refine_ls_restr.type 
_refine_ls_restr.dev_ideal 
_refine_ls_restr.dev_ideal_target 
_refine_ls_restr.weight 
_refine_ls_restr.number 
_refine_ls_restr.pdbx_refine_id 
_refine_ls_restr.pdbx_restraint_function 
c_bond_d           0.020 ?    ? ? 'X-RAY DIFFRACTION' ? 
c_angle_deg        1.9   ?    ? ? 'X-RAY DIFFRACTION' ? 
c_dihedral_angle_d 18.0  ?    ? ? 'X-RAY DIFFRACTION' ? 
c_improper_angle_d 2.91  ?    ? ? 'X-RAY DIFFRACTION' ? 
c_mcbond_it        6.39  1.50 ? ? 'X-RAY DIFFRACTION' ? 
c_mcangle_it       6.21  2.00 ? ? 'X-RAY DIFFRACTION' ? 
c_scbond_it        11.63 2.00 ? ? 'X-RAY DIFFRACTION' ? 
c_scangle_it       13.49 2.50 ? ? 'X-RAY DIFFRACTION' ? 
# 
_refine_ls_shell.pdbx_total_number_of_bins_used   6 
_refine_ls_shell.d_res_high                       1.00 
_refine_ls_shell.d_res_low                        1.06 
_refine_ls_shell.number_reflns_R_work             7390 
_refine_ls_shell.R_factor_R_work                  0.3980000 
_refine_ls_shell.percent_reflns_obs               71 
_refine_ls_shell.R_factor_R_free                  0.3750000 
_refine_ls_shell.R_factor_R_free_error            0.025 
_refine_ls_shell.percent_reflns_R_free            2.9 
_refine_ls_shell.number_reflns_R_free             222 
_refine_ls_shell.number_reflns_obs                ? 
_refine_ls_shell.redundancy_reflns_obs            ? 
_refine_ls_shell.number_reflns_all                ? 
_refine_ls_shell.pdbx_refine_id                   'X-RAY DIFFRACTION' 
_refine_ls_shell.R_factor_all                     ? 
# 
loop_
_pdbx_xplor_file.serial_no 
_pdbx_xplor_file.param_file 
_pdbx_xplor_file.topol_file 
_pdbx_xplor_file.pdbx_refine_id 
1 PROTEIN_REP.PARAM PROTEIN.TOP 'X-RAY DIFFRACTION' 
2 WATER.PARAM       WATER.TOP   'X-RAY DIFFRACTION' 
# 
_struct.entry_id                  1G2Y 
_struct.title                     'HNF-1ALPHA DIMERIZATION DOMAIN, WITH SELENOMETHIONINE SUBSTITUED AT LEU 12' 
_struct.pdbx_model_details        ? 
_struct.pdbx_CASP_flag            ? 
_struct.pdbx_model_type_details   ? 
# 
_struct_keywords.entry_id        1G2Y 
_struct_keywords.pdbx_keywords   TRANSCRIPTION 
_struct_keywords.text            'dimerization domain, four-helix bundle, transcription factor, selenomethionine, TRANSCRIPTION' 
# 
loop_
_struct_asym.id 
_struct_asym.pdbx_blank_PDB_chainid_flag 
_struct_asym.pdbx_modified 
_struct_asym.entity_id 
_struct_asym.details 
A N N 1 ? 
B N N 1 ? 
C N N 1 ? 
D N N 1 ? 
E N N 2 ? 
F N N 2 ? 
G N N 2 ? 
H N N 2 ? 
# 
_struct_ref.id                         1 
_struct_ref.db_name                    UNP 
_struct_ref.db_code                    HNF1A_MOUSE 
_struct_ref.entity_id                  1 
_struct_ref.pdbx_seq_one_letter_code   MVSKLSQLQTELLAALLESGLSKEALIQALGE 
_struct_ref.pdbx_align_begin           1 
_struct_ref.pdbx_db_accession          P22361 
_struct_ref.pdbx_db_isoform            ? 
# 
loop_
_struct_ref_seq.align_id 
_struct_ref_seq.ref_id 
_struct_ref_seq.pdbx_PDB_id_code 
_struct_ref_seq.pdbx_strand_id 
_struct_ref_seq.seq_align_beg 
_struct_ref_seq.pdbx_seq_align_beg_ins_code 
_struct_ref_seq.seq_align_end 
_struct_ref_seq.pdbx_seq_align_end_ins_code 
_struct_ref_seq.pdbx_db_accession 
_struct_ref_seq.db_align_beg 
_struct_ref_seq.pdbx_db_align_beg_ins_code 
_struct_ref_seq.db_align_end 
_struct_ref_seq.pdbx_db_align_end_ins_code 
_struct_ref_seq.pdbx_auth_seq_align_beg 
_struct_ref_seq.pdbx_auth_seq_align_end 
1 1 1G2Y A 1 ? 32 ? P22361 1 ? 32 ? 1 32 
2 1 1G2Y B 1 ? 32 ? P22361 1 ? 32 ? 1 32 
3 1 1G2Y C 1 ? 32 ? P22361 1 ? 32 ? 1 32 
4 1 1G2Y D 1 ? 32 ? P22361 1 ? 32 ? 1 32 
# 
loop_
_struct_ref_seq_dif.align_id 
_struct_ref_seq_dif.pdbx_pdb_id_code 
_struct_ref_seq_dif.mon_id 
_struct_ref_seq_dif.pdbx_pdb_strand_id 
_struct_ref_seq_dif.seq_num 
_struct_ref_seq_dif.pdbx_pdb_ins_code 
_struct_ref_seq_dif.pdbx_seq_db_name 
_struct_ref_seq_dif.pdbx_seq_db_accession_code 
_struct_ref_seq_dif.db_mon_id 
_struct_ref_seq_dif.pdbx_seq_db_seq_num 
_struct_ref_seq_dif.details 
_struct_ref_seq_dif.pdbx_auth_seq_num 
_struct_ref_seq_dif.pdbx_ordinal 
1 1G2Y MSE A 12 ? UNP P22361 LEU 12 'engineered mutation' 12 1 
2 1G2Y MSE B 12 ? UNP P22361 LEU 12 'engineered mutation' 12 2 
3 1G2Y MSE C 12 ? UNP P22361 LEU 12 'engineered mutation' 12 3 
4 1G2Y MSE D 12 ? UNP P22361 LEU 12 'engineered mutation' 12 4 
# 
loop_
_pdbx_struct_assembly.id 
_pdbx_struct_assembly.details 
_pdbx_struct_assembly.method_details 
_pdbx_struct_assembly.oligomeric_details 
_pdbx_struct_assembly.oligomeric_count 
1 author_and_software_defined_assembly PISA dimeric    2 
2 author_and_software_defined_assembly PISA dimeric    2 
3 software_defined_assembly            PISA tetrameric 4 
4 software_defined_assembly            PISA tetrameric 4 
# 
loop_
_pdbx_struct_assembly_prop.biol_id 
_pdbx_struct_assembly_prop.type 
_pdbx_struct_assembly_prop.value 
_pdbx_struct_assembly_prop.details 
1 'ABSA (A^2)' 1290 ? 
1 MORE         -14  ? 
1 'SSA (A^2)'  4540 ? 
2 'ABSA (A^2)' 1350 ? 
2 MORE         -14  ? 
2 'SSA (A^2)'  4360 ? 
3 'ABSA (A^2)' 4760 ? 
3 MORE         -53  ? 
3 'SSA (A^2)'  6790 ? 
4 'ABSA (A^2)' 3480 ? 
4 MORE         -39  ? 
4 'SSA (A^2)'  8060 ? 
# 
loop_
_pdbx_struct_assembly_gen.assembly_id 
_pdbx_struct_assembly_gen.oper_expression 
_pdbx_struct_assembly_gen.asym_id_list 
1 1 A,C,E,G         
2 1 B,D,F,H         
3 1 A,B,C,D,E,F,G,H 
4 1 A,C,E,G         
4 2 B,D,F,H         
# 
loop_
_pdbx_struct_oper_list.id 
_pdbx_struct_oper_list.type 
_pdbx_struct_oper_list.name 
_pdbx_struct_oper_list.symmetry_operation 
_pdbx_struct_oper_list.matrix[1][1] 
_pdbx_struct_oper_list.matrix[1][2] 
_pdbx_struct_oper_list.matrix[1][3] 
_pdbx_struct_oper_list.vector[1] 
_pdbx_struct_oper_list.matrix[2][1] 
_pdbx_struct_oper_list.matrix[2][2] 
_pdbx_struct_oper_list.matrix[2][3] 
_pdbx_struct_oper_list.vector[2] 
_pdbx_struct_oper_list.matrix[3][1] 
_pdbx_struct_oper_list.matrix[3][2] 
_pdbx_struct_oper_list.matrix[3][3] 
_pdbx_struct_oper_list.vector[3] 
1 'identity operation'         1_555 x,y,z   1.0000000000 0.0000000000 0.0000000000 0.0000000000   0.0000000000 1.0000000000 0.0000000000 0.0000000000  0.0000000000 0.0000000000 1.0000000000 0.0000000000   
2 'crystal symmetry operation' 1_556 x,y,z+1 1.0000000000 0.0000000000 0.0000000000 -19.7950857592 0.0000000000 1.0000000000 0.0000000000 13.2274424979 0.0000000000 0.0000000000 1.0000000000 -32.7262928660 
# 
loop_
_struct_biol.id 
_struct_biol.details 
_struct_biol.pdbx_parent_biol_id 
1 'There are two HNF-1alpha dimers in the asymmetric unit: monomers A and C, and monomers B and D.' ? 
2 ?                                                                                                 ? 
# 
loop_
_struct_conf.conf_type_id 
_struct_conf.id 
_struct_conf.pdbx_PDB_helix_id 
_struct_conf.beg_label_comp_id 
_struct_conf.beg_label_asym_id 
_struct_conf.beg_label_seq_id 
_struct_conf.pdbx_beg_PDB_ins_code 
_struct_conf.end_label_comp_id 
_struct_conf.end_label_asym_id 
_struct_conf.end_label_seq_id 
_struct_conf.pdbx_end_PDB_ins_code 
_struct_conf.beg_auth_comp_id 
_struct_conf.beg_auth_asym_id 
_struct_conf.beg_auth_seq_id 
_struct_conf.end_auth_comp_id 
_struct_conf.end_auth_asym_id 
_struct_conf.end_auth_seq_id 
_struct_conf.pdbx_PDB_helix_class 
_struct_conf.details 
_struct_conf.pdbx_PDB_helix_length 
HELX_P HELX_P1 1 SER A 3  ? SER A 19 ? SER A 3  SER A 19 1 ? 17 
HELX_P HELX_P2 2 SER A 22 ? GLY A 31 ? SER A 22 GLY A 31 1 ? 10 
HELX_P HELX_P3 3 SER B 3  ? SER B 19 ? SER B 3  SER B 19 1 ? 17 
HELX_P HELX_P4 4 SER B 22 ? LEU B 30 ? SER B 22 LEU B 30 1 ? 9  
HELX_P HELX_P5 5 SER C 3  ? GLY C 20 ? SER C 3  GLY C 20 1 ? 18 
HELX_P HELX_P6 6 SER C 22 ? LEU C 30 ? SER C 22 LEU C 30 1 ? 9  
HELX_P HELX_P7 7 SER D 3  ? SER D 19 ? SER D 3  SER D 19 1 ? 17 
HELX_P HELX_P8 8 SER D 22 ? LEU D 30 ? SER D 22 LEU D 30 1 ? 9  
# 
_struct_conf_type.id          HELX_P 
_struct_conf_type.criteria    ? 
_struct_conf_type.reference   ? 
# 
loop_
_struct_conn.id 
_struct_conn.conn_type_id 
_struct_conn.pdbx_leaving_atom_flag 
_struct_conn.pdbx_PDB_id 
_struct_conn.ptnr1_label_asym_id 
_struct_conn.ptnr1_label_comp_id 
_struct_conn.ptnr1_label_seq_id 
_struct_conn.ptnr1_label_atom_id 
_struct_conn.pdbx_ptnr1_label_alt_id 
_struct_conn.pdbx_ptnr1_PDB_ins_code 
_struct_conn.pdbx_ptnr1_standard_comp_id 
_struct_conn.ptnr1_symmetry 
_struct_conn.ptnr2_label_asym_id 
_struct_conn.ptnr2_label_comp_id 
_struct_conn.ptnr2_label_seq_id 
_struct_conn.ptnr2_label_atom_id 
_struct_conn.pdbx_ptnr2_label_alt_id 
_struct_conn.pdbx_ptnr2_PDB_ins_code 
_struct_conn.ptnr1_auth_asym_id 
_struct_conn.ptnr1_auth_comp_id 
_struct_conn.ptnr1_auth_seq_id 
_struct_conn.ptnr2_auth_asym_id 
_struct_conn.ptnr2_auth_comp_id 
_struct_conn.ptnr2_auth_seq_id 
_struct_conn.ptnr2_symmetry 
_struct_conn.pdbx_ptnr3_label_atom_id 
_struct_conn.pdbx_ptnr3_label_seq_id 
_struct_conn.pdbx_ptnr3_label_comp_id 
_struct_conn.pdbx_ptnr3_label_asym_id 
_struct_conn.pdbx_ptnr3_label_alt_id 
_struct_conn.pdbx_ptnr3_PDB_ins_code 
_struct_conn.details 
_struct_conn.pdbx_dist_value 
_struct_conn.pdbx_value_order 
_struct_conn.pdbx_role 
covale1 covale both ? A GLU 11 C ? ? ? 1_555 A MSE 12 N ? ? A GLU 11 A MSE 12 1_555 ? ? ? ? ? ? ? 1.327 ? ? 
covale2 covale both ? A MSE 12 C ? ? ? 1_555 A LEU 13 N ? ? A MSE 12 A LEU 13 1_555 ? ? ? ? ? ? ? 1.335 ? ? 
covale3 covale both ? B GLU 11 C ? ? ? 1_555 B MSE 12 N ? ? B GLU 11 B MSE 12 1_555 ? ? ? ? ? ? ? 1.329 ? ? 
covale4 covale both ? B MSE 12 C ? ? ? 1_555 B LEU 13 N ? ? B MSE 12 B LEU 13 1_555 ? ? ? ? ? ? ? 1.326 ? ? 
covale5 covale both ? C GLU 11 C ? ? ? 1_555 C MSE 12 N ? ? C GLU 11 C MSE 12 1_555 ? ? ? ? ? ? ? 1.362 ? ? 
covale6 covale both ? C MSE 12 C ? ? ? 1_555 C LEU 13 N ? ? C MSE 12 C LEU 13 1_555 ? ? ? ? ? ? ? 1.336 ? ? 
covale7 covale both ? D GLU 11 C ? ? ? 1_555 D MSE 12 N ? ? D GLU 11 D MSE 12 1_555 ? ? ? ? ? ? ? 1.354 ? ? 
covale8 covale both ? D MSE 12 C ? ? ? 1_555 D LEU 13 N ? ? D MSE 12 D LEU 13 1_555 ? ? ? ? ? ? ? 1.339 ? ? 
# 
_struct_conn_type.id          covale 
_struct_conn_type.criteria    ? 
_struct_conn_type.reference   ? 
# 
loop_
_pdbx_modification_feature.ordinal 
_pdbx_modification_feature.label_comp_id 
_pdbx_modification_feature.label_asym_id 
_pdbx_modification_feature.label_seq_id 
_pdbx_modification_feature.label_alt_id 
_pdbx_modification_feature.modified_residue_label_comp_id 
_pdbx_modification_feature.modified_residue_label_asym_id 
_pdbx_modification_feature.modified_residue_label_seq_id 
_pdbx_modification_feature.modified_residue_label_alt_id 
_pdbx_modification_feature.auth_comp_id 
_pdbx_modification_feature.auth_asym_id 
_pdbx_modification_feature.auth_seq_id 
_pdbx_modification_feature.PDB_ins_code 
_pdbx_modification_feature.symmetry 
_pdbx_modification_feature.modified_residue_auth_comp_id 
_pdbx_modification_feature.modified_residue_auth_asym_id 
_pdbx_modification_feature.modified_residue_auth_seq_id 
_pdbx_modification_feature.modified_residue_PDB_ins_code 
_pdbx_modification_feature.modified_residue_symmetry 
_pdbx_modification_feature.comp_id_linking_atom 
_pdbx_modification_feature.modified_residue_id_linking_atom 
_pdbx_modification_feature.modified_residue_id 
_pdbx_modification_feature.ref_pcm_id 
_pdbx_modification_feature.ref_comp_id 
_pdbx_modification_feature.type 
_pdbx_modification_feature.category 
1 MSE A 12 ? . . . . MSE A 12 ? 1_555 . . . . . . . MET 1 MSE Selenomethionine 'Named protein modification' 
2 MSE B 12 ? . . . . MSE B 12 ? 1_555 . . . . . . . MET 1 MSE Selenomethionine 'Named protein modification' 
3 MSE C 12 ? . . . . MSE C 12 ? 1_555 . . . . . . . MET 1 MSE Selenomethionine 'Named protein modification' 
4 MSE D 12 ? . . . . MSE D 12 ? 1_555 . . . . . . . MET 1 MSE Selenomethionine 'Named protein modification' 
# 
_pdbx_entry_details.entry_id                   1G2Y 
_pdbx_entry_details.compound_details           ? 
_pdbx_entry_details.source_details             ? 
_pdbx_entry_details.nonpolymer_details         ? 
_pdbx_entry_details.sequence_details           ? 
_pdbx_entry_details.has_ligand_of_interest     ? 
_pdbx_entry_details.has_protein_modification   Y 
# 
_pdbx_validate_close_contact.id               1 
_pdbx_validate_close_contact.PDB_model_num    1 
_pdbx_validate_close_contact.auth_atom_id_1   O 
_pdbx_validate_close_contact.auth_asym_id_1   B 
_pdbx_validate_close_contact.auth_comp_id_1   HOH 
_pdbx_validate_close_contact.auth_seq_id_1    50 
_pdbx_validate_close_contact.PDB_ins_code_1   ? 
_pdbx_validate_close_contact.label_alt_id_1   ? 
_pdbx_validate_close_contact.auth_atom_id_2   O 
_pdbx_validate_close_contact.auth_asym_id_2   B 
_pdbx_validate_close_contact.auth_comp_id_2   HOH 
_pdbx_validate_close_contact.auth_seq_id_2    54 
_pdbx_validate_close_contact.PDB_ins_code_2   ? 
_pdbx_validate_close_contact.label_alt_id_2   ? 
_pdbx_validate_close_contact.dist             2.10 
# 
loop_
_pdbx_validate_symm_contact.id 
_pdbx_validate_symm_contact.PDB_model_num 
_pdbx_validate_symm_contact.auth_atom_id_1 
_pdbx_validate_symm_contact.auth_asym_id_1 
_pdbx_validate_symm_contact.auth_comp_id_1 
_pdbx_validate_symm_contact.auth_seq_id_1 
_pdbx_validate_symm_contact.PDB_ins_code_1 
_pdbx_validate_symm_contact.label_alt_id_1 
_pdbx_validate_symm_contact.site_symmetry_1 
_pdbx_validate_symm_contact.auth_atom_id_2 
_pdbx_validate_symm_contact.auth_asym_id_2 
_pdbx_validate_symm_contact.auth_comp_id_2 
_pdbx_validate_symm_contact.auth_seq_id_2 
_pdbx_validate_symm_contact.PDB_ins_code_2 
_pdbx_validate_symm_contact.label_alt_id_2 
_pdbx_validate_symm_contact.site_symmetry_2 
_pdbx_validate_symm_contact.dist 
1 1 O A HOH 36 ? ? 1_555 O B HOH 54 ? ? 2_645 2.02 
2 1 N C VAL 2  ? ? 1_555 O D HOH 36 ? ? 2_555 2.18 
# 
loop_
_pdbx_validate_rmsd_bond.id 
_pdbx_validate_rmsd_bond.PDB_model_num 
_pdbx_validate_rmsd_bond.auth_atom_id_1 
_pdbx_validate_rmsd_bond.auth_asym_id_1 
_pdbx_validate_rmsd_bond.auth_comp_id_1 
_pdbx_validate_rmsd_bond.auth_seq_id_1 
_pdbx_validate_rmsd_bond.PDB_ins_code_1 
_pdbx_validate_rmsd_bond.label_alt_id_1 
_pdbx_validate_rmsd_bond.auth_atom_id_2 
_pdbx_validate_rmsd_bond.auth_asym_id_2 
_pdbx_validate_rmsd_bond.auth_comp_id_2 
_pdbx_validate_rmsd_bond.auth_seq_id_2 
_pdbx_validate_rmsd_bond.PDB_ins_code_2 
_pdbx_validate_rmsd_bond.label_alt_id_2 
_pdbx_validate_rmsd_bond.bond_value 
_pdbx_validate_rmsd_bond.bond_target_value 
_pdbx_validate_rmsd_bond.bond_deviation 
_pdbx_validate_rmsd_bond.bond_standard_deviation 
_pdbx_validate_rmsd_bond.linker_flag 
1 1 CD A GLU 18 ? ? OE2 A GLU 18 ? ? 1.328 1.252 0.076 0.011 N 
2 1 CD A GLU 24 ? ? OE2 A GLU 24 ? ? 1.322 1.252 0.070 0.011 N 
3 1 CD B GLU 18 ? ? OE2 B GLU 18 ? ? 1.324 1.252 0.072 0.011 N 
4 1 CD C GLU 18 ? ? OE2 C GLU 18 ? ? 1.335 1.252 0.083 0.011 N 
# 
_pdbx_validate_torsion.id              1 
_pdbx_validate_torsion.PDB_model_num   1 
_pdbx_validate_torsion.auth_comp_id    VAL 
_pdbx_validate_torsion.auth_asym_id    D 
_pdbx_validate_torsion.auth_seq_id     2 
_pdbx_validate_torsion.PDB_ins_code    ? 
_pdbx_validate_torsion.label_alt_id    ? 
_pdbx_validate_torsion.phi             59.12 
_pdbx_validate_torsion.psi             109.91 
# 
_pdbx_validate_chiral.id              1 
_pdbx_validate_chiral.PDB_model_num   1 
_pdbx_validate_chiral.auth_atom_id    CA 
_pdbx_validate_chiral.label_alt_id    ? 
_pdbx_validate_chiral.auth_asym_id    A 
_pdbx_validate_chiral.auth_comp_id    VAL 
_pdbx_validate_chiral.auth_seq_id     2 
_pdbx_validate_chiral.PDB_ins_code    ? 
_pdbx_validate_chiral.details         PLANAR 
_pdbx_validate_chiral.omega           . 
# 
loop_
_pdbx_struct_mod_residue.id 
_pdbx_struct_mod_residue.label_asym_id 
_pdbx_struct_mod_residue.label_comp_id 
_pdbx_struct_mod_residue.label_seq_id 
_pdbx_struct_mod_residue.auth_asym_id 
_pdbx_struct_mod_residue.auth_comp_id 
_pdbx_struct_mod_residue.auth_seq_id 
_pdbx_struct_mod_residue.PDB_ins_code 
_pdbx_struct_mod_residue.parent_comp_id 
_pdbx_struct_mod_residue.details 
1 A MSE 12 A MSE 12 ? MET SELENOMETHIONINE 
2 B MSE 12 B MSE 12 ? MET SELENOMETHIONINE 
3 C MSE 12 C MSE 12 ? MET SELENOMETHIONINE 
4 D MSE 12 D MSE 12 ? MET SELENOMETHIONINE 
# 
loop_
_pdbx_unobs_or_zero_occ_residues.id 
_pdbx_unobs_or_zero_occ_residues.PDB_model_num 
_pdbx_unobs_or_zero_occ_residues.polymer_flag 
_pdbx_unobs_or_zero_occ_residues.occupancy_flag 
_pdbx_unobs_or_zero_occ_residues.auth_asym_id 
_pdbx_unobs_or_zero_occ_residues.auth_comp_id 
_pdbx_unobs_or_zero_occ_residues.auth_seq_id 
_pdbx_unobs_or_zero_occ_residues.PDB_ins_code 
_pdbx_unobs_or_zero_occ_residues.label_asym_id 
_pdbx_unobs_or_zero_occ_residues.label_comp_id 
_pdbx_unobs_or_zero_occ_residues.label_seq_id 
1 1 Y 1 A GLU 32 ? A GLU 32 
2 1 Y 1 B GLY 31 ? B GLY 31 
3 1 Y 1 B GLU 32 ? B GLU 32 
4 1 Y 1 C MET 1  ? C MET 1  
5 1 Y 1 C GLY 31 ? C GLY 31 
6 1 Y 1 C GLU 32 ? C GLU 32 
7 1 Y 1 D GLY 31 ? D GLY 31 
8 1 Y 1 D GLU 32 ? D GLU 32 
# 
loop_
_chem_comp_atom.comp_id 
_chem_comp_atom.atom_id 
_chem_comp_atom.type_symbol 
_chem_comp_atom.pdbx_aromatic_flag 
_chem_comp_atom.pdbx_stereo_config 
_chem_comp_atom.pdbx_ordinal 
ALA N    N  N N 1   
ALA CA   C  N S 2   
ALA C    C  N N 3   
ALA O    O  N N 4   
ALA CB   C  N N 5   
ALA OXT  O  N N 6   
ALA H    H  N N 7   
ALA H2   H  N N 8   
ALA HA   H  N N 9   
ALA HB1  H  N N 10  
ALA HB2  H  N N 11  
ALA HB3  H  N N 12  
ALA HXT  H  N N 13  
GLN N    N  N N 14  
GLN CA   C  N S 15  
GLN C    C  N N 16  
GLN O    O  N N 17  
GLN CB   C  N N 18  
GLN CG   C  N N 19  
GLN CD   C  N N 20  
GLN OE1  O  N N 21  
GLN NE2  N  N N 22  
GLN OXT  O  N N 23  
GLN H    H  N N 24  
GLN H2   H  N N 25  
GLN HA   H  N N 26  
GLN HB2  H  N N 27  
GLN HB3  H  N N 28  
GLN HG2  H  N N 29  
GLN HG3  H  N N 30  
GLN HE21 H  N N 31  
GLN HE22 H  N N 32  
GLN HXT  H  N N 33  
GLU N    N  N N 34  
GLU CA   C  N S 35  
GLU C    C  N N 36  
GLU O    O  N N 37  
GLU CB   C  N N 38  
GLU CG   C  N N 39  
GLU CD   C  N N 40  
GLU OE1  O  N N 41  
GLU OE2  O  N N 42  
GLU OXT  O  N N 43  
GLU H    H  N N 44  
GLU H2   H  N N 45  
GLU HA   H  N N 46  
GLU HB2  H  N N 47  
GLU HB3  H  N N 48  
GLU HG2  H  N N 49  
GLU HG3  H  N N 50  
GLU HE2  H  N N 51  
GLU HXT  H  N N 52  
GLY N    N  N N 53  
GLY CA   C  N N 54  
GLY C    C  N N 55  
GLY O    O  N N 56  
GLY OXT  O  N N 57  
GLY H    H  N N 58  
GLY H2   H  N N 59  
GLY HA2  H  N N 60  
GLY HA3  H  N N 61  
GLY HXT  H  N N 62  
HOH O    O  N N 63  
HOH H1   H  N N 64  
HOH H2   H  N N 65  
ILE N    N  N N 66  
ILE CA   C  N S 67  
ILE C    C  N N 68  
ILE O    O  N N 69  
ILE CB   C  N S 70  
ILE CG1  C  N N 71  
ILE CG2  C  N N 72  
ILE CD1  C  N N 73  
ILE OXT  O  N N 74  
ILE H    H  N N 75  
ILE H2   H  N N 76  
ILE HA   H  N N 77  
ILE HB   H  N N 78  
ILE HG12 H  N N 79  
ILE HG13 H  N N 80  
ILE HG21 H  N N 81  
ILE HG22 H  N N 82  
ILE HG23 H  N N 83  
ILE HD11 H  N N 84  
ILE HD12 H  N N 85  
ILE HD13 H  N N 86  
ILE HXT  H  N N 87  
LEU N    N  N N 88  
LEU CA   C  N S 89  
LEU C    C  N N 90  
LEU O    O  N N 91  
LEU CB   C  N N 92  
LEU CG   C  N N 93  
LEU CD1  C  N N 94  
LEU CD2  C  N N 95  
LEU OXT  O  N N 96  
LEU H    H  N N 97  
LEU H2   H  N N 98  
LEU HA   H  N N 99  
LEU HB2  H  N N 100 
LEU HB3  H  N N 101 
LEU HG   H  N N 102 
LEU HD11 H  N N 103 
LEU HD12 H  N N 104 
LEU HD13 H  N N 105 
LEU HD21 H  N N 106 
LEU HD22 H  N N 107 
LEU HD23 H  N N 108 
LEU HXT  H  N N 109 
LYS N    N  N N 110 
LYS CA   C  N S 111 
LYS C    C  N N 112 
LYS O    O  N N 113 
LYS CB   C  N N 114 
LYS CG   C  N N 115 
LYS CD   C  N N 116 
LYS CE   C  N N 117 
LYS NZ   N  N N 118 
LYS OXT  O  N N 119 
LYS H    H  N N 120 
LYS H2   H  N N 121 
LYS HA   H  N N 122 
LYS HB2  H  N N 123 
LYS HB3  H  N N 124 
LYS HG2  H  N N 125 
LYS HG3  H  N N 126 
LYS HD2  H  N N 127 
LYS HD3  H  N N 128 
LYS HE2  H  N N 129 
LYS HE3  H  N N 130 
LYS HZ1  H  N N 131 
LYS HZ2  H  N N 132 
LYS HZ3  H  N N 133 
LYS HXT  H  N N 134 
MET N    N  N N 135 
MET CA   C  N S 136 
MET C    C  N N 137 
MET O    O  N N 138 
MET CB   C  N N 139 
MET CG   C  N N 140 
MET SD   S  N N 141 
MET CE   C  N N 142 
MET OXT  O  N N 143 
MET H    H  N N 144 
MET H2   H  N N 145 
MET HA   H  N N 146 
MET HB2  H  N N 147 
MET HB3  H  N N 148 
MET HG2  H  N N 149 
MET HG3  H  N N 150 
MET HE1  H  N N 151 
MET HE2  H  N N 152 
MET HE3  H  N N 153 
MET HXT  H  N N 154 
MSE N    N  N N 155 
MSE CA   C  N S 156 
MSE C    C  N N 157 
MSE O    O  N N 158 
MSE OXT  O  N N 159 
MSE CB   C  N N 160 
MSE CG   C  N N 161 
MSE SE   SE N N 162 
MSE CE   C  N N 163 
MSE H    H  N N 164 
MSE H2   H  N N 165 
MSE HA   H  N N 166 
MSE HXT  H  N N 167 
MSE HB2  H  N N 168 
MSE HB3  H  N N 169 
MSE HG2  H  N N 170 
MSE HG3  H  N N 171 
MSE HE1  H  N N 172 
MSE HE2  H  N N 173 
MSE HE3  H  N N 174 
SER N    N  N N 175 
SER CA   C  N S 176 
SER C    C  N N 177 
SER O    O  N N 178 
SER CB   C  N N 179 
SER OG   O  N N 180 
SER OXT  O  N N 181 
SER H    H  N N 182 
SER H2   H  N N 183 
SER HA   H  N N 184 
SER HB2  H  N N 185 
SER HB3  H  N N 186 
SER HG   H  N N 187 
SER HXT  H  N N 188 
THR N    N  N N 189 
THR CA   C  N S 190 
THR C    C  N N 191 
THR O    O  N N 192 
THR CB   C  N R 193 
THR OG1  O  N N 194 
THR CG2  C  N N 195 
THR OXT  O  N N 196 
THR H    H  N N 197 
THR H2   H  N N 198 
THR HA   H  N N 199 
THR HB   H  N N 200 
THR HG1  H  N N 201 
THR HG21 H  N N 202 
THR HG22 H  N N 203 
THR HG23 H  N N 204 
THR HXT  H  N N 205 
VAL N    N  N N 206 
VAL CA   C  N S 207 
VAL C    C  N N 208 
VAL O    O  N N 209 
VAL CB   C  N N 210 
VAL CG1  C  N N 211 
VAL CG2  C  N N 212 
VAL OXT  O  N N 213 
VAL H    H  N N 214 
VAL H2   H  N N 215 
VAL HA   H  N N 216 
VAL HB   H  N N 217 
VAL HG11 H  N N 218 
VAL HG12 H  N N 219 
VAL HG13 H  N N 220 
VAL HG21 H  N N 221 
VAL HG22 H  N N 222 
VAL HG23 H  N N 223 
VAL HXT  H  N N 224 
# 
loop_
_chem_comp_bond.comp_id 
_chem_comp_bond.atom_id_1 
_chem_comp_bond.atom_id_2 
_chem_comp_bond.value_order 
_chem_comp_bond.pdbx_aromatic_flag 
_chem_comp_bond.pdbx_stereo_config 
_chem_comp_bond.pdbx_ordinal 
ALA N   CA   sing N N 1   
ALA N   H    sing N N 2   
ALA N   H2   sing N N 3   
ALA CA  C    sing N N 4   
ALA CA  CB   sing N N 5   
ALA CA  HA   sing N N 6   
ALA C   O    doub N N 7   
ALA C   OXT  sing N N 8   
ALA CB  HB1  sing N N 9   
ALA CB  HB2  sing N N 10  
ALA CB  HB3  sing N N 11  
ALA OXT HXT  sing N N 12  
GLN N   CA   sing N N 13  
GLN N   H    sing N N 14  
GLN N   H2   sing N N 15  
GLN CA  C    sing N N 16  
GLN CA  CB   sing N N 17  
GLN CA  HA   sing N N 18  
GLN C   O    doub N N 19  
GLN C   OXT  sing N N 20  
GLN CB  CG   sing N N 21  
GLN CB  HB2  sing N N 22  
GLN CB  HB3  sing N N 23  
GLN CG  CD   sing N N 24  
GLN CG  HG2  sing N N 25  
GLN CG  HG3  sing N N 26  
GLN CD  OE1  doub N N 27  
GLN CD  NE2  sing N N 28  
GLN NE2 HE21 sing N N 29  
GLN NE2 HE22 sing N N 30  
GLN OXT HXT  sing N N 31  
GLU N   CA   sing N N 32  
GLU N   H    sing N N 33  
GLU N   H2   sing N N 34  
GLU CA  C    sing N N 35  
GLU CA  CB   sing N N 36  
GLU CA  HA   sing N N 37  
GLU C   O    doub N N 38  
GLU C   OXT  sing N N 39  
GLU CB  CG   sing N N 40  
GLU CB  HB2  sing N N 41  
GLU CB  HB3  sing N N 42  
GLU CG  CD   sing N N 43  
GLU CG  HG2  sing N N 44  
GLU CG  HG3  sing N N 45  
GLU CD  OE1  doub N N 46  
GLU CD  OE2  sing N N 47  
GLU OE2 HE2  sing N N 48  
GLU OXT HXT  sing N N 49  
GLY N   CA   sing N N 50  
GLY N   H    sing N N 51  
GLY N   H2   sing N N 52  
GLY CA  C    sing N N 53  
GLY CA  HA2  sing N N 54  
GLY CA  HA3  sing N N 55  
GLY C   O    doub N N 56  
GLY C   OXT  sing N N 57  
GLY OXT HXT  sing N N 58  
HOH O   H1   sing N N 59  
HOH O   H2   sing N N 60  
ILE N   CA   sing N N 61  
ILE N   H    sing N N 62  
ILE N   H2   sing N N 63  
ILE CA  C    sing N N 64  
ILE CA  CB   sing N N 65  
ILE CA  HA   sing N N 66  
ILE C   O    doub N N 67  
ILE C   OXT  sing N N 68  
ILE CB  CG1  sing N N 69  
ILE CB  CG2  sing N N 70  
ILE CB  HB   sing N N 71  
ILE CG1 CD1  sing N N 72  
ILE CG1 HG12 sing N N 73  
ILE CG1 HG13 sing N N 74  
ILE CG2 HG21 sing N N 75  
ILE CG2 HG22 sing N N 76  
ILE CG2 HG23 sing N N 77  
ILE CD1 HD11 sing N N 78  
ILE CD1 HD12 sing N N 79  
ILE CD1 HD13 sing N N 80  
ILE OXT HXT  sing N N 81  
LEU N   CA   sing N N 82  
LEU N   H    sing N N 83  
LEU N   H2   sing N N 84  
LEU CA  C    sing N N 85  
LEU CA  CB   sing N N 86  
LEU CA  HA   sing N N 87  
LEU C   O    doub N N 88  
LEU C   OXT  sing N N 89  
LEU CB  CG   sing N N 90  
LEU CB  HB2  sing N N 91  
LEU CB  HB3  sing N N 92  
LEU CG  CD1  sing N N 93  
LEU CG  CD2  sing N N 94  
LEU CG  HG   sing N N 95  
LEU CD1 HD11 sing N N 96  
LEU CD1 HD12 sing N N 97  
LEU CD1 HD13 sing N N 98  
LEU CD2 HD21 sing N N 99  
LEU CD2 HD22 sing N N 100 
LEU CD2 HD23 sing N N 101 
LEU OXT HXT  sing N N 102 
LYS N   CA   sing N N 103 
LYS N   H    sing N N 104 
LYS N   H2   sing N N 105 
LYS CA  C    sing N N 106 
LYS CA  CB   sing N N 107 
LYS CA  HA   sing N N 108 
LYS C   O    doub N N 109 
LYS C   OXT  sing N N 110 
LYS CB  CG   sing N N 111 
LYS CB  HB2  sing N N 112 
LYS CB  HB3  sing N N 113 
LYS CG  CD   sing N N 114 
LYS CG  HG2  sing N N 115 
LYS CG  HG3  sing N N 116 
LYS CD  CE   sing N N 117 
LYS CD  HD2  sing N N 118 
LYS CD  HD3  sing N N 119 
LYS CE  NZ   sing N N 120 
LYS CE  HE2  sing N N 121 
LYS CE  HE3  sing N N 122 
LYS NZ  HZ1  sing N N 123 
LYS NZ  HZ2  sing N N 124 
LYS NZ  HZ3  sing N N 125 
LYS OXT HXT  sing N N 126 
MET N   CA   sing N N 127 
MET N   H    sing N N 128 
MET N   H2   sing N N 129 
MET CA  C    sing N N 130 
MET CA  CB   sing N N 131 
MET CA  HA   sing N N 132 
MET C   O    doub N N 133 
MET C   OXT  sing N N 134 
MET CB  CG   sing N N 135 
MET CB  HB2  sing N N 136 
MET CB  HB3  sing N N 137 
MET CG  SD   sing N N 138 
MET CG  HG2  sing N N 139 
MET CG  HG3  sing N N 140 
MET SD  CE   sing N N 141 
MET CE  HE1  sing N N 142 
MET CE  HE2  sing N N 143 
MET CE  HE3  sing N N 144 
MET OXT HXT  sing N N 145 
MSE N   CA   sing N N 146 
MSE N   H    sing N N 147 
MSE N   H2   sing N N 148 
MSE CA  C    sing N N 149 
MSE CA  CB   sing N N 150 
MSE CA  HA   sing N N 151 
MSE C   O    doub N N 152 
MSE C   OXT  sing N N 153 
MSE OXT HXT  sing N N 154 
MSE CB  CG   sing N N 155 
MSE CB  HB2  sing N N 156 
MSE CB  HB3  sing N N 157 
MSE CG  SE   sing N N 158 
MSE CG  HG2  sing N N 159 
MSE CG  HG3  sing N N 160 
MSE SE  CE   sing N N 161 
MSE CE  HE1  sing N N 162 
MSE CE  HE2  sing N N 163 
MSE CE  HE3  sing N N 164 
SER N   CA   sing N N 165 
SER N   H    sing N N 166 
SER N   H2   sing N N 167 
SER CA  C    sing N N 168 
SER CA  CB   sing N N 169 
SER CA  HA   sing N N 170 
SER C   O    doub N N 171 
SER C   OXT  sing N N 172 
SER CB  OG   sing N N 173 
SER CB  HB2  sing N N 174 
SER CB  HB3  sing N N 175 
SER OG  HG   sing N N 176 
SER OXT HXT  sing N N 177 
THR N   CA   sing N N 178 
THR N   H    sing N N 179 
THR N   H2   sing N N 180 
THR CA  C    sing N N 181 
THR CA  CB   sing N N 182 
THR CA  HA   sing N N 183 
THR C   O    doub N N 184 
THR C   OXT  sing N N 185 
THR CB  OG1  sing N N 186 
THR CB  CG2  sing N N 187 
THR CB  HB   sing N N 188 
THR OG1 HG1  sing N N 189 
THR CG2 HG21 sing N N 190 
THR CG2 HG22 sing N N 191 
THR CG2 HG23 sing N N 192 
THR OXT HXT  sing N N 193 
VAL N   CA   sing N N 194 
VAL N   H    sing N N 195 
VAL N   H2   sing N N 196 
VAL CA  C    sing N N 197 
VAL CA  CB   sing N N 198 
VAL CA  HA   sing N N 199 
VAL C   O    doub N N 200 
VAL C   OXT  sing N N 201 
VAL CB  CG1  sing N N 202 
VAL CB  CG2  sing N N 203 
VAL CB  HB   sing N N 204 
VAL CG1 HG11 sing N N 205 
VAL CG1 HG12 sing N N 206 
VAL CG1 HG13 sing N N 207 
VAL CG2 HG21 sing N N 208 
VAL CG2 HG22 sing N N 209 
VAL CG2 HG23 sing N N 210 
VAL OXT HXT  sing N N 211 
# 
_pdbx_initial_refinement_model.accession_code   ? 
_pdbx_initial_refinement_model.id               1 
_pdbx_initial_refinement_model.entity_id_list   ? 
_pdbx_initial_refinement_model.type             'experimental model' 
_pdbx_initial_refinement_model.source_name      Other 
_pdbx_initial_refinement_model.details          'wARP model' 
# 
_atom_sites.entry_id                    1G2Y 
_atom_sites.fract_transf_matrix[1][1]   -0.02708683 
_atom_sites.fract_transf_matrix[1][2]   0.00162759 
_atom_sites.fract_transf_matrix[1][3]   0.01704181 
_atom_sites.fract_transf_matrix[2][1]   0.00448848 
_atom_sites.fract_transf_matrix[2][2]   0.01971036 
_atom_sites.fract_transf_matrix[2][3]   0.00525168 
_atom_sites.fract_transf_matrix[3][1]   -0.01340063 
_atom_sites.fract_transf_matrix[3][2]   0.00815537 
_atom_sites.fract_transf_matrix[3][3]   -0.01915519 
_atom_sites.fract_transf_vector[1]      0.244319 
_atom_sites.fract_transf_vector[2]      0.412879 
_atom_sites.fract_transf_vector[3]      0.005109 
# 
loop_
_atom_type.symbol 
C  
N  
O  
S  
SE 
# 
loop_
_atom_site.group_PDB 
_atom_site.id 
_atom_site.type_symbol 
_atom_site.label_atom_id 
_atom_site.label_alt_id 
_atom_site.label_comp_id 
_atom_site.label_asym_id 
_atom_site.label_entity_id 
_atom_site.label_seq_id 
_atom_site.pdbx_PDB_ins_code 
_atom_site.Cartn_x 
_atom_site.Cartn_y 
_atom_site.Cartn_z 
_atom_site.occupancy 
_atom_site.B_iso_or_equiv 
_atom_site.pdbx_formal_charge 
_atom_site.auth_seq_id 
_atom_site.auth_comp_id 
_atom_site.auth_asym_id 
_atom_site.auth_atom_id 
_atom_site.pdbx_PDB_model_num 
ATOM   1    N  N   . MET A 1 1  ? -18.156 -1.458  2.474   1.00 98.81 ? 1  MET A N   1 
ATOM   2    C  CA  . MET A 1 1  ? -17.234 -1.983  3.449   1.00 27.58 ? 1  MET A CA  1 
ATOM   3    C  C   . MET A 1 1  ? -17.325 -3.533  3.476   1.00 20.18 ? 1  MET A C   1 
ATOM   4    O  O   . MET A 1 1  ? -17.549 -4.182  4.484   1.00 17.27 ? 1  MET A O   1 
ATOM   5    C  CB  . MET A 1 1  ? -17.468 -1.258  4.784   1.00 19.79 ? 1  MET A CB  1 
ATOM   6    N  N   . VAL A 1 2  ? -17.207 -4.081  2.299   1.00 16.57 ? 2  VAL A N   1 
ATOM   7    C  CA  . VAL A 1 2  ? -17.289 -5.503  2.017   1.00 11.96 ? 2  VAL A CA  1 
ATOM   8    C  C   . VAL A 1 2  ? -16.267 -6.483  2.593   1.00 9.16  ? 2  VAL A C   1 
ATOM   9    O  O   . VAL A 1 2  ? -16.614 -7.512  3.150   1.00 9.96  ? 2  VAL A O   1 
ATOM   10   C  CB  . VAL A 1 2  ? -18.332 -6.029  1.062   1.00 16.09 ? 2  VAL A CB  1 
ATOM   11   C  CG1 . VAL A 1 2  ? -18.972 -4.884  0.301   1.00 37.18 ? 2  VAL A CG1 1 
ATOM   12   C  CG2 . VAL A 1 2  ? -17.719 -6.950  0.031   1.00 19.39 ? 2  VAL A CG2 1 
ATOM   13   N  N   . SER A 1 3  ? -14.993 -6.132  2.491   1.00 10.83 ? 3  SER A N   1 
ATOM   14   C  CA  . SER A 1 3  ? -13.964 -7.046  2.983   1.00 8.60  ? 3  SER A CA  1 
ATOM   15   C  C   . SER A 1 3  ? -12.752 -6.296  3.408   1.00 6.72  ? 3  SER A C   1 
ATOM   16   O  O   . SER A 1 3  ? -12.588 -5.145  3.015   1.00 8.60  ? 3  SER A O   1 
ATOM   17   C  CB  . SER A 1 3  ? -13.598 -8.090  1.923   1.00 9.12  ? 3  SER A CB  1 
ATOM   18   O  OG  . SER A 1 3  ? -12.826 -7.442  0.914   1.00 11.55 ? 3  SER A OG  1 
ATOM   19   N  N   . LYS A 1 4  ? -11.923 -6.950  4.220   1.00 6.54  ? 4  LYS A N   1 
ATOM   20   C  CA  . LYS A 1 4  ? -10.677 -6.304  4.645   1.00 7.50  ? 4  LYS A CA  1 
ATOM   21   C  C   . LYS A 1 4  ? -9.826  -5.931  3.417   1.00 6.75  ? 4  LYS A C   1 
ATOM   22   O  O   . LYS A 1 4  ? -9.198  -4.864  3.376   1.00 7.54  ? 4  LYS A O   1 
ATOM   23   C  CB  . LYS A 1 4  ? -9.869  -7.179  5.590   1.00 9.12  ? 4  LYS A CB  1 
ATOM   24   C  CG  . LYS A 1 4  ? -10.516 -7.454  6.928   1.00 8.82  ? 4  LYS A CG  1 
ATOM   25   C  CD  . LYS A 1 4  ? -9.731  -8.579  7.628   1.00 21.50 ? 4  LYS A CD  1 
ATOM   26   C  CE  . LYS A 1 4  ? -10.286 -9.003  8.983   1.00 20.30 ? 4  LYS A CE  1 
ATOM   27   N  NZ  . LYS A 1 4  ? -9.470  -10.051 9.627   1.00 23.24 ? 4  LYS A NZ  1 
ATOM   28   N  N   . LEU A 1 5  ? -9.781  -6.843  2.419   1.00 6.71  ? 5  LEU A N   1 
ATOM   29   C  CA  . LEU A 1 5  ? -9.004  -6.573  1.235   1.00 7.03  ? 5  LEU A CA  1 
ATOM   30   C  C   . LEU A 1 5  ? -9.556  -5.402  0.458   1.00 8.17  ? 5  LEU A C   1 
ATOM   31   O  O   . LEU A 1 5  ? -8.812  -4.530  0.024   1.00 7.75  ? 5  LEU A O   1 
ATOM   32   C  CB  . LEU A 1 5  ? -8.924  -7.817  0.360   1.00 7.64  ? 5  LEU A CB  1 
ATOM   33   C  CG  . LEU A 1 5  ? -8.139  -7.601  -0.976  1.00 8.64  ? 5  LEU A CG  1 
ATOM   34   C  CD1 . LEU A 1 5  ? -6.700  -7.176  -0.753  1.00 10.05 ? 5  LEU A CD1 1 
ATOM   35   C  CD2 . LEU A 1 5  ? -8.157  -8.854  -1.824  1.00 12.55 ? 5  LEU A CD2 1 
ATOM   36   N  N   . SER A 1 6  ? -10.888 -5.331  0.294   1.00 8.33  ? 6  SER A N   1 
ATOM   37   C  CA  . SER A 1 6  ? -11.441 -4.177  -0.441  1.00 8.45  ? 6  SER A CA  1 
ATOM   38   C  C   . SER A 1 6  ? -11.170 -2.862  0.256   1.00 8.62  ? 6  SER A C   1 
ATOM   39   O  O   . SER A 1 6  ? -10.832 -1.864  -0.393  1.00 8.06  ? 6  SER A O   1 
ATOM   40   C  CB  . SER A 1 6  ? -12.897 -4.357  -0.848  1.00 11.90 ? 6  SER A CB  1 
ATOM   41   O  OG  . SER A 1 6  ? -13.693 -4.325  0.295   1.00 17.22 ? 6  SER A OG  1 
ATOM   42   N  N   . GLN A 1 7  ? -11.275 -2.829  1.613   1.00 9.03  ? 7  GLN A N   1 
ATOM   43   C  CA  . GLN A 1 7  ? -10.993 -1.603  2.347   1.00 7.50  ? 7  GLN A CA  1 
ATOM   44   C  C   . GLN A 1 7  ? -9.551  -1.190  2.173   1.00 6.77  ? 7  GLN A C   1 
ATOM   45   O  O   . GLN A 1 7  ? -9.250  -0.034  1.956   1.00 9.17  ? 7  GLN A O   1 
ATOM   46   C  CB  . GLN A 1 7  ? -11.256 -1.831  3.831   1.00 10.25 ? 7  GLN A CB  1 
ATOM   47   C  CG  . GLN A 1 7  ? -10.959 -0.615  4.740   1.00 15.29 ? 7  GLN A CG  1 
ATOM   48   C  CD  . GLN A 1 7  ? -11.184 -0.951  6.230   1.00 39.11 ? 7  GLN A CD  1 
ATOM   49   O  OE1 . GLN A 1 7  ? -12.022 -1.807  6.548   1.00 65.49 ? 7  GLN A OE1 1 
ATOM   50   N  NE2 . GLN A 1 7  ? -10.475 -0.254  7.155   1.00 23.25 ? 7  GLN A NE2 1 
ATOM   51   N  N   . LEU A 1 8  ? -8.623  -2.151  2.246   1.00 7.19  ? 8  LEU A N   1 
ATOM   52   C  CA  . LEU A 1 8  ? -7.216  -1.839  2.071   1.00 6.43  ? 8  LEU A CA  1 
ATOM   53   C  C   . LEU A 1 8  ? -6.946  -1.333  0.645   1.00 5.51  ? 8  LEU A C   1 
ATOM   54   O  O   . LEU A 1 8  ? -6.157  -0.394  0.460   1.00 7.50  ? 8  LEU A O   1 
ATOM   55   C  CB  . LEU A 1 8  ? -6.383  -3.085  2.430   1.00 7.41  ? 8  LEU A CB  1 
ATOM   56   C  CG  . LEU A 1 8  ? -4.850  -2.981  2.169   1.00 9.29  ? 8  LEU A CG  1 
ATOM   57   C  CD1 . LEU A 1 8  ? -4.219  -1.786  2.890   1.00 8.26  ? 8  LEU A CD1 1 
ATOM   58   C  CD2 . LEU A 1 8  ? -4.207  -4.308  2.610   1.00 8.40  ? 8  LEU A CD2 1 
ATOM   59   N  N   . GLN A 1 9  ? -7.542  -1.963  -0.364  1.00 6.44  ? 9  GLN A N   1 
ATOM   60   C  CA  . GLN A 1 9  ? -7.380  -1.493  -1.749  1.00 7.01  ? 9  GLN A CA  1 
ATOM   61   C  C   . GLN A 1 9  ? -7.842  -0.056  -1.902  1.00 7.51  ? 9  GLN A C   1 
ATOM   62   O  O   . GLN A 1 9  ? -7.161  0.768   -2.528  1.00 7.87  ? 9  GLN A O   1 
ATOM   63   C  CB  . GLN A 1 9  ? -8.164  -2.384  -2.717  1.00 7.11  ? 9  GLN A CB  1 
ATOM   64   C  CG  . GLN A 1 9  ? -7.567  -3.806  -2.887  1.00 8.79  ? 9  GLN A CG  1 
ATOM   65   C  CD  . GLN A 1 9  ? -8.525  -4.758  -3.600  1.00 9.71  ? 9  GLN A CD  1 
ATOM   66   O  OE1 . GLN A 1 9  ? -9.772  -4.622  -3.485  1.00 11.73 ? 9  GLN A OE1 1 
ATOM   67   N  NE2 . GLN A 1 9  ? -7.966  -5.675  -4.375  1.00 9.17  ? 9  GLN A NE2 1 
ATOM   68   N  N   . THR A 1 10 ? -8.995  0.277   -1.267  1.00 6.79  ? 10 THR A N   1 
ATOM   69   C  CA  . THR A 1 10 ? -9.535  1.622   -1.321  1.00 6.64  ? 10 THR A CA  1 
ATOM   70   C  C   . THR A 1 10 ? -8.551  2.641   -0.760  1.00 6.81  ? 10 THR A C   1 
ATOM   71   O  O   . THR A 1 10 ? -8.309  3.729   -1.321  1.00 7.92  ? 10 THR A O   1 
ATOM   72   C  CB  . THR A 1 10 ? -10.890 1.638   -0.556  1.00 9.22  ? 10 THR A CB  1 
ATOM   73   O  OG1 . THR A 1 10 ? -11.779 0.737   -1.195  1.00 12.38 ? 10 THR A OG1 1 
ATOM   74   C  CG2 . THR A 1 10 ? -11.490 3.040   -0.465  1.00 10.77 ? 10 THR A CG2 1 
ATOM   75   N  N   . GLU A 1 11 ? -7.978  2.306   0.395   1.00 7.01  ? 11 GLU A N   1 
ATOM   76   C  CA  . GLU A 1 11 ? -7.000  3.198   1.061   1.00 6.59  ? 11 GLU A CA  1 
ATOM   77   C  C   . GLU A 1 11 ? -5.751  3.403   0.193   1.00 6.64  ? 11 GLU A C   1 
ATOM   78   O  O   . GLU A 1 11 ? -5.230  4.479   0.096   1.00 8.26  ? 11 GLU A O   1 
ATOM   79   C  CB  . GLU A 1 11 ? -6.525  2.607   2.410   1.00 8.05  ? 11 GLU A CB  1 
ATOM   80   C  CG  . GLU A 1 11 ? -7.650  2.488   3.455   1.00 11.13 ? 11 GLU A CG  1 
ATOM   81   C  CD  . GLU A 1 11 ? -7.898  3.843   4.004   1.00 23.05 ? 11 GLU A CD  1 
ATOM   82   O  OE1 . GLU A 1 11 ? -7.405  4.863   3.517   1.00 28.11 ? 11 GLU A OE1 1 
ATOM   83   O  OE2 . GLU A 1 11 ? -8.578  3.810   5.108   1.00 24.67 ? 11 GLU A OE2 1 
HETATM 84   N  N   . MSE A 1 12 ? -5.259  2.316   -0.388  1.00 6.96  ? 12 MSE A N   1 
HETATM 85   C  CA  . MSE A 1 12 ? -4.088  2.384   -1.237  1.00 6.75  ? 12 MSE A CA  1 
HETATM 86   C  C   . MSE A 1 12 ? -4.317  3.294   -2.447  1.00 6.06  ? 12 MSE A C   1 
HETATM 87   O  O   . MSE A 1 12 ? -3.430  4.097   -2.804  1.00 6.91  ? 12 MSE A O   1 
HETATM 88   C  CB  . MSE A 1 12 ? -3.636  0.977   -1.685  1.00 7.32  ? 12 MSE A CB  1 
HETATM 89   C  CG  . MSE A 1 12 ? -3.137  0.065   -0.547  1.00 7.99  ? 12 MSE A CG  1 
HETATM 90   SE SE  . MSE A 1 12 ? -2.690  -1.679  -1.106  1.00 13.49 ? 12 MSE A SE  1 
HETATM 91   C  CE  . MSE A 1 12 ? -1.282  -1.339  -2.223  1.00 8.50  ? 12 MSE A CE  1 
ATOM   92   N  N   . LEU A 1 13 ? -5.443  3.109   -3.140  1.00 5.84  ? 13 LEU A N   1 
ATOM   93   C  CA  . LEU A 1 13 ? -5.734  3.991   -4.291  1.00 7.92  ? 13 LEU A CA  1 
ATOM   94   C  C   . LEU A 1 13 ? -5.788  5.469   -3.856  1.00 6.64  ? 13 LEU A C   1 
ATOM   95   O  O   . LEU A 1 13 ? -5.227  6.348   -4.505  1.00 7.31  ? 13 LEU A O   1 
ATOM   96   C  CB  . LEU A 1 13 ? -7.058  3.547   -4.960  1.00 8.57  ? 13 LEU A CB  1 
ATOM   97   C  CG  . LEU A 1 13 ? -6.980  2.188   -5.606  1.00 8.12  ? 13 LEU A CG  1 
ATOM   98   C  CD1 . LEU A 1 13 ? -8.395  1.558   -5.819  1.00 9.94  ? 13 LEU A CD1 1 
ATOM   99   C  CD2 . LEU A 1 13 ? -6.230  2.327   -6.934  1.00 9.85  ? 13 LEU A CD2 1 
ATOM   100  N  N   . ALA A 1 14 ? -6.460  5.760   -2.749  1.00 6.59  ? 14 ALA A N   1 
ATOM   101  C  CA  . ALA A 1 14 ? -6.501  7.116   -2.275  1.00 7.86  ? 14 ALA A CA  1 
ATOM   102  C  C   . ALA A 1 14 ? -5.103  7.641   -1.987  1.00 6.67  ? 14 ALA A C   1 
ATOM   103  O  O   . ALA A 1 14 ? -4.744  8.770   -2.347  1.00 8.27  ? 14 ALA A O   1 
ATOM   104  C  CB  . ALA A 1 14 ? -7.387  7.294   -1.059  1.00 7.99  ? 14 ALA A CB  1 
ATOM   105  N  N   . ALA A 1 15 ? -4.300  6.822   -1.302  1.00 6.78  ? 15 ALA A N   1 
ATOM   106  C  CA  . ALA A 1 15 ? -2.928  7.234   -0.954  1.00 7.00  ? 15 ALA A CA  1 
ATOM   107  C  C   . ALA A 1 15 ? -2.087  7.558   -2.186  1.00 6.22  ? 15 ALA A C   1 
ATOM   108  O  O   . ALA A 1 15 ? -1.277  8.492   -2.193  1.00 6.55  ? 15 ALA A O   1 
ATOM   109  C  CB  . ALA A 1 15 ? -2.245  6.205   -0.031  1.00 8.62  ? 15 ALA A CB  1 
ATOM   110  N  N   . LEU A 1 16 ? -2.267  6.771   -3.245  1.00 7.70  ? 16 LEU A N   1 
ATOM   111  C  CA  . LEU A 1 16 ? -1.502  6.973   -4.433  1.00 6.98  ? 16 LEU A CA  1 
ATOM   112  C  C   . LEU A 1 16 ? -1.831  8.306   -5.069  1.00 7.27  ? 16 LEU A C   1 
ATOM   113  O  O   . LEU A 1 16 ? -0.940  9.040   -5.485  1.00 7.34  ? 16 LEU A O   1 
ATOM   114  C  CB  . LEU A 1 16 ? -1.726  5.835   -5.451  1.00 7.81  ? 16 LEU A CB  1 
ATOM   115  C  CG  . LEU A 1 16 ? -1.027  4.526   -5.083  1.00 7.35  ? 16 LEU A CG  1 
ATOM   116  C  CD1 . LEU A 1 16 ? -1.548  3.409   -6.009  1.00 9.66  ? 16 LEU A CD1 1 
ATOM   117  C  CD2 . LEU A 1 16 ? 0.482   4.694   -5.279  1.00 8.78  ? 16 LEU A CD2 1 
ATOM   118  N  N   . LEU A 1 17 ? -3.133  8.576   -5.217  1.00 7.86  ? 17 LEU A N   1 
ATOM   119  C  CA  . LEU A 1 17 ? -3.542  9.870   -5.799  1.00 8.01  ? 17 LEU A CA  1 
ATOM   120  C  C   . LEU A 1 17 ? -3.025  11.033  -4.931  1.00 8.16  ? 17 LEU A C   1 
ATOM   121  O  O   . LEU A 1 17 ? -2.534  12.056  -5.443  1.00 10.34 ? 17 LEU A O   1 
ATOM   122  C  CB  . LEU A 1 17 ? -5.067  9.952   -5.973  1.00 9.84  ? 17 LEU A CB  1 
ATOM   123  C  CG  . LEU A 1 17 ? -5.563  9.002   -7.050  1.00 11.07 ? 17 LEU A CG  1 
ATOM   124  C  CD1 . LEU A 1 17 ? -7.081  8.886   -7.055  1.00 15.70 ? 17 LEU A CD1 1 
ATOM   125  C  CD2 . LEU A 1 17 ? -5.081  9.407   -8.431  1.00 14.79 ? 17 LEU A CD2 1 
ATOM   126  N  N   . GLU A 1 18 ? -3.095  10.866  -3.600  1.00 7.96  ? 18 GLU A N   1 
ATOM   127  C  CA  . GLU A 1 18 ? -2.584  11.919  -2.732  1.00 9.25  ? 18 GLU A CA  1 
ATOM   128  C  C   . GLU A 1 18 ? -1.067  12.184  -2.956  1.00 8.20  ? 18 GLU A C   1 
ATOM   129  O  O   . GLU A 1 18 ? -0.599  13.308  -2.856  1.00 10.86 ? 18 GLU A O   1 
ATOM   130  C  CB  . GLU A 1 18 ? -2.908  11.571  -1.260  1.00 8.24  ? 18 GLU A CB  1 
ATOM   131  C  CG  . GLU A 1 18 ? -2.209  12.514  -0.247  1.00 10.24 ? 18 GLU A CG  1 
ATOM   132  C  CD  . GLU A 1 18 ? -2.552  12.214  1.215   1.00 12.63 ? 18 GLU A CD  1 
ATOM   133  O  OE1 . GLU A 1 18 ? -3.042  13.037  1.924   1.00 16.04 ? 18 GLU A OE1 1 
ATOM   134  O  OE2 . GLU A 1 18 ? -2.270  10.990  1.647   1.00 11.42 ? 18 GLU A OE2 1 
ATOM   135  N  N   . SER A 1 19 ? -0.306  11.126  -3.210  1.00 7.51  ? 19 SER A N   1 
ATOM   136  C  CA  . SER A 1 19 ? 1.139   11.225  -3.417  1.00 7.94  ? 19 SER A CA  1 
ATOM   137  C  C   . SER A 1 19 ? 1.522   11.884  -4.711  1.00 9.22  ? 19 SER A C   1 
ATOM   138  O  O   . SER A 1 19 ? 2.702   12.158  -4.944  1.00 11.43 ? 19 SER A O   1 
ATOM   139  C  CB  . SER A 1 19 ? 1.836   9.854   -3.315  1.00 8.12  ? 19 SER A CB  1 
ATOM   140  O  OG  . SER A 1 19 ? 1.608   9.022   -4.497  1.00 7.88  ? 19 SER A OG  1 
ATOM   141  N  N   . GLY A 1 20 ? 0.566   12.108  -5.602  1.00 9.30  ? 20 GLY A N   1 
ATOM   142  C  CA  . GLY A 1 20 ? 0.901   12.782  -6.859  1.00 9.68  ? 20 GLY A CA  1 
ATOM   143  C  C   . GLY A 1 20 ? 0.754   11.953  -8.096  1.00 13.89 ? 20 GLY A C   1 
ATOM   144  O  O   . GLY A 1 20 ? 0.981   12.453  -9.206  1.00 14.22 ? 20 GLY A O   1 
ATOM   145  N  N   . LEU A 1 21 ? 0.438   10.670  -7.948  1.00 9.78  ? 21 LEU A N   1 
ATOM   146  C  CA  . LEU A 1 21 ? 0.257   9.846   -9.107  1.00 10.64 ? 21 LEU A CA  1 
ATOM   147  C  C   . LEU A 1 21 ? -0.972  10.292  -9.881  1.00 12.48 ? 21 LEU A C   1 
ATOM   148  O  O   . LEU A 1 21 ? -2.028  10.476  -9.298  1.00 13.34 ? 21 LEU A O   1 
ATOM   149  C  CB  . LEU A 1 21 ? 0.093   8.407   -8.662  1.00 11.38 ? 21 LEU A CB  1 
ATOM   150  C  CG  . LEU A 1 21 ? 0.135   7.440   -9.823  1.00 17.06 ? 21 LEU A CG  1 
ATOM   151  C  CD1 . LEU A 1 21 ? 1.595   7.166   -10.144 1.00 20.30 ? 21 LEU A CD1 1 
ATOM   152  C  CD2 . LEU A 1 21 ? -0.603  6.157   -9.451  1.00 18.41 ? 21 LEU A CD2 1 
ATOM   153  N  N   . SER A 1 22 ? -0.818  10.572  -11.183 1.00 12.94 ? 22 SER A N   1 
ATOM   154  C  CA  . SER A 1 22 ? -1.998  11.070  -11.902 1.00 12.24 ? 22 SER A CA  1 
ATOM   155  C  C   . SER A 1 22 ? -3.099  10.031  -12.019 1.00 12.57 ? 22 SER A C   1 
ATOM   156  O  O   . SER A 1 22 ? -2.843  8.845   -12.046 1.00 10.61 ? 22 SER A O   1 
ATOM   157  C  CB  . SER A 1 22 ? -1.660  11.604  -13.292 1.00 15.87 ? 22 SER A CB  1 
ATOM   158  O  OG  . SER A 1 22 ? -1.405  10.524  -14.153 1.00 16.41 ? 22 SER A OG  1 
ATOM   159  N  N   . LYS A 1 23 ? -4.339  10.512  -12.280 1.00 15.08 ? 23 LYS A N   1 
ATOM   160  C  CA  . LYS A 1 23 ? -5.435  9.631   -12.595 1.00 13.79 ? 23 LYS A CA  1 
ATOM   161  C  C   . LYS A 1 23 ? -5.163  8.855   -13.888 1.00 12.78 ? 23 LYS A C   1 
ATOM   162  O  O   . LYS A 1 23 ? -5.430  7.665   -14.005 1.00 12.65 ? 23 LYS A O   1 
ATOM   163  C  CB  . LYS A 1 23 ? -6.762  10.382  -12.686 1.00 16.25 ? 23 LYS A CB  1 
ATOM   164  C  CG  . LYS A 1 23 ? -7.184  11.009  -11.356 1.00 14.54 ? 23 LYS A CG  1 
ATOM   165  C  CD  . LYS A 1 23 ? -8.642  11.500  -11.361 1.00 13.20 ? 23 LYS A CD  1 
ATOM   166  C  CE  . LYS A 1 23 ? -9.061  12.025  -10.001 1.00 16.31 ? 23 LYS A CE  1 
ATOM   167  N  NZ  . LYS A 1 23 ? -10.514 12.152  -9.835  1.00 23.67 ? 23 LYS A NZ  1 
ATOM   168  N  N   . GLU A 1 24 ? -4.562  9.536   -14.857 1.00 13.66 ? 24 GLU A N   1 
ATOM   169  C  CA  . GLU A 1 24 ? -4.232  8.863   -16.085 1.00 16.27 ? 24 GLU A CA  1 
ATOM   170  C  C   . GLU A 1 24 ? -3.234  7.688   -15.869 1.00 13.18 ? 24 GLU A C   1 
ATOM   171  O  O   . GLU A 1 24 ? -3.373  6.587   -16.384 1.00 14.06 ? 24 GLU A O   1 
ATOM   172  C  CB  . GLU A 1 24 ? -3.683  9.874   -17.114 1.00 21.45 ? 24 GLU A CB  1 
ATOM   173  C  CG  . GLU A 1 24 ? -3.087  9.157   -18.356 1.00 21.89 ? 24 GLU A CG  1 
ATOM   174  C  CD  . GLU A 1 24 ? -2.629  10.116  -19.433 1.00 35.46 ? 24 GLU A CD  1 
ATOM   175  O  OE1 . GLU A 1 24 ? -2.631  11.328  -19.284 1.00 29.51 ? 24 GLU A OE1 1 
ATOM   176  O  OE2 . GLU A 1 24 ? -2.242  9.510   -20.543 1.00 40.36 ? 24 GLU A OE2 1 
ATOM   177  N  N   . ALA A 1 25 ? -2.175  7.918   -15.073 1.00 14.33 ? 25 ALA A N   1 
ATOM   178  C  CA  . ALA A 1 25 ? -1.201  6.849   -14.761 1.00 12.79 ? 25 ALA A CA  1 
ATOM   179  C  C   . ALA A 1 25 ? -1.850  5.721   -13.996 1.00 10.56 ? 25 ALA A C   1 
ATOM   180  O  O   . ALA A 1 25 ? -1.520  4.549   -14.190 1.00 13.06 ? 25 ALA A O   1 
ATOM   181  C  CB  . ALA A 1 25 ? -0.044  7.393   -13.929 1.00 12.72 ? 25 ALA A CB  1 
ATOM   182  N  N   . LEU A 1 26 ? -2.827  6.043   -13.114 1.00 10.69 ? 26 LEU A N   1 
ATOM   183  C  CA  . LEU A 1 26 ? -3.553  4.989   -12.428 1.00 12.03 ? 26 LEU A CA  1 
ATOM   184  C  C   . LEU A 1 26 ? -4.312  4.092   -13.419 1.00 10.66 ? 26 LEU A C   1 
ATOM   185  O  O   . LEU A 1 26 ? -4.289  2.864   -13.383 1.00 12.38 ? 26 LEU A O   1 
ATOM   186  C  CB  . LEU A 1 26 ? -4.574  5.595   -11.460 1.00 26.71 ? 26 LEU A CB  1 
ATOM   187  C  CG  . LEU A 1 26 ? -4.668  4.897   -10.120 1.00 26.99 ? 26 LEU A CG  1 
ATOM   188  C  CD1 . LEU A 1 26 ? -3.345  5.072   -9.450  1.00 37.01 ? 26 LEU A CD1 1 
ATOM   189  C  CD2 . LEU A 1 26 ? -5.719  5.607   -9.282  1.00 28.64 ? 26 LEU A CD2 1 
ATOM   190  N  N   . ILE A 1 27 ? -5.019  4.764   -14.348 1.00 11.20 ? 27 ILE A N   1 
ATOM   191  C  CA  . ILE A 1 27 ? -5.740  4.063   -15.381 1.00 12.69 ? 27 ILE A CA  1 
ATOM   192  C  C   . ILE A 1 27 ? -4.819  3.216   -16.258 1.00 13.08 ? 27 ILE A C   1 
ATOM   193  O  O   . ILE A 1 27 ? -5.093  2.080   -16.587 1.00 13.85 ? 27 ILE A O   1 
ATOM   194  C  CB  . ILE A 1 27 ? -6.539  5.047   -16.233 1.00 15.16 ? 27 ILE A CB  1 
ATOM   195  C  CG1 . ILE A 1 27 ? -7.622  5.603   -15.338 1.00 14.15 ? 27 ILE A CG1 1 
ATOM   196  C  CG2 . ILE A 1 27 ? -7.112  4.335   -17.453 1.00 13.20 ? 27 ILE A CG2 1 
ATOM   197  C  CD1 . ILE A 1 27 ? -8.284  6.840   -15.923 1.00 38.09 ? 27 ILE A CD1 1 
ATOM   198  N  N   . GLN A 1 28 ? -3.705  3.787   -16.655 1.00 12.34 ? 28 GLN A N   1 
ATOM   199  C  CA  . GLN A 1 28 ? -2.748  3.057   -17.491 1.00 16.15 ? 28 GLN A CA  1 
ATOM   200  C  C   . GLN A 1 28 ? -2.329  1.768   -16.854 1.00 14.17 ? 28 GLN A C   1 
ATOM   201  O  O   . GLN A 1 28 ? -2.186  0.752   -17.520 1.00 16.36 ? 28 GLN A O   1 
ATOM   202  C  CB  . GLN A 1 28 ? -1.491  3.915   -17.822 1.00 16.52 ? 28 GLN A CB  1 
ATOM   203  C  CG  . GLN A 1 28 ? -0.116  3.416   -17.243 1.00 98.81 ? 28 GLN A CG  1 
ATOM   204  C  CD  . GLN A 1 28 ? 0.725   4.384   -16.374 1.00 98.81 ? 28 GLN A CD  1 
ATOM   205  O  OE1 . GLN A 1 28 ? 1.257   5.460   -16.823 1.00 34.51 ? 28 GLN A OE1 1 
ATOM   206  N  NE2 . GLN A 1 28 ? 0.964   3.959   -15.132 1.00 14.74 ? 28 GLN A NE2 1 
ATOM   207  N  N   . ALA A 1 29 ? -2.035  1.824   -15.533 1.00 11.88 ? 29 ALA A N   1 
ATOM   208  C  CA  . ALA A 1 29 ? -1.561  0.642   -14.824 1.00 11.93 ? 29 ALA A CA  1 
ATOM   209  C  C   . ALA A 1 29 ? -2.627  -0.418  -14.519 1.00 12.11 ? 29 ALA A C   1 
ATOM   210  O  O   . ALA A 1 29 ? -2.334  -1.627  -14.571 1.00 15.64 ? 29 ALA A O   1 
ATOM   211  C  CB  . ALA A 1 29 ? -0.836  1.044   -13.525 1.00 11.95 ? 29 ALA A CB  1 
ATOM   212  N  N   . LEU A 1 30 ? -3.839  0.054   -14.120 1.00 10.27 ? 30 LEU A N   1 
ATOM   213  C  CA  . LEU A 1 30 ? -4.857  -0.799  -13.587 1.00 9.96  ? 30 LEU A CA  1 
ATOM   214  C  C   . LEU A 1 30 ? -6.097  -1.047  -14.423 1.00 14.48 ? 30 LEU A C   1 
ATOM   215  O  O   . LEU A 1 30 ? -6.906  -1.898  -14.044 1.00 19.23 ? 30 LEU A O   1 
ATOM   216  C  CB  . LEU A 1 30 ? -5.305  -0.305  -12.196 1.00 12.92 ? 30 LEU A CB  1 
ATOM   217  C  CG  . LEU A 1 30 ? -4.151  -0.074  -11.185 1.00 11.52 ? 30 LEU A CG  1 
ATOM   218  C  CD1 . LEU A 1 30 ? -4.655  0.504   -9.877  1.00 13.41 ? 30 LEU A CD1 1 
ATOM   219  C  CD2 . LEU A 1 30 ? -3.383  -1.364  -10.909 1.00 16.87 ? 30 LEU A CD2 1 
ATOM   220  N  N   . GLY A 1 31 ? -6.276  -0.253  -15.464 1.00 13.45 ? 31 GLY A N   1 
ATOM   221  C  CA  . GLY A 1 31 ? -7.422  -0.336  -16.372 1.00 16.81 ? 31 GLY A CA  1 
ATOM   222  C  C   . GLY A 1 31 ? -7.196  -1.482  -17.344 1.00 25.75 ? 31 GLY A C   1 
ATOM   223  O  O   . GLY A 1 31 ? -8.119  -1.915  -18.004 1.00 57.43 ? 31 GLY A O   1 
ATOM   224  N  N   . MET B 1 1  ? 5.875   20.852  4.829   1.00 11.51 ? 1  MET B N   1 
ATOM   225  C  CA  . MET B 1 1  ? 6.657   20.226  5.885   1.00 10.75 ? 1  MET B CA  1 
ATOM   226  C  C   . MET B 1 1  ? 6.714   18.706  5.775   1.00 10.88 ? 1  MET B C   1 
ATOM   227  O  O   . MET B 1 1  ? 7.471   18.060  6.484   1.00 17.60 ? 1  MET B O   1 
ATOM   228  C  CB  . MET B 1 1  ? 6.101   20.493  7.236   1.00 11.04 ? 1  MET B CB  1 
ATOM   229  C  CG  . MET B 1 1  ? 6.217   21.925  7.654   1.00 14.91 ? 1  MET B CG  1 
ATOM   230  S  SD  . MET B 1 1  ? 7.891   22.364  8.100   1.00 13.52 ? 1  MET B SD  1 
ATOM   231  C  CE  . MET B 1 1  ? 8.153   21.488  9.679   1.00 15.81 ? 1  MET B CE  1 
ATOM   232  N  N   . VAL B 1 2  ? 5.834   18.118  5.007   1.00 9.21  ? 2  VAL B N   1 
ATOM   233  C  CA  . VAL B 1 2  ? 5.733   16.675  4.908   1.00 9.07  ? 2  VAL B CA  1 
ATOM   234  C  C   . VAL B 1 2  ? 5.979   16.264  3.462   1.00 9.66  ? 2  VAL B C   1 
ATOM   235  O  O   . VAL B 1 2  ? 5.251   16.685  2.560   1.00 8.32  ? 2  VAL B O   1 
ATOM   236  C  CB  . VAL B 1 2  ? 4.298   16.249  5.330   1.00 8.01  ? 2  VAL B CB  1 
ATOM   237  C  CG1 . VAL B 1 2  ? 4.085   14.755  5.179   1.00 9.51  ? 2  VAL B CG1 1 
ATOM   238  C  CG2 . VAL B 1 2  ? 4.020   16.674  6.804   1.00 12.04 ? 2  VAL B CG2 1 
ATOM   239  N  N   . SER B 1 3  ? 6.990   15.423  3.216   1.00 7.83  ? 3  SER B N   1 
ATOM   240  C  CA  . SER B 1 3  ? 7.225   15.020  1.841   1.00 8.25  ? 3  SER B CA  1 
ATOM   241  C  C   . SER B 1 3  ? 6.120   14.096  1.347   1.00 7.41  ? 3  SER B C   1 
ATOM   242  O  O   . SER B 1 3  ? 5.438   13.417  2.136   1.00 7.78  ? 3  SER B O   1 
ATOM   243  C  CB  . SER B 1 3  ? 8.564   14.314  1.651   1.00 7.96  ? 3  SER B CB  1 
ATOM   244  O  OG  . SER B 1 3  ? 8.542   13.053  2.330   1.00 8.35  ? 3  SER B OG  1 
ATOM   245  N  N   . LYS B 1 4  ? 5.968   14.015  0.023   1.00 7.13  ? 4  LYS B N   1 
ATOM   246  C  CA  . LYS B 1 4  ? 5.003   13.095  -0.566  1.00 6.36  ? 4  LYS B CA  1 
ATOM   247  C  C   . LYS B 1 4  ? 5.299   11.691  -0.129  1.00 6.54  ? 4  LYS B C   1 
ATOM   248  O  O   . LYS B 1 4  ? 4.373   10.899  0.171   1.00 6.99  ? 4  LYS B O   1 
ATOM   249  C  CB  . LYS B 1 4  ? 4.976   13.186  -2.106  1.00 7.76  ? 4  LYS B CB  1 
ATOM   250  C  CG  . LYS B 1 4  ? 4.576   14.561  -2.645  1.00 13.58 ? 4  LYS B CG  1 
ATOM   251  C  CD  . LYS B 1 4  ? 3.140   14.915  -2.350  1.00 29.50 ? 4  LYS B CD  1 
ATOM   252  C  CE  . LYS B 1 4  ? 2.675   16.205  -3.015  1.00 41.61 ? 4  LYS B CE  1 
ATOM   253  N  NZ  . LYS B 1 4  ? 1.214   16.332  -2.947  1.00 50.62 ? 4  LYS B NZ  1 
ATOM   254  N  N   . LEU B 1 5  ? 6.604   11.309  -0.095  1.00 6.34  ? 5  LEU B N   1 
ATOM   255  C  CA  . LEU B 1 5  ? 6.965   9.936   0.310   1.00 5.44  ? 5  LEU B CA  1 
ATOM   256  C  C   . LEU B 1 5  ? 6.621   9.668   1.763   1.00 6.24  ? 5  LEU B C   1 
ATOM   257  O  O   . LEU B 1 5  ? 6.127   8.573   2.097   1.00 6.78  ? 5  LEU B O   1 
ATOM   258  C  CB  . LEU B 1 5  ? 8.463   9.653   0.028   1.00 7.09  ? 5  LEU B CB  1 
ATOM   259  C  CG  . LEU B 1 5  ? 8.932   8.274   0.473   1.00 6.92  ? 5  LEU B CG  1 
ATOM   260  C  CD1 . LEU B 1 5  ? 8.115   7.189   -0.223  1.00 7.59  ? 5  LEU B CD1 1 
ATOM   261  C  CD2 . LEU B 1 5  ? 10.408  8.105   0.082   1.00 8.94  ? 5  LEU B CD2 1 
ATOM   262  N  N   . SER B 1 6  ? 6.933   10.621  2.662   1.00 6.21  ? 6  SER B N   1 
ATOM   263  C  CA  . SER B 1 6  ? 6.672   10.384  4.072   1.00 6.08  ? 6  SER B CA  1 
ATOM   264  C  C   . SER B 1 6  ? 5.173   10.161  4.265   1.00 6.59  ? 6  SER B C   1 
ATOM   265  O  O   . SER B 1 6  ? 4.725   9.282   5.033   1.00 6.73  ? 6  SER B O   1 
ATOM   266  C  CB  . SER B 1 6  ? 7.178   11.553  4.933   1.00 7.42  ? 6  SER B CB  1 
ATOM   267  O  OG  . SER B 1 6  ? 7.106   11.201  6.298   1.00 8.51  ? 6  SER B OG  1 
ATOM   268  N  N   . GLN B 1 7  ? 4.385   11.052  3.635   1.00 6.14  ? 7  GLN B N   1 
ATOM   269  C  CA  . GLN B 1 7  ? 2.926   10.923  3.744   1.00 6.79  ? 7  GLN B CA  1 
ATOM   270  C  C   . GLN B 1 7  ? 2.455   9.586   3.219   1.00 5.90  ? 7  GLN B C   1 
ATOM   271  O  O   . GLN B 1 7  ? 1.628   8.889   3.847   1.00 7.24  ? 7  GLN B O   1 
ATOM   272  C  CB  . GLN B 1 7  ? 2.241   12.082  2.998   1.00 7.92  ? 7  GLN B CB  1 
ATOM   273  C  CG  . GLN B 1 7  ? 0.703   11.947  3.058   1.00 7.08  ? 7  GLN B CG  1 
ATOM   274  C  CD  . GLN B 1 7  ? 0.138   12.281  4.407   1.00 8.73  ? 7  GLN B CD  1 
ATOM   275  O  OE1 . GLN B 1 7  ? 0.838   12.758  5.305   1.00 10.95 ? 7  GLN B OE1 1 
ATOM   276  N  NE2 . GLN B 1 7  ? -1.125  11.980  4.563   1.00 11.39 ? 7  GLN B NE2 1 
ATOM   277  N  N   . LEU B 1 8  ? 2.973   9.184   2.049   1.00 6.59  ? 8  LEU B N   1 
ATOM   278  C  CA  . LEU B 1 8  ? 2.572   7.922   1.447   1.00 7.04  ? 8  LEU B CA  1 
ATOM   279  C  C   . LEU B 1 8  ? 2.928   6.717   2.366   1.00 6.44  ? 8  LEU B C   1 
ATOM   280  O  O   . LEU B 1 8  ? 2.123   5.803   2.583   1.00 6.76  ? 8  LEU B O   1 
ATOM   281  C  CB  . LEU B 1 8  ? 3.206   7.764   0.040   1.00 6.64  ? 8  LEU B CB  1 
ATOM   282  C  CG  . LEU B 1 8  ? 2.855   6.442   -0.697  1.00 6.52  ? 8  LEU B CG  1 
ATOM   283  C  CD1 . LEU B 1 8  ? 1.343   6.379   -0.950  1.00 8.37  ? 8  LEU B CD1 1 
ATOM   284  C  CD2 . LEU B 1 8  ? 3.567   6.452   -2.068  1.00 7.89  ? 8  LEU B CD2 1 
ATOM   285  N  N   . GLN B 1 9  ? 4.175   6.754   2.924   1.00 6.21  ? 9  GLN B N   1 
ATOM   286  C  CA  . GLN B 1 9  ? 4.602   5.670   3.809   1.00 5.33  ? 9  GLN B CA  1 
ATOM   287  C  C   . GLN B 1 9  ? 3.695   5.534   5.009   1.00 5.73  ? 9  GLN B C   1 
ATOM   288  O  O   . GLN B 1 9  ? 3.297   4.441   5.401   1.00 6.89  ? 9  GLN B O   1 
ATOM   289  C  CB  . GLN B 1 9  ? 6.025   5.939   4.314   1.00 6.89  ? 9  GLN B CB  1 
ATOM   290  C  CG  . GLN B 1 9  ? 7.139   5.729   3.249   1.00 7.37  ? 9  GLN B CG  1 
ATOM   291  C  CD  . GLN B 1 9  ? 8.440   6.370   3.687   1.00 6.59  ? 9  GLN B CD  1 
ATOM   292  O  OE1 . GLN B 1 9  ? 8.449   7.225   4.575   1.00 8.30  ? 9  GLN B OE1 1 
ATOM   293  N  NE2 . GLN B 1 9  ? 9.560   5.883   3.101   1.00 6.86  ? 9  GLN B NE2 1 
ATOM   294  N  N   . THR B 1 10 ? 3.388   6.669   5.628   1.00 6.45  ? 10 THR B N   1 
ATOM   295  C  CA  . THR B 1 10 ? 2.520   6.664   6.824   1.00 7.36  ? 10 THR B CA  1 
ATOM   296  C  C   . THR B 1 10 ? 1.102   6.178   6.523   1.00 6.47  ? 10 THR B C   1 
ATOM   297  O  O   . THR B 1 10 ? 0.501   5.455   7.302   1.00 8.18  ? 10 THR B O   1 
ATOM   298  C  CB  . THR B 1 10 ? 2.585   7.969   7.617   1.00 9.20  ? 10 THR B CB  1 
ATOM   299  O  OG1 . THR B 1 10 ? 2.186   9.042   6.822   1.00 14.25 ? 10 THR B OG1 1 
ATOM   300  C  CG2 . THR B 1 10 ? 4.009   8.217   8.039   1.00 11.13 ? 10 THR B CG2 1 
ATOM   301  N  N   . GLU B 1 11 ? 0.556   6.622   5.390   1.00 7.72  ? 11 GLU B N   1 
ATOM   302  C  CA  . GLU B 1 11 ? -0.777  6.177   4.977   1.00 8.23  ? 11 GLU B CA  1 
ATOM   303  C  C   . GLU B 1 11 ? -0.776  4.668   4.705   1.00 7.32  ? 11 GLU B C   1 
ATOM   304  O  O   . GLU B 1 11 ? -1.708  3.940   5.106   1.00 9.17  ? 11 GLU B O   1 
ATOM   305  C  CB  . GLU B 1 11 ? -1.262  6.988   3.747   1.00 9.20  ? 11 GLU B CB  1 
ATOM   306  C  CG  . GLU B 1 11 ? -1.622  8.467   4.028   1.00 9.62  ? 11 GLU B CG  1 
ATOM   307  C  CD  . GLU B 1 11 ? -2.912  8.588   4.806   1.00 19.57 ? 11 GLU B CD  1 
ATOM   308  O  OE1 . GLU B 1 11 ? -3.969  8.135   4.394   1.00 26.24 ? 11 GLU B OE1 1 
ATOM   309  O  OE2 . GLU B 1 11 ? -2.784  9.072   6.016   1.00 15.49 ? 11 GLU B OE2 1 
HETATM 310  N  N   . MSE B 1 12 ? 0.240   4.172   4.007   1.00 6.00  ? 12 MSE B N   1 
HETATM 311  C  CA  . MSE B 1 12 ? 0.341   2.760   3.728   1.00 6.23  ? 12 MSE B CA  1 
HETATM 312  C  C   . MSE B 1 12 ? 0.425   1.942   4.994   1.00 7.04  ? 12 MSE B C   1 
HETATM 313  O  O   . MSE B 1 12 ? -0.307  0.962   5.139   1.00 7.47  ? 12 MSE B O   1 
HETATM 314  C  CB  . MSE B 1 12 ? 1.501   2.491   2.774   1.00 7.05  ? 12 MSE B CB  1 
HETATM 315  C  CG  . MSE B 1 12 ? 1.695   1.044   2.321   1.00 7.53  ? 12 MSE B CG  1 
HETATM 316  SE SE  . MSE B 1 12 ? 0.515   0.473   1.008   1.00 15.00 ? 12 MSE B SE  1 
HETATM 317  C  CE  . MSE B 1 12 ? -0.463  -0.685  2.064   1.00 9.26  ? 12 MSE B CE  1 
ATOM   318  N  N   . LEU B 1 13 ? 1.289   2.325   5.924   1.00 7.15  ? 13 LEU B N   1 
ATOM   319  C  CA  . LEU B 1 13 ? 1.423   1.533   7.136   1.00 7.61  ? 13 LEU B CA  1 
ATOM   320  C  C   . LEU B 1 13 ? 0.111   1.520   7.957   1.00 7.35  ? 13 LEU B C   1 
ATOM   321  O  O   . LEU B 1 13 ? -0.329  0.500   8.479   1.00 8.08  ? 13 LEU B O   1 
ATOM   322  C  CB  . LEU B 1 13 ? 2.635   2.058   7.975   1.00 8.75  ? 13 LEU B CB  1 
ATOM   323  C  CG  . LEU B 1 13 ? 2.884   1.261   9.295   1.00 10.33 ? 13 LEU B CG  1 
ATOM   324  C  CD1 . LEU B 1 13 ? 3.115   -0.216  9.028   1.00 11.37 ? 13 LEU B CD1 1 
ATOM   325  C  CD2 . LEU B 1 13 ? 4.033   1.852   10.142  1.00 13.08 ? 13 LEU B CD2 1 
ATOM   326  N  N   . ALA B 1 14 ? -0.494  2.704   8.097   1.00 7.90  ? 14 ALA B N   1 
ATOM   327  C  CA  . ALA B 1 14 ? -1.729  2.777   8.843   1.00 7.24  ? 14 ALA B CA  1 
ATOM   328  C  C   . ALA B 1 14 ? -2.785  1.876   8.213   1.00 7.52  ? 14 ALA B C   1 
ATOM   329  O  O   . ALA B 1 14 ? -3.549  1.184   8.933   1.00 9.49  ? 14 ALA B O   1 
ATOM   330  C  CB  . ALA B 1 14 ? -2.210  4.212   8.890   1.00 8.79  ? 14 ALA B CB  1 
ATOM   331  N  N   . ALA B 1 15 ? -2.890  1.884   6.871   1.00 7.66  ? 15 ALA B N   1 
ATOM   332  C  CA  . ALA B 1 15 ? -3.863  1.020   6.189   1.00 7.64  ? 15 ALA B CA  1 
ATOM   333  C  C   . ALA B 1 15 ? -3.588  -0.428  6.475   1.00 6.67  ? 15 ALA B C   1 
ATOM   334  O  O   . ALA B 1 15 ? -4.493  -1.233  6.623   1.00 7.56  ? 15 ALA B O   1 
ATOM   335  C  CB  . ALA B 1 15 ? -3.815  1.258   4.685   1.00 10.05 ? 15 ALA B CB  1 
ATOM   336  N  N   . LEU B 1 16 ? -2.297  -0.803  6.544   1.00 6.66  ? 16 LEU B N   1 
ATOM   337  C  CA  . LEU B 1 16 ? -1.983  -2.175  6.844   1.00 6.54  ? 16 LEU B CA  1 
ATOM   338  C  C   . LEU B 1 16 ? -2.498  -2.572  8.211   1.00 7.06  ? 16 LEU B C   1 
ATOM   339  O  O   . LEU B 1 16 ? -3.094  -3.674  8.422   1.00 7.97  ? 16 LEU B O   1 
ATOM   340  C  CB  . LEU B 1 16 ? -0.470  -2.502  6.742   1.00 7.00  ? 16 LEU B CB  1 
ATOM   341  C  CG  . LEU B 1 16 ? 0.035   -2.400  5.302   1.00 6.97  ? 16 LEU B CG  1 
ATOM   342  C  CD1 . LEU B 1 16 ? 1.554   -2.437  5.294   1.00 11.54 ? 16 LEU B CD1 1 
ATOM   343  C  CD2 . LEU B 1 16 ? -0.486  -3.565  4.484   1.00 9.27  ? 16 LEU B CD2 1 
ATOM   344  N  N   . LEU B 1 17 ? -2.223  -1.700  9.180   1.00 7.82  ? 17 LEU B N   1 
ATOM   345  C  CA  . LEU B 1 17 ? -2.639  -2.003  10.553  1.00 7.51  ? 17 LEU B CA  1 
ATOM   346  C  C   . LEU B 1 17 ? -4.154  -2.130  10.620  1.00 8.97  ? 17 LEU B C   1 
ATOM   347  O  O   . LEU B 1 17 ? -4.697  -2.999  11.306  1.00 9.79  ? 17 LEU B O   1 
ATOM   348  C  CB  . LEU B 1 17 ? -2.129  -0.948  11.550  1.00 10.75 ? 17 LEU B CB  1 
ATOM   349  C  CG  . LEU B 1 17 ? -0.588  -0.852  11.635  1.00 12.71 ? 17 LEU B CG  1 
ATOM   350  C  CD1 . LEU B 1 17 ? -0.169  0.375   12.469  1.00 17.77 ? 17 LEU B CD1 1 
ATOM   351  C  CD2 . LEU B 1 17 ? 0.048   -2.112  12.209  1.00 15.01 ? 17 LEU B CD2 1 
ATOM   352  N  N   . GLU B 1 18 ? -4.860  -1.227  9.889   1.00 7.96  ? 18 GLU B N   1 
ATOM   353  C  CA  . GLU B 1 18 ? -6.338  -1.259  9.870   1.00 9.50  ? 18 GLU B CA  1 
ATOM   354  C  C   . GLU B 1 18 ? -6.879  -2.472  9.210   1.00 8.21  ? 18 GLU B C   1 
ATOM   355  O  O   . GLU B 1 18 ? -7.988  -2.933  9.498   1.00 11.01 ? 18 GLU B O   1 
ATOM   356  C  CB  . GLU B 1 18 ? -6.934  0.064   9.336   1.00 9.57  ? 18 GLU B CB  1 
ATOM   357  C  CG  . GLU B 1 18 ? -6.631  1.235   10.307  1.00 11.45 ? 18 GLU B CG  1 
ATOM   358  C  CD  . GLU B 1 18 ? -7.007  2.628   9.802   1.00 35.15 ? 18 GLU B CD  1 
ATOM   359  O  OE1 . GLU B 1 18 ? -7.560  2.820   8.740   1.00 27.59 ? 18 GLU B OE1 1 
ATOM   360  O  OE2 . GLU B 1 18 ? -6.710  3.607   10.643  1.00 22.87 ? 18 GLU B OE2 1 
ATOM   361  N  N   . SER B 1 19 ? -6.059  -3.119  8.370   1.00 8.45  ? 19 SER B N   1 
ATOM   362  C  CA  . SER B 1 19 ? -6.446  -4.337  7.693   1.00 8.47  ? 19 SER B CA  1 
ATOM   363  C  C   . SER B 1 19 ? -6.264  -5.572  8.567   1.00 10.46 ? 19 SER B C   1 
ATOM   364  O  O   . SER B 1 19 ? -6.534  -6.699  8.153   1.00 12.32 ? 19 SER B O   1 
ATOM   365  C  CB  . SER B 1 19 ? -5.737  -4.497  6.340   1.00 10.64 ? 19 SER B CB  1 
ATOM   366  O  OG  . SER B 1 19 ? -4.376  -4.946  6.577   1.00 10.04 ? 19 SER B OG  1 
ATOM   367  N  N   . GLY B 1 20 ? -5.760  -5.352  9.803   1.00 11.02 ? 20 GLY B N   1 
ATOM   368  C  CA  . GLY B 1 20 ? -5.605  -6.475  10.743  1.00 10.35 ? 20 GLY B CA  1 
ATOM   369  C  C   . GLY B 1 20 ? -4.226  -7.031  10.857  1.00 13.66 ? 20 GLY B C   1 
ATOM   370  O  O   . GLY B 1 20 ? -4.047  -8.063  11.510  1.00 16.75 ? 20 GLY B O   1 
ATOM   371  N  N   . LEU B 1 21 ? -3.222  -6.354  10.279  1.00 11.07 ? 21 LEU B N   1 
ATOM   372  C  CA  . LEU B 1 21 ? -1.848  -6.829  10.346  1.00 11.36 ? 21 LEU B CA  1 
ATOM   373  C  C   . LEU B 1 21 ? -1.486  -7.220  11.778  1.00 9.87  ? 21 LEU B C   1 
ATOM   374  O  O   . LEU B 1 21 ? -1.636  -6.435  12.671  1.00 12.16 ? 21 LEU B O   1 
ATOM   375  C  CB  . LEU B 1 21 ? -0.917  -5.712  9.860   1.00 9.87  ? 21 LEU B CB  1 
ATOM   376  C  CG  . LEU B 1 21 ? 0.537   -6.125  9.773   1.00 11.16 ? 21 LEU B CG  1 
ATOM   377  C  CD1 . LEU B 1 21 ? 0.729   -7.019  8.546   1.00 14.06 ? 21 LEU B CD1 1 
ATOM   378  C  CD2 . LEU B 1 21 ? 1.363   -4.852  9.632   1.00 12.82 ? 21 LEU B CD2 1 
ATOM   379  N  N   . SER B 1 22 ? -0.901  -8.413  11.941  1.00 11.89 ? 22 SER B N   1 
ATOM   380  C  CA  . SER B 1 22 ? -0.570  -8.909  13.282  1.00 14.56 ? 22 SER B CA  1 
ATOM   381  C  C   . SER B 1 22 ? 0.787   -8.473  13.745  1.00 12.88 ? 22 SER B C   1 
ATOM   382  O  O   . SER B 1 22 ? 1.625   -8.103  12.938  1.00 11.58 ? 22 SER B O   1 
ATOM   383  C  CB  . SER B 1 22 ? -0.661  -10.406 13.353  1.00 13.59 ? 22 SER B CB  1 
ATOM   384  O  OG  . SER B 1 22 ? 0.373   -10.925 12.549  1.00 15.82 ? 22 SER B OG  1 
ATOM   385  N  N   . LYS B 1 23 ? 1.006   -8.605  15.066  1.00 15.53 ? 23 LYS B N   1 
ATOM   386  C  CA  . LYS B 1 23 ? 2.305   -8.293  15.621  1.00 11.85 ? 23 LYS B CA  1 
ATOM   387  C  C   . LYS B 1 23 ? 3.344   -9.327  15.140  1.00 15.02 ? 23 LYS B C   1 
ATOM   388  O  O   . LYS B 1 23 ? 4.514   -8.984  14.792  1.00 14.16 ? 23 LYS B O   1 
ATOM   389  C  CB  . LYS B 1 23 ? 2.277   -8.117  17.104  1.00 13.89 ? 23 LYS B CB  1 
ATOM   390  C  CG  . LYS B 1 23 ? 1.679   -6.768  17.456  1.00 18.94 ? 23 LYS B CG  1 
ATOM   391  C  CD  . LYS B 1 23 ? 1.266   -6.710  18.905  1.00 24.01 ? 23 LYS B CD  1 
ATOM   392  C  CE  . LYS B 1 23 ? 0.612   -5.400  19.237  1.00 23.90 ? 23 LYS B CE  1 
ATOM   393  N  NZ  . LYS B 1 23 ? 1.602   -4.318  19.300  1.00 70.94 ? 23 LYS B NZ  1 
ATOM   394  N  N   . GLU B 1 24 ? 2.891   -10.575 14.993  1.00 12.51 ? 24 GLU B N   1 
ATOM   395  C  CA  . GLU B 1 24 ? 3.802   -11.568 14.461  1.00 14.02 ? 24 GLU B CA  1 
ATOM   396  C  C   . GLU B 1 24 ? 4.252   -11.193 13.051  1.00 16.58 ? 24 GLU B C   1 
ATOM   397  O  O   . GLU B 1 24 ? 5.411   -11.373 12.661  1.00 15.33 ? 24 GLU B O   1 
ATOM   398  C  CB  . GLU B 1 24 ? 3.260   -13.003 14.504  1.00 18.39 ? 24 GLU B CB  1 
ATOM   399  N  N   . ALA B 1 25 ? 3.351   -10.608 12.246  1.00 17.44 ? 25 ALA B N   1 
ATOM   400  C  CA  . ALA B 1 25 ? 3.745   -10.211 10.889  1.00 15.27 ? 25 ALA B CA  1 
ATOM   401  C  C   . ALA B 1 25 ? 4.781   -9.068  10.916  1.00 11.76 ? 25 ALA B C   1 
ATOM   402  O  O   . ALA B 1 25 ? 5.669   -8.998  10.081  1.00 12.78 ? 25 ALA B O   1 
ATOM   403  C  CB  . ALA B 1 25 ? 2.538   -9.824  10.047  1.00 13.89 ? 25 ALA B CB  1 
ATOM   404  N  N   . LEU B 1 26 ? 4.635   -8.142  11.842  1.00 13.92 ? 26 LEU B N   1 
ATOM   405  C  CA  . LEU B 1 26 ? 5.607   -7.075  11.950  1.00 11.89 ? 26 LEU B CA  1 
ATOM   406  C  C   . LEU B 1 26 ? 6.961   -7.640  12.327  1.00 15.47 ? 26 LEU B C   1 
ATOM   407  O  O   . LEU B 1 26 ? 7.973   -7.240  11.760  1.00 14.98 ? 26 LEU B O   1 
ATOM   408  C  CB  . LEU B 1 26 ? 5.154   -6.047  12.989  1.00 12.68 ? 26 LEU B CB  1 
ATOM   409  C  CG  . LEU B 1 26 ? 4.017   -5.128  12.520  1.00 13.26 ? 26 LEU B CG  1 
ATOM   410  C  CD1 . LEU B 1 26 ? 3.338   -4.497  13.723  1.00 13.11 ? 26 LEU B CD1 1 
ATOM   411  C  CD2 . LEU B 1 26 ? 4.533   -4.023  11.562  1.00 12.44 ? 26 LEU B CD2 1 
ATOM   412  N  N   . ILE B 1 27 ? 6.987   -8.572  13.276  1.00 12.83 ? 27 ILE B N   1 
ATOM   413  C  CA  . ILE B 1 27 ? 8.245   -9.243  13.711  1.00 14.30 ? 27 ILE B CA  1 
ATOM   414  C  C   . ILE B 1 27 ? 8.940   -9.880  12.523  1.00 12.94 ? 27 ILE B C   1 
ATOM   415  O  O   . ILE B 1 27 ? 10.137  -9.699  12.277  1.00 13.99 ? 27 ILE B O   1 
ATOM   416  C  CB  . ILE B 1 27 ? 8.006   -10.310 14.846  1.00 16.10 ? 27 ILE B CB  1 
ATOM   417  C  CG1 . ILE B 1 27 ? 7.474   -9.689  16.132  1.00 16.09 ? 27 ILE B CG1 1 
ATOM   418  C  CG2 . ILE B 1 27 ? 9.224   -11.237 15.088  1.00 15.09 ? 27 ILE B CG2 1 
ATOM   419  C  CD1 . ILE B 1 27 ? 8.472   -8.812  16.831  1.00 29.47 ? 27 ILE B CD1 1 
ATOM   420  N  N   . GLN B 1 28 ? 8.176   -10.620 11.741  1.00 13.02 ? 28 GLN B N   1 
ATOM   421  C  CA  . GLN B 1 28 ? 8.757   -11.249 10.570  1.00 11.32 ? 28 GLN B CA  1 
ATOM   422  C  C   . GLN B 1 28 ? 9.337   -10.264 9.584   1.00 15.82 ? 28 GLN B C   1 
ATOM   423  O  O   . GLN B 1 28 ? 10.387  -10.502 8.993   1.00 15.86 ? 28 GLN B O   1 
ATOM   424  C  CB  . GLN B 1 28 ? 7.755   -12.184 9.903   1.00 15.13 ? 28 GLN B CB  1 
ATOM   425  N  N   . ALA B 1 29 ? 8.626   -9.160  9.332   1.00 14.21 ? 29 ALA B N   1 
ATOM   426  C  CA  . ALA B 1 29 ? 9.082   -8.177  8.355   1.00 12.90 ? 29 ALA B CA  1 
ATOM   427  C  C   . ALA B 1 29 ? 10.389  -7.522  8.791   1.00 20.96 ? 29 ALA B C   1 
ATOM   428  O  O   . ALA B 1 29 ? 11.208  -7.060  7.972   1.00 19.56 ? 29 ALA B O   1 
ATOM   429  C  CB  . ALA B 1 29 ? 8.004   -7.111  8.120   1.00 14.24 ? 29 ALA B CB  1 
ATOM   430  N  N   . LEU B 1 30 ? 10.532  -7.429  10.106  1.00 14.36 ? 30 LEU B N   1 
ATOM   431  C  CA  . LEU B 1 30 ? 11.680  -6.822  10.721  1.00 15.46 ? 30 LEU B CA  1 
ATOM   432  C  C   . LEU B 1 30 ? 12.824  -7.810  10.778  1.00 29.19 ? 30 LEU B C   1 
ATOM   433  O  O   . LEU B 1 30 ? 13.935  -7.337  11.032  1.00 29.38 ? 30 LEU B O   1 
ATOM   434  C  CB  . LEU B 1 30 ? 11.379  -6.342  12.128  1.00 14.93 ? 30 LEU B CB  1 
ATOM   435  C  CG  . LEU B 1 30 ? 10.563  -5.037  12.130  1.00 18.56 ? 30 LEU B CG  1 
ATOM   436  C  CD1 . LEU B 1 30 ? 9.875   -4.819  13.478  1.00 17.76 ? 30 LEU B CD1 1 
ATOM   437  C  CD2 . LEU B 1 30 ? 11.471  -3.853  11.816  1.00 18.50 ? 30 LEU B CD2 1 
ATOM   438  N  N   . VAL C 1 2  ? 16.534  4.596   -9.470  1.00 12.17 ? 2  VAL C N   1 
ATOM   439  C  CA  . VAL C 1 2  ? 15.113  4.927   -9.364  1.00 9.86  ? 2  VAL C CA  1 
ATOM   440  C  C   . VAL C 1 2  ? 14.800  5.687   -8.085  1.00 8.12  ? 2  VAL C C   1 
ATOM   441  O  O   . VAL C 1 2  ? 15.345  5.397   -6.995  1.00 10.89 ? 2  VAL C O   1 
ATOM   442  C  CB  . VAL C 1 2  ? 14.211  3.706   -9.543  1.00 13.58 ? 2  VAL C CB  1 
ATOM   443  C  CG1 . VAL C 1 2  ? 14.419  2.678   -8.432  1.00 16.72 ? 2  VAL C CG1 1 
ATOM   444  C  CG2 . VAL C 1 2  ? 12.763  4.125   -9.667  1.00 17.06 ? 2  VAL C CG2 1 
ATOM   445  N  N   . SER C 1 3  ? 13.911  6.685   -8.178  1.00 7.92  ? 3  SER C N   1 
ATOM   446  C  CA  . SER C 1 3  ? 13.544  7.384   -6.948  1.00 7.19  ? 3  SER C CA  1 
ATOM   447  C  C   . SER C 1 3  ? 12.762  6.466   -6.022  1.00 6.59  ? 3  SER C C   1 
ATOM   448  O  O   . SER C 1 3  ? 12.000  5.616   -6.453  1.00 7.62  ? 3  SER C O   1 
ATOM   449  C  CB  . SER C 1 3  ? 12.804  8.685   -7.191  1.00 8.38  ? 3  SER C CB  1 
ATOM   450  O  OG  . SER C 1 3  ? 11.455  8.430   -7.543  1.00 12.55 ? 3  SER C OG  1 
ATOM   451  N  N   . LYS C 1 4  ? 12.965  6.634   -4.713  1.00 7.71  ? 4  LYS C N   1 
ATOM   452  C  CA  . LYS C 1 4  ? 12.240  5.812   -3.752  1.00 6.46  ? 4  LYS C CA  1 
ATOM   453  C  C   . LYS C 1 4  ? 10.718  6.042   -3.859  1.00 6.39  ? 4  LYS C C   1 
ATOM   454  O  O   . LYS C 1 4  ? 9.910   5.105   -3.726  1.00 7.80  ? 4  LYS C O   1 
ATOM   455  C  CB  . LYS C 1 4  ? 12.733  6.089   -2.330  1.00 7.93  ? 4  LYS C CB  1 
ATOM   456  C  CG  . LYS C 1 4  ? 14.180  5.717   -2.139  1.00 7.71  ? 4  LYS C CG  1 
ATOM   457  C  CD  . LYS C 1 4  ? 14.431  4.262   -2.474  1.00 11.42 ? 4  LYS C CD  1 
ATOM   458  C  CE  . LYS C 1 4  ? 15.696  3.770   -1.796  1.00 16.03 ? 4  LYS C CE  1 
ATOM   459  N  NZ  . LYS C 1 4  ? 16.131  2.463   -2.295  1.00 25.49 ? 4  LYS C NZ  1 
ATOM   460  N  N   . LEU C 1 5  ? 10.289  7.296   -4.080  1.00 6.85  ? 5  LEU C N   1 
ATOM   461  C  CA  . LEU C 1 5  ? 8.854   7.577   -4.202  1.00 8.51  ? 5  LEU C CA  1 
ATOM   462  C  C   . LEU C 1 5  ? 8.270   6.874   -5.410  1.00 6.36  ? 5  LEU C C   1 
ATOM   463  O  O   . LEU C 1 5  ? 7.247   6.166   -5.295  1.00 7.36  ? 5  LEU C O   1 
ATOM   464  C  CB  . LEU C 1 5  ? 8.596   9.107   -4.266  1.00 6.72  ? 5  LEU C CB  1 
ATOM   465  C  CG  . LEU C 1 5  ? 7.143   9.423   -4.621  1.00 7.37  ? 5  LEU C CG  1 
ATOM   466  C  CD1 . LEU C 1 5  ? 6.203   8.940   -3.492  1.00 9.14  ? 5  LEU C CD1 1 
ATOM   467  C  CD2 . LEU C 1 5  ? 7.046   10.925  -4.781  1.00 10.55 ? 5  LEU C CD2 1 
ATOM   468  N  N   . SER C 1 6  ? 8.903   7.030   -6.586  1.00 6.43  ? 6  SER C N   1 
ATOM   469  C  CA  . SER C 1 6  ? 8.394   6.392   -7.806  1.00 7.36  ? 6  SER C CA  1 
ATOM   470  C  C   . SER C 1 6  ? 8.353   4.888   -7.676  1.00 6.57  ? 6  SER C C   1 
ATOM   471  O  O   . SER C 1 6  ? 7.435   4.203   -8.142  1.00 8.31  ? 6  SER C O   1 
ATOM   472  C  CB  . SER C 1 6  ? 9.286   6.840   -8.991  1.00 11.52 ? 6  SER C CB  1 
ATOM   473  O  OG  . SER C 1 6  ? 8.908   6.137   -10.135 1.00 25.45 ? 6  SER C OG  1 
ATOM   474  N  N   . GLN C 1 7  ? 9.375   4.332   -7.050  1.00 7.37  ? 7  GLN C N   1 
ATOM   475  C  CA  . GLN C 1 7  ? 9.436   2.887   -6.859  1.00 8.64  ? 7  GLN C CA  1 
ATOM   476  C  C   . GLN C 1 7  ? 8.295   2.377   -5.933  1.00 7.36  ? 7  GLN C C   1 
ATOM   477  O  O   . GLN C 1 7  ? 7.664   1.343   -6.215  1.00 7.48  ? 7  GLN C O   1 
ATOM   478  C  CB  . GLN C 1 7  ? 10.834  2.441   -6.371  1.00 8.42  ? 7  GLN C CB  1 
ATOM   479  C  CG  . GLN C 1 7  ? 10.881  0.955   -6.114  1.00 9.37  ? 7  GLN C CG  1 
ATOM   480  C  CD  . GLN C 1 7  ? 12.305  0.532   -5.806  1.00 9.61  ? 7  GLN C CD  1 
ATOM   481  O  OE1 . GLN C 1 7  ? 12.893  0.991   -4.792  1.00 14.04 ? 7  GLN C OE1 1 
ATOM   482  N  NE2 . GLN C 1 7  ? 12.868  -0.272  -6.658  1.00 8.02  ? 7  GLN C NE2 1 
ATOM   483  N  N   . LEU C 1 8  ? 8.052   3.108   -4.829  1.00 7.33  ? 8  LEU C N   1 
ATOM   484  C  CA  . LEU C 1 8  ? 6.980   2.708   -3.909  1.00 5.87  ? 8  LEU C CA  1 
ATOM   485  C  C   . LEU C 1 8  ? 5.632   2.769   -4.616  1.00 6.70  ? 8  LEU C C   1 
ATOM   486  O  O   . LEU C 1 8  ? 4.802   1.857   -4.500  1.00 6.81  ? 8  LEU C O   1 
ATOM   487  C  CB  . LEU C 1 8  ? 7.036   3.552   -2.625  1.00 6.41  ? 8  LEU C CB  1 
ATOM   488  C  CG  . LEU C 1 8  ? 5.929   3.236   -1.608  1.00 6.71  ? 8  LEU C CG  1 
ATOM   489  C  CD1 . LEU C 1 8  ? 5.944   1.778   -1.160  1.00 6.96  ? 8  LEU C CD1 1 
ATOM   490  C  CD2 . LEU C 1 8  ? 6.037   4.116   -0.388  1.00 8.22  ? 8  LEU C CD2 1 
ATOM   491  N  N   . GLN C 1 9  ? 5.390   3.832   -5.396  1.00 5.89  ? 9  GLN C N   1 
ATOM   492  C  CA  . GLN C 1 9  ? 4.157   3.957   -6.142  1.00 6.30  ? 9  GLN C CA  1 
ATOM   493  C  C   . GLN C 1 9  ? 4.003   2.776   -7.097  1.00 7.97  ? 9  GLN C C   1 
ATOM   494  O  O   . GLN C 1 9  ? 2.900   2.198   -7.253  1.00 7.21  ? 9  GLN C O   1 
ATOM   495  C  CB  . GLN C 1 9  ? 4.138   5.253   -6.942  1.00 7.31  ? 9  GLN C CB  1 
ATOM   496  C  CG  . GLN C 1 9  ? 4.009   6.529   -6.073  1.00 7.59  ? 9  GLN C CG  1 
ATOM   497  C  CD  . GLN C 1 9  ? 4.290   7.823   -6.902  1.00 8.02  ? 9  GLN C CD  1 
ATOM   498  O  OE1 . GLN C 1 9  ? 5.128   7.820   -7.834  1.00 9.78  ? 9  GLN C OE1 1 
ATOM   499  N  NE2 . GLN C 1 9  ? 3.704   8.953   -6.519  1.00 7.68  ? 9  GLN C NE2 1 
ATOM   500  N  N   . THR C 1 10 ? 5.098   2.448   -7.844  1.00 7.57  ? 10 THR C N   1 
ATOM   501  C  CA  . THR C 1 10 ? 5.112   1.339   -8.796  1.00 7.53  ? 10 THR C CA  1 
ATOM   502  C  C   . THR C 1 10 ? 4.788   0.000   -8.154  1.00 7.30  ? 10 THR C C   1 
ATOM   503  O  O   . THR C 1 10 ? 4.002   -0.810  -8.660  1.00 7.70  ? 10 THR C O   1 
ATOM   504  C  CB  . THR C 1 10 ? 6.473   1.298   -9.523  1.00 6.88  ? 10 THR C CB  1 
ATOM   505  O  OG1 . THR C 1 10 ? 6.604   2.533   -10.248 1.00 10.67 ? 10 THR C OG1 1 
ATOM   506  C  CG2 . THR C 1 10 ? 6.517   0.140   -10.503 1.00 8.94  ? 10 THR C CG2 1 
ATOM   507  N  N   . GLU C 1 11 ? 5.443   -0.250  -7.027  1.00 7.25  ? 11 GLU C N   1 
ATOM   508  C  CA  . GLU C 1 11 ? 5.244   -1.519  -6.271  1.00 6.90  ? 11 GLU C CA  1 
ATOM   509  C  C   . GLU C 1 11 ? 3.835   -1.610  -5.692  1.00 6.14  ? 11 GLU C C   1 
ATOM   510  O  O   . GLU C 1 11 ? 3.202   -2.672  -5.743  1.00 7.11  ? 11 GLU C O   1 
ATOM   511  C  CB  . GLU C 1 11 ? 6.328   -1.722  -5.209  1.00 8.55  ? 11 GLU C CB  1 
ATOM   512  C  CG  . GLU C 1 11 ? 7.698   -1.837  -5.905  1.00 9.56  ? 11 GLU C CG  1 
ATOM   513  C  CD  . GLU C 1 11 ? 8.838   -2.176  -4.987  1.00 12.79 ? 11 GLU C CD  1 
ATOM   514  O  OE1 . GLU C 1 11 ? 8.861   -1.888  -3.823  1.00 13.99 ? 11 GLU C OE1 1 
ATOM   515  O  OE2 . GLU C 1 11 ? 9.823   -2.790  -5.579  1.00 15.88 ? 11 GLU C OE2 1 
HETATM 516  N  N   . MSE C 1 12 ? 3.282   -0.449  -5.245  1.00 6.43  ? 12 MSE C N   1 
HETATM 517  C  CA  . MSE C 1 12 ? 1.873   -0.429  -4.776  1.00 7.61  ? 12 MSE C CA  1 
HETATM 518  C  C   . MSE C 1 12 ? 0.910   -0.736  -5.942  1.00 6.03  ? 12 MSE C C   1 
HETATM 519  O  O   . MSE C 1 12 ? -0.070  -1.503  -5.806  1.00 7.40  ? 12 MSE C O   1 
HETATM 520  C  CB  . MSE C 1 12 ? 1.516   0.945   -4.100  1.00 6.71  ? 12 MSE C CB  1 
HETATM 521  C  CG  . MSE C 1 12 ? 2.230   1.172   -2.737  1.00 6.46  ? 12 MSE C CG  1 
HETATM 522  SE SE  . MSE C 1 12 ? 1.888   2.795   -1.931  1.00 13.26 ? 12 MSE C SE  1 
HETATM 523  C  CE  . MSE C 1 12 ? 3.100   2.754   -0.590  1.00 98.81 ? 12 MSE C CE  1 
ATOM   524  N  N   . LEU C 1 13 ? 1.165   -0.153  -7.117  1.00 6.42  ? 13 LEU C N   1 
ATOM   525  C  CA  . LEU C 1 13 ? 0.336   -0.455  -8.281  1.00 6.86  ? 13 LEU C CA  1 
ATOM   526  C  C   . LEU C 1 13 ? 0.349   -1.935  -8.655  1.00 7.71  ? 13 LEU C C   1 
ATOM   527  O  O   . LEU C 1 13 ? -0.700  -2.552  -8.911  1.00 7.14  ? 13 LEU C O   1 
ATOM   528  C  CB  . LEU C 1 13 ? 0.752   0.417   -9.492  1.00 6.91  ? 13 LEU C CB  1 
ATOM   529  C  CG  . LEU C 1 13 ? 0.419   1.889   -9.380  1.00 7.99  ? 13 LEU C CG  1 
ATOM   530  C  CD1 . LEU C 1 13 ? 1.147   2.634   -10.503 1.00 9.41  ? 13 LEU C CD1 1 
ATOM   531  C  CD2 . LEU C 1 13 ? -1.091  2.143   -9.507  1.00 9.00  ? 13 LEU C CD2 1 
ATOM   532  N  N   . ALA C 1 14 ? 1.539   -2.531  -8.737  1.00 7.60  ? 14 ALA C N   1 
ATOM   533  C  CA  . ALA C 1 14 ? 1.618   -3.963  -9.070  1.00 7.56  ? 14 ALA C CA  1 
ATOM   534  C  C   . ALA C 1 14 ? 0.888   -4.797  -8.019  1.00 7.90  ? 14 ALA C C   1 
ATOM   535  O  O   . ALA C 1 14 ? 0.219   -5.768  -8.358  1.00 8.24  ? 14 ALA C O   1 
ATOM   536  C  CB  . ALA C 1 14 ? 3.059   -4.454  -9.207  1.00 7.71  ? 14 ALA C CB  1 
ATOM   537  N  N   . ALA C 1 15 ? 1.039   -4.453  -6.733  1.00 6.60  ? 15 ALA C N   1 
ATOM   538  C  CA  . ALA C 1 15 ? 0.364   -5.226  -5.706  1.00 7.45  ? 15 ALA C CA  1 
ATOM   539  C  C   . ALA C 1 15 ? -1.173  -5.131  -5.830  1.00 7.74  ? 15 ALA C C   1 
ATOM   540  O  O   . ALA C 1 15 ? -1.924  -6.119  -5.630  1.00 7.61  ? 15 ALA C O   1 
ATOM   541  C  CB  . ALA C 1 15 ? 0.801   -4.745  -4.332  1.00 9.46  ? 15 ALA C CB  1 
ATOM   542  N  N   . LEU C 1 16 ? -1.652  -3.914  -6.148  1.00 7.62  ? 16 LEU C N   1 
ATOM   543  C  CA  . LEU C 1 16 ? -3.066  -3.718  -6.402  1.00 7.15  ? 16 LEU C CA  1 
ATOM   544  C  C   . LEU C 1 16 ? -3.515  -4.591  -7.538  1.00 7.76  ? 16 LEU C C   1 
ATOM   545  O  O   . LEU C 1 16 ? -4.562  -5.320  -7.449  1.00 8.39  ? 16 LEU C O   1 
ATOM   546  C  CB  . LEU C 1 16 ? -3.363  -2.245  -6.707  1.00 6.95  ? 16 LEU C CB  1 
ATOM   547  C  CG  . LEU C 1 16 ? -3.526  -1.375  -5.463  1.00 7.26  ? 16 LEU C CG  1 
ATOM   548  C  CD1 . LEU C 1 16 ? -3.385  0.088   -5.811  1.00 8.31  ? 16 LEU C CD1 1 
ATOM   549  C  CD2 . LEU C 1 16 ? -4.841  -1.680  -4.733  1.00 10.84 ? 16 LEU C CD2 1 
ATOM   550  N  N   . LEU C 1 17 ? -2.778  -4.530  -8.649  1.00 6.76  ? 17 LEU C N   1 
ATOM   551  C  CA  . LEU C 1 17 ? -3.145  -5.340  -9.789  1.00 7.84  ? 17 LEU C CA  1 
ATOM   552  C  C   . LEU C 1 17 ? -3.211  -6.843  -9.439  1.00 7.53  ? 17 LEU C C   1 
ATOM   553  O  O   . LEU C 1 17 ? -4.148  -7.599  -9.852  1.00 8.84  ? 17 LEU C O   1 
ATOM   554  C  CB  . LEU C 1 17 ? -2.115  -5.081  -10.907 1.00 9.15  ? 17 LEU C CB  1 
ATOM   555  C  CG  . LEU C 1 17 ? -2.332  -5.903  -12.171 1.00 11.53 ? 17 LEU C CG  1 
ATOM   556  C  CD1 . LEU C 1 17 ? -3.614  -5.414  -12.844 1.00 15.07 ? 17 LEU C CD1 1 
ATOM   557  C  CD2 . LEU C 1 17 ? -1.143  -5.717  -13.105 1.00 16.61 ? 17 LEU C CD2 1 
ATOM   558  N  N   . GLU C 1 18 ? -2.222  -7.302  -8.673  1.00 6.30  ? 18 GLU C N   1 
ATOM   559  C  CA  . GLU C 1 18 ? -2.125  -8.723  -8.370  1.00 7.55  ? 18 GLU C CA  1 
ATOM   560  C  C   . GLU C 1 18 ? -3.165  -9.175  -7.379  1.00 6.16  ? 18 GLU C C   1 
ATOM   561  O  O   . GLU C 1 18 ? -3.522  -10.375 -7.318  1.00 8.22  ? 18 GLU C O   1 
ATOM   562  C  CB  . GLU C 1 18 ? -0.682  -9.113  -7.911  1.00 7.52  ? 18 GLU C CB  1 
ATOM   563  C  CG  . GLU C 1 18 ? 0.330   -8.850  -9.058  1.00 8.43  ? 18 GLU C CG  1 
ATOM   564  C  CD  . GLU C 1 18 ? 1.767   -8.876  -8.600  1.00 10.44 ? 18 GLU C CD  1 
ATOM   565  O  OE1 . GLU C 1 18 ? 2.101   -9.145  -7.418  1.00 9.37  ? 18 GLU C OE1 1 
ATOM   566  O  OE2 . GLU C 1 18 ? 2.617   -8.615  -9.595  1.00 11.34 ? 18 GLU C OE2 1 
ATOM   567  N  N   . SER C 1 19 ? -3.626  -8.204  -6.582  1.00 6.91  ? 19 SER C N   1 
ATOM   568  C  CA  . SER C 1 19 ? -4.640  -8.496  -5.553  1.00 8.56  ? 19 SER C CA  1 
ATOM   569  C  C   . SER C 1 19 ? -6.037  -8.660  -6.151  1.00 8.91  ? 19 SER C C   1 
ATOM   570  O  O   . SER C 1 19 ? -6.920  -9.121  -5.465  1.00 12.54 ? 19 SER C O   1 
ATOM   571  C  CB  . SER C 1 19 ? -4.656  -7.472  -4.419  1.00 9.21  ? 19 SER C CB  1 
ATOM   572  O  OG  . SER C 1 19 ? -5.208  -6.278  -4.906  1.00 11.15 ? 19 SER C OG  1 
ATOM   573  N  N   . GLY C 1 20 ? -6.240  -8.300  -7.416  1.00 9.79  ? 20 GLY C N   1 
ATOM   574  C  CA  . GLY C 1 20 ? -7.535  -8.458  -8.099  1.00 9.90  ? 20 GLY C CA  1 
ATOM   575  C  C   . GLY C 1 20 ? -8.451  -7.289  -7.807  1.00 12.85 ? 20 GLY C C   1 
ATOM   576  O  O   . GLY C 1 20 ? -9.316  -7.366  -6.966  1.00 49.54 ? 20 GLY C O   1 
ATOM   577  N  N   . LEU C 1 21 ? -8.138  -6.179  -8.384  1.00 12.44 ? 21 LEU C N   1 
ATOM   578  C  CA  . LEU C 1 21 ? -8.909  -4.938  -8.206  1.00 11.01 ? 21 LEU C CA  1 
ATOM   579  C  C   . LEU C 1 21 ? -9.932  -4.881  -9.327  1.00 18.14 ? 21 LEU C C   1 
ATOM   580  O  O   . LEU C 1 21 ? -9.554  -4.970  -10.486 1.00 21.28 ? 21 LEU C O   1 
ATOM   581  C  CB  . LEU C 1 21 ? -7.981  -3.718  -8.387  1.00 10.79 ? 21 LEU C CB  1 
ATOM   582  C  CG  . LEU C 1 21 ? -8.684  -2.410  -8.148  1.00 11.41 ? 21 LEU C CG  1 
ATOM   583  C  CD1 . LEU C 1 21 ? -9.066  -2.268  -6.651  1.00 13.53 ? 21 LEU C CD1 1 
ATOM   584  C  CD2 . LEU C 1 21 ? -7.763  -1.267  -8.600  1.00 11.71 ? 21 LEU C CD2 1 
ATOM   585  N  N   . SER C 1 22 ? -11.197 -4.835  -8.969  1.00 16.07 ? 22 SER C N   1 
ATOM   586  C  CA  . SER C 1 22 ? -12.241 -4.770  -9.984  1.00 19.04 ? 22 SER C CA  1 
ATOM   587  C  C   . SER C 1 22 ? -12.250 -3.451  -10.749 1.00 22.15 ? 22 SER C C   1 
ATOM   588  O  O   . SER C 1 22 ? -11.793 -2.406  -10.269 1.00 15.53 ? 22 SER C O   1 
ATOM   589  C  CB  . SER C 1 22 ? -13.616 -5.009  -9.405  1.00 16.35 ? 22 SER C CB  1 
ATOM   590  O  OG  . SER C 1 22 ? -14.034 -3.849  -8.708  1.00 18.82 ? 22 SER C OG  1 
ATOM   591  N  N   . LYS C 1 23 ? -12.827 -3.515  -11.955 1.00 23.82 ? 23 LYS C N   1 
ATOM   592  C  CA  . LYS C 1 23 ? -13.007 -2.367  -12.845 1.00 18.13 ? 23 LYS C CA  1 
ATOM   593  C  C   . LYS C 1 23 ? -13.896 -1.326  -12.195 1.00 14.24 ? 23 LYS C C   1 
ATOM   594  O  O   . LYS C 1 23 ? -13.609 -0.150  -12.266 1.00 18.60 ? 23 LYS C O   1 
ATOM   595  C  CB  . LYS C 1 23 ? -13.599 -2.802  -14.182 1.00 21.90 ? 23 LYS C CB  1 
ATOM   596  C  CG  . LYS C 1 23 ? -12.940 -4.087  -14.722 1.00 37.94 ? 23 LYS C CG  1 
ATOM   597  C  CD  . LYS C 1 23 ? -13.192 -5.368  -13.901 1.00 46.02 ? 23 LYS C CD  1 
ATOM   598  C  CE  . LYS C 1 23 ? -12.277 -6.528  -14.260 1.00 85.82 ? 23 LYS C CE  1 
ATOM   599  N  NZ  . LYS C 1 23 ? -11.888 -7.348  -13.097 1.00 71.68 ? 23 LYS C NZ  1 
ATOM   600  N  N   . GLU C 1 24 ? -14.921 -1.797  -11.440 1.00 18.48 ? 24 GLU C N   1 
ATOM   601  C  CA  . GLU C 1 24 ? -15.806 -0.925  -10.668 1.00 14.31 ? 24 GLU C CA  1 
ATOM   602  C  C   . GLU C 1 24 ? -15.088 -0.224  -9.536  1.00 16.89 ? 24 GLU C C   1 
ATOM   603  O  O   . GLU C 1 24 ? -15.322 0.955   -9.240  1.00 15.57 ? 24 GLU C O   1 
ATOM   604  C  CB  . GLU C 1 24 ? -16.993 -1.688  -10.107 1.00 24.75 ? 24 GLU C CB  1 
ATOM   605  C  CG  . GLU C 1 24 ? -18.033 -2.024  -11.187 1.00 44.28 ? 24 GLU C CG  1 
ATOM   606  C  CD  . GLU C 1 24 ? -18.967 -3.100  -10.742 1.00 98.81 ? 24 GLU C CD  1 
ATOM   607  O  OE1 . GLU C 1 24 ? -19.201 -3.327  -9.566  1.00 98.81 ? 24 GLU C OE1 1 
ATOM   608  O  OE2 . GLU C 1 24 ? -19.403 -3.834  -11.740 1.00 84.44 ? 24 GLU C OE2 1 
ATOM   609  N  N   . ALA C 1 25 ? -14.176 -0.928  -8.869  1.00 13.99 ? 25 ALA C N   1 
ATOM   610  C  CA  . ALA C 1 25 ? -13.454 -0.307  -7.777  1.00 12.91 ? 25 ALA C CA  1 
ATOM   611  C  C   . ALA C 1 25 ? -12.529 0.767   -8.282  1.00 10.54 ? 25 ALA C C   1 
ATOM   612  O  O   . ALA C 1 25 ? -12.303 1.759   -7.644  1.00 12.30 ? 25 ALA C O   1 
ATOM   613  C  CB  . ALA C 1 25 ? -12.654 -1.339  -6.956  1.00 13.13 ? 25 ALA C CB  1 
ATOM   614  N  N   . LEU C 1 26 ? -11.939 0.540   -9.426  1.00 11.02 ? 26 LEU C N   1 
ATOM   615  C  CA  . LEU C 1 26 ? -11.063 1.514   -9.994  1.00 11.41 ? 26 LEU C CA  1 
ATOM   616  C  C   . LEU C 1 26 ? -11.875 2.754   -10.292 1.00 10.37 ? 26 LEU C C   1 
ATOM   617  O  O   . LEU C 1 26 ? -11.465 3.833   -9.942  1.00 12.74 ? 26 LEU C O   1 
ATOM   618  C  CB  . LEU C 1 26 ? -10.420 0.991   -11.313 1.00 13.13 ? 26 LEU C CB  1 
ATOM   619  C  CG  . LEU C 1 26 ? -9.587  2.060   -12.049 1.00 13.01 ? 26 LEU C CG  1 
ATOM   620  C  CD1 . LEU C 1 26 ? -8.436  2.566   -11.145 1.00 14.59 ? 26 LEU C CD1 1 
ATOM   621  C  CD2 . LEU C 1 26 ? -9.043  1.463   -13.359 1.00 13.71 ? 26 LEU C CD2 1 
ATOM   622  N  N   . ILE C 1 27 ? -13.052 2.584   -10.942 1.00 14.52 ? 27 ILE C N   1 
ATOM   623  C  CA  . ILE C 1 27 ? -13.902 3.746   -11.270 1.00 15.69 ? 27 ILE C CA  1 
ATOM   624  C  C   . ILE C 1 27 ? -14.314 4.528   -10.036 1.00 11.01 ? 27 ILE C C   1 
ATOM   625  O  O   . ILE C 1 27 ? -14.275 5.738   -10.003 1.00 14.77 ? 27 ILE C O   1 
ATOM   626  C  CB  . ILE C 1 27 ? -15.106 3.268   -12.082 1.00 19.38 ? 27 ILE C CB  1 
ATOM   627  C  CG1 . ILE C 1 27 ? -14.620 2.903   -13.491 1.00 13.06 ? 27 ILE C CG1 1 
ATOM   628  C  CG2 . ILE C 1 27 ? -16.243 4.347   -12.114 1.00 17.40 ? 27 ILE C CG2 1 
ATOM   629  C  CD1 . ILE C 1 27 ? -15.631 2.055   -14.270 1.00 15.78 ? 27 ILE C CD1 1 
ATOM   630  N  N   . GLN C 1 28 ? -14.644 3.813   -8.966  1.00 13.88 ? 28 GLN C N   1 
ATOM   631  C  CA  . GLN C 1 28 ? -15.051 4.443   -7.739  1.00 13.35 ? 28 GLN C CA  1 
ATOM   632  C  C   . GLN C 1 28 ? -13.924 5.294   -7.148  1.00 11.71 ? 28 GLN C C   1 
ATOM   633  O  O   . GLN C 1 28 ? -14.094 6.430   -6.750  1.00 13.08 ? 28 GLN C O   1 
ATOM   634  C  CB  . GLN C 1 28 ? -15.598 3.379   -6.756  1.00 15.28 ? 28 GLN C CB  1 
ATOM   635  C  CG  . GLN C 1 28 ? -16.405 3.953   -5.591  1.00 49.30 ? 28 GLN C CG  1 
ATOM   636  C  CD  . GLN C 1 28 ? -17.551 4.798   -6.095  1.00 98.81 ? 28 GLN C CD  1 
ATOM   637  O  OE1 . GLN C 1 28 ? -17.910 4.719   -7.280  1.00 85.11 ? 28 GLN C OE1 1 
ATOM   638  N  NE2 . GLN C 1 28 ? -18.098 5.647   -5.225  1.00 52.14 ? 28 GLN C NE2 1 
ATOM   639  N  N   . ALA C 1 29 ? -12.696 4.780   -7.203  1.00 11.79 ? 29 ALA C N   1 
ATOM   640  C  CA  . ALA C 1 29 ? -11.575 5.566   -6.686  1.00 13.37 ? 29 ALA C CA  1 
ATOM   641  C  C   . ALA C 1 29 ? -11.255 6.820   -7.513  1.00 13.21 ? 29 ALA C C   1 
ATOM   642  O  O   . ALA C 1 29 ? -10.674 7.756   -7.012  1.00 14.37 ? 29 ALA C O   1 
ATOM   643  C  CB  . ALA C 1 29 ? -10.336 4.670   -6.622  1.00 13.75 ? 29 ALA C CB  1 
ATOM   644  N  N   . LEU C 1 30 ? -11.653 6.831   -8.786  1.00 13.57 ? 30 LEU C N   1 
ATOM   645  C  CA  . LEU C 1 30 ? -11.383 7.941   -9.665  1.00 16.46 ? 30 LEU C CA  1 
ATOM   646  C  C   . LEU C 1 30 ? -12.552 8.927   -9.639  1.00 19.99 ? 30 LEU C C   1 
ATOM   647  O  O   . LEU C 1 30 ? -12.346 10.100  -10.003 1.00 25.43 ? 30 LEU C O   1 
ATOM   648  C  CB  . LEU C 1 30 ? -11.066 7.425   -11.077 1.00 16.58 ? 30 LEU C CB  1 
ATOM   649  N  N   . MET D 1 1  ? 0.034   -21.823 0.606   1.00 74.97 ? 1  MET D N   1 
ATOM   650  C  CA  . MET D 1 1  ? -1.061  -21.036 1.127   1.00 77.15 ? 1  MET D CA  1 
ATOM   651  C  C   . MET D 1 1  ? -0.906  -19.587 0.791   1.00 26.15 ? 1  MET D C   1 
ATOM   652  O  O   . MET D 1 1  ? -0.903  -19.179 -0.358  1.00 98.81 ? 1  MET D O   1 
ATOM   653  C  CB  . MET D 1 1  ? -1.294  -21.210 2.632   1.00 54.54 ? 1  MET D CB  1 
ATOM   654  N  N   . VAL D 1 2  ? -0.799  -18.833 1.804   1.00 49.37 ? 2  VAL D N   1 
ATOM   655  C  CA  . VAL D 1 2  ? -0.731  -17.476 1.620   1.00 15.82 ? 2  VAL D CA  1 
ATOM   656  C  C   . VAL D 1 2  ? -1.937  -16.956 0.917   1.00 11.75 ? 2  VAL D C   1 
ATOM   657  O  O   . VAL D 1 2  ? -2.108  -17.159 -0.264  1.00 14.87 ? 2  VAL D O   1 
ATOM   658  C  CB  . VAL D 1 2  ? 0.552   -17.020 1.040   1.00 14.86 ? 2  VAL D CB  1 
ATOM   659  C  CG1 . VAL D 1 2  ? 0.699   -15.556 1.411   1.00 21.15 ? 2  VAL D CG1 1 
ATOM   660  C  CG2 . VAL D 1 2  ? 1.649   -17.832 1.726   1.00 20.36 ? 2  VAL D CG2 1 
ATOM   661  N  N   . SER D 1 3  ? -2.747  -16.218 1.678   1.00 10.84 ? 3  SER D N   1 
ATOM   662  C  CA  . SER D 1 3  ? -3.907  -15.569 1.134   1.00 8.76  ? 3  SER D CA  1 
ATOM   663  C  C   . SER D 1 3  ? -3.537  -14.312 0.362   1.00 8.08  ? 3  SER D C   1 
ATOM   664  O  O   . SER D 1 3  ? -2.449  -13.765 0.523   1.00 8.39  ? 3  SER D O   1 
ATOM   665  C  CB  . SER D 1 3  ? -4.839  -15.222 2.278   1.00 10.36 ? 3  SER D CB  1 
ATOM   666  O  OG  . SER D 1 3  ? -4.292  -14.169 3.075   1.00 11.81 ? 3  SER D OG  1 
ATOM   667  N  N   . LYS D 1 4  ? -4.463  -13.808 -0.462  1.00 9.19  ? 4  LYS D N   1 
ATOM   668  C  CA  . LYS D 1 4  ? -4.245  -12.558 -1.169  1.00 7.11  ? 4  LYS D CA  1 
ATOM   669  C  C   . LYS D 1 4  ? -3.900  -11.443 -0.206  1.00 7.86  ? 4  LYS D C   1 
ATOM   670  O  O   . LYS D 1 4  ? -2.986  -10.597 -0.432  1.00 7.82  ? 4  LYS D O   1 
ATOM   671  C  CB  . LYS D 1 4  ? -5.425  -12.101 -1.998  1.00 10.39 ? 4  LYS D CB  1 
ATOM   672  C  CG  . LYS D 1 4  ? -5.686  -12.959 -3.208  1.00 13.41 ? 4  LYS D CG  1 
ATOM   673  C  CD  . LYS D 1 4  ? -6.733  -12.325 -4.151  1.00 11.71 ? 4  LYS D CD  1 
ATOM   674  C  CE  . LYS D 1 4  ? -7.072  -13.200 -5.351  1.00 13.93 ? 4  LYS D CE  1 
ATOM   675  N  NZ  . LYS D 1 4  ? -7.903  -12.458 -6.315  1.00 21.38 ? 4  LYS D NZ  1 
ATOM   676  N  N   . LEU D 1 5  ? -4.650  -11.362 0.901   1.00 7.98  ? 5  LEU D N   1 
ATOM   677  C  CA  . LEU D 1 5  ? -4.423  -10.280 1.828   1.00 7.42  ? 5  LEU D CA  1 
ATOM   678  C  C   . LEU D 1 5  ? -3.081  -10.421 2.529   1.00 7.07  ? 5  LEU D C   1 
ATOM   679  O  O   . LEU D 1 5  ? -2.330  -9.444  2.666   1.00 8.28  ? 5  LEU D O   1 
ATOM   680  C  CB  . LEU D 1 5  ? -5.610  -10.181 2.839   1.00 9.40  ? 5  LEU D CB  1 
ATOM   681  C  CG  . LEU D 1 5  ? -5.443  -9.121  3.925   1.00 8.80  ? 5  LEU D CG  1 
ATOM   682  C  CD1 . LEU D 1 5  ? -5.388  -7.678  3.364   1.00 11.83 ? 5  LEU D CD1 1 
ATOM   683  C  CD2 . LEU D 1 5  ? -6.645  -9.234  4.842   1.00 11.10 ? 5  LEU D CD2 1 
ATOM   684  N  N   . SER D 1 6  ? -2.756  -11.647 2.977   1.00 6.89  ? 6  SER D N   1 
ATOM   685  C  CA  . SER D 1 6  ? -1.456  -11.842 3.621   1.00 7.60  ? 6  SER D CA  1 
ATOM   686  C  C   . SER D 1 6  ? -0.305  -11.501 2.682   1.00 6.55  ? 6  SER D C   1 
ATOM   687  O  O   . SER D 1 6  ? 0.675   -10.871 3.092   1.00 8.81  ? 6  SER D O   1 
ATOM   688  C  CB  . SER D 1 6  ? -1.362  -13.280 4.071   1.00 11.37 ? 6  SER D CB  1 
ATOM   689  O  OG  . SER D 1 6  ? -0.035  -13.594 4.338   1.00 25.28 ? 6  SER D OG  1 
ATOM   690  N  N   . GLN D 1 7  ? -0.389  -11.902 1.431   1.00 6.48  ? 7  GLN D N   1 
ATOM   691  C  CA  . GLN D 1 7  ? 0.673   -11.655 0.473   1.00 7.34  ? 7  GLN D CA  1 
ATOM   692  C  C   . GLN D 1 7  ? 0.853   -10.148 0.255   1.00 8.03  ? 7  GLN D C   1 
ATOM   693  O  O   . GLN D 1 7  ? 1.969   -9.604  0.220   1.00 8.51  ? 7  GLN D O   1 
ATOM   694  C  CB  . GLN D 1 7  ? 0.331   -12.354 -0.858  1.00 8.02  ? 7  GLN D CB  1 
ATOM   695  C  CG  . GLN D 1 7  ? 1.507   -12.269 -1.847  1.00 10.57 ? 7  GLN D CG  1 
ATOM   696  C  CD  . GLN D 1 7  ? 2.540   -13.328 -1.490  1.00 19.82 ? 7  GLN D CD  1 
ATOM   697  O  OE1 . GLN D 1 7  ? 2.298   -14.580 -1.608  1.00 18.34 ? 7  GLN D OE1 1 
ATOM   698  N  NE2 . GLN D 1 7  ? 3.651   -12.856 -0.943  1.00 17.99 ? 7  GLN D NE2 1 
ATOM   699  N  N   . LEU D 1 8  ? -0.266  -9.420  0.134   1.00 7.91  ? 8  LEU D N   1 
ATOM   700  C  CA  . LEU D 1 8  ? -0.272  -7.981  -0.052  1.00 7.59  ? 8  LEU D CA  1 
ATOM   701  C  C   . LEU D 1 8  ? 0.379   -7.320  1.142   1.00 8.22  ? 8  LEU D C   1 
ATOM   702  O  O   . LEU D 1 8  ? 1.218   -6.415  1.016   1.00 7.88  ? 8  LEU D O   1 
ATOM   703  C  CB  . LEU D 1 8  ? -1.746  -7.504  -0.269  1.00 8.86  ? 8  LEU D CB  1 
ATOM   704  C  CG  . LEU D 1 8  ? -1.959  -6.007  -0.454  1.00 10.64 ? 8  LEU D CG  1 
ATOM   705  C  CD1 . LEU D 1 8  ? -1.281  -5.533  -1.719  1.00 12.83 ? 8  LEU D CD1 1 
ATOM   706  C  CD2 . LEU D 1 8  ? -3.448  -5.726  -0.626  1.00 16.87 ? 8  LEU D CD2 1 
ATOM   707  N  N   . GLN D 1 9  ? -0.002  -7.763  2.337   1.00 7.37  ? 9  GLN D N   1 
ATOM   708  C  CA  . GLN D 1 9  ? 0.557   -7.160  3.545   1.00 7.81  ? 9  GLN D CA  1 
ATOM   709  C  C   . GLN D 1 9  ? 2.099   -7.384  3.606   1.00 7.51  ? 9  GLN D C   1 
ATOM   710  O  O   . GLN D 1 9  ? 2.867   -6.444  3.897   1.00 8.18  ? 9  GLN D O   1 
ATOM   711  C  CB  . GLN D 1 9  ? -0.088  -7.775  4.799   1.00 8.78  ? 9  GLN D CB  1 
ATOM   712  C  CG  . GLN D 1 9  ? -1.545  -7.338  5.043   1.00 8.45  ? 9  GLN D CG  1 
ATOM   713  C  CD  . GLN D 1 9  ? -2.267  -8.236  6.035   1.00 9.22  ? 9  GLN D CD  1 
ATOM   714  O  OE1 . GLN D 1 9  ? -1.915  -9.416  6.190   1.00 10.82 ? 9  GLN D OE1 1 
ATOM   715  N  NE2 . GLN D 1 9  ? -3.317  -7.702  6.699   1.00 8.27  ? 9  GLN D NE2 1 
ATOM   716  N  N   . THR D 1 10 ? 2.541   -8.637  3.378   1.00 6.96  ? 10 THR D N   1 
ATOM   717  C  CA  . THR D 1 10 ? 3.971   -8.976  3.420   1.00 8.26  ? 10 THR D CA  1 
ATOM   718  C  C   . THR D 1 10 ? 4.783   -8.136  2.414   1.00 7.29  ? 10 THR D C   1 
ATOM   719  O  O   . THR D 1 10 ? 5.810   -7.515  2.748   1.00 8.08  ? 10 THR D O   1 
ATOM   720  C  CB  . THR D 1 10 ? 4.155   -10.463 3.150   1.00 8.90  ? 10 THR D CB  1 
ATOM   721  O  OG1 . THR D 1 10 ? 3.543   -11.169 4.185   1.00 11.35 ? 10 THR D OG1 1 
ATOM   722  C  CG2 . THR D 1 10 ? 5.635   -10.850 3.048   1.00 14.08 ? 10 THR D CG2 1 
ATOM   723  N  N   . GLU D 1 11 ? 4.296   -8.091  1.170   1.00 7.80  ? 11 GLU D N   1 
ATOM   724  C  CA  . GLU D 1 11 ? 4.966   -7.308  0.126   1.00 7.88  ? 11 GLU D CA  1 
ATOM   725  C  C   . GLU D 1 11 ? 4.971   -5.801  0.399   1.00 7.02  ? 11 GLU D C   1 
ATOM   726  O  O   . GLU D 1 11 ? 5.952   -5.122  0.081   1.00 7.24  ? 11 GLU D O   1 
ATOM   727  C  CB  . GLU D 1 11 ? 4.286   -7.592  -1.214  1.00 7.43  ? 11 GLU D CB  1 
ATOM   728  C  CG  . GLU D 1 11 ? 4.546   -9.033  -1.650  1.00 11.15 ? 11 GLU D CG  1 
ATOM   729  C  CD  . GLU D 1 11 ? 3.956   -9.395  -2.996  1.00 20.06 ? 11 GLU D CD  1 
ATOM   730  O  OE1 . GLU D 1 11 ? 2.988   -8.855  -3.434  1.00 19.31 ? 11 GLU D OE1 1 
ATOM   731  O  OE2 . GLU D 1 11 ? 4.697   -10.214 -3.698  1.00 23.42 ? 11 GLU D OE2 1 
HETATM 732  N  N   . MSE D 1 12 ? 3.892   -5.227  0.984   1.00 6.22  ? 12 MSE D N   1 
HETATM 733  C  CA  . MSE D 1 12 ? 3.898   -3.818  1.250   1.00 5.95  ? 12 MSE D CA  1 
HETATM 734  C  C   . MSE D 1 12 ? 4.791   -3.448  2.454   1.00 6.52  ? 12 MSE D C   1 
HETATM 735  O  O   . MSE D 1 12 ? 5.404   -2.396  2.431   1.00 6.58  ? 12 MSE D O   1 
HETATM 736  C  CB  . MSE D 1 12 ? 2.462   -3.204  1.374   1.00 9.88  ? 12 MSE D CB  1 
HETATM 737  C  CG  . MSE D 1 12 ? 1.667   -3.237  0.043   1.00 7.58  ? 12 MSE D CG  1 
HETATM 738  SE SE  . MSE D 1 12 ? 2.514   -2.360  -1.356  1.00 15.34 ? 12 MSE D SE  1 
HETATM 739  C  CE  . MSE D 1 12 ? 3.413   -3.781  -2.083  1.00 9.92  ? 12 MSE D CE  1 
ATOM   740  N  N   . LEU D 1 13 ? 4.950   -4.349  3.431   1.00 5.94  ? 13 LEU D N   1 
ATOM   741  C  CA  . LEU D 1 13 ? 5.917   -4.075  4.491   1.00 7.54  ? 13 LEU D CA  1 
ATOM   742  C  C   . LEU D 1 13 ? 7.333   -4.040  3.867   1.00 6.93  ? 13 LEU D C   1 
ATOM   743  O  O   . LEU D 1 13 ? 8.128   -3.134  4.157   1.00 8.15  ? 13 LEU D O   1 
ATOM   744  C  CB  . LEU D 1 13 ? 5.835   -5.121  5.614   1.00 8.12  ? 13 LEU D CB  1 
ATOM   745  C  CG  . LEU D 1 13 ? 4.572   -4.985  6.429   1.00 8.07  ? 13 LEU D CG  1 
ATOM   746  C  CD1 . LEU D 1 13 ? 4.401   -6.225  7.326   1.00 12.84 ? 13 LEU D CD1 1 
ATOM   747  C  CD2 . LEU D 1 13 ? 4.607   -3.701  7.252   1.00 11.35 ? 13 LEU D CD2 1 
ATOM   748  N  N   . ALA D 1 14 ? 7.619   -5.009  2.979   1.00 6.34  ? 14 ALA D N   1 
ATOM   749  C  CA  . ALA D 1 14 ? 8.905   -4.973  2.299   1.00 6.93  ? 14 ALA D CA  1 
ATOM   750  C  C   . ALA D 1 14 ? 9.100   -3.730  1.497   1.00 6.61  ? 14 ALA D C   1 
ATOM   751  O  O   . ALA D 1 14 ? 10.198  -3.120  1.482   1.00 8.54  ? 14 ALA D O   1 
ATOM   752  C  CB  . ALA D 1 14 ? 9.097   -6.162  1.397   1.00 8.77  ? 14 ALA D CB  1 
ATOM   753  N  N   . ALA D 1 15 ? 8.051   -3.313  0.758   1.00 7.06  ? 15 ALA D N   1 
ATOM   754  C  CA  . ALA D 1 15 ? 8.175   -2.118  -0.075  1.00 6.83  ? 15 ALA D CA  1 
ATOM   755  C  C   . ALA D 1 15 ? 8.410   -0.872  0.777   1.00 6.76  ? 15 ALA D C   1 
ATOM   756  O  O   . ALA D 1 15 ? 9.162   0.060   0.375   1.00 7.41  ? 15 ALA D O   1 
ATOM   757  C  CB  . ALA D 1 15 ? 6.959   -2.001  -0.999  1.00 7.82  ? 15 ALA D CB  1 
ATOM   758  N  N   . LEU D 1 16 ? 7.751   -0.812  1.938   1.00 6.40  ? 16 LEU D N   1 
ATOM   759  C  CA  . LEU D 1 16 ? 7.940   0.341   2.809   1.00 6.33  ? 16 LEU D CA  1 
ATOM   760  C  C   . LEU D 1 16 ? 9.391   0.427   3.285   1.00 7.64  ? 16 LEU D C   1 
ATOM   761  O  O   . LEU D 1 16 ? 10.014  1.493   3.213   1.00 7.22  ? 16 LEU D O   1 
ATOM   762  C  CB  . LEU D 1 16 ? 7.020   0.287   4.033   1.00 6.35  ? 16 LEU D CB  1 
ATOM   763  C  CG  . LEU D 1 16 ? 5.542   0.605   3.749   1.00 7.07  ? 16 LEU D CG  1 
ATOM   764  C  CD1 . LEU D 1 16 ? 4.722   0.282   5.004   1.00 8.47  ? 16 LEU D CD1 1 
ATOM   765  C  CD2 . LEU D 1 16 ? 5.417   2.057   3.329   1.00 8.49  ? 16 LEU D CD2 1 
ATOM   766  N  N   . LEU D 1 17 ? 9.952   -0.735  3.687   1.00 7.54  ? 17 LEU D N   1 
ATOM   767  C  CA  . LEU D 1 17 ? 11.382  -0.748  4.092   1.00 8.81  ? 17 LEU D CA  1 
ATOM   768  C  C   . LEU D 1 17 ? 12.289  -0.385  2.945   1.00 8.08  ? 17 LEU D C   1 
ATOM   769  O  O   . LEU D 1 17 ? 13.214  0.431   3.096   1.00 10.23 ? 17 LEU D O   1 
ATOM   770  C  CB  . LEU D 1 17 ? 11.839  -2.068  4.749   1.00 8.47  ? 17 LEU D CB  1 
ATOM   771  C  CG  . LEU D 1 17 ? 11.070  -2.332  6.067   1.00 11.84 ? 17 LEU D CG  1 
ATOM   772  C  CD1 . LEU D 1 17 ? 11.209  -3.777  6.608   1.00 17.03 ? 17 LEU D CD1 1 
ATOM   773  C  CD2 . LEU D 1 17 ? 11.386  -1.266  7.135   1.00 12.21 ? 17 LEU D CD2 1 
ATOM   774  N  N   . GLU D 1 18 ? 12.009  -0.957  1.783   1.00 7.06  ? 18 GLU D N   1 
ATOM   775  C  CA  . GLU D 1 18 ? 12.822  -0.654  0.600   1.00 9.39  ? 18 GLU D CA  1 
ATOM   776  C  C   . GLU D 1 18 ? 12.801  0.833   0.247   1.00 7.54  ? 18 GLU D C   1 
ATOM   777  O  O   . GLU D 1 18 ? 13.810  1.434   -0.209  1.00 9.62  ? 18 GLU D O   1 
ATOM   778  C  CB  . GLU D 1 18 ? 12.306  -1.427  -0.591  1.00 9.19  ? 18 GLU D CB  1 
ATOM   779  N  N   . SER D 1 19 ? 11.655  1.471   0.487   1.00 7.60  ? 19 SER D N   1 
ATOM   780  C  CA  . SER D 1 19 ? 11.479  2.906   0.165   1.00 7.31  ? 19 SER D CA  1 
ATOM   781  C  C   . SER D 1 19 ? 12.212  3.815   1.146   1.00 8.28  ? 19 SER D C   1 
ATOM   782  O  O   . SER D 1 19 ? 12.270  5.005   0.899   1.00 9.12  ? 19 SER D O   1 
ATOM   783  C  CB  . SER D 1 19 ? 9.990   3.292   0.126   1.00 6.66  ? 19 SER D CB  1 
ATOM   784  O  OG  . SER D 1 19 ? 9.457   3.434   1.447   1.00 7.73  ? 19 SER D OG  1 
ATOM   785  N  N   . GLY D 1 20 ? 12.718  3.276   2.281   1.00 7.85  ? 20 GLY D N   1 
ATOM   786  C  CA  . GLY D 1 20 ? 13.501  4.093   3.215   1.00 9.66  ? 20 GLY D CA  1 
ATOM   787  C  C   . GLY D 1 20 ? 12.838  4.345   4.559   1.00 10.21 ? 20 GLY D C   1 
ATOM   788  O  O   . GLY D 1 20 ? 13.435  4.971   5.456   1.00 11.44 ? 20 GLY D O   1 
ATOM   789  N  N   . LEU D 1 21 ? 11.647  3.791   4.761   1.00 8.45  ? 21 LEU D N   1 
ATOM   790  C  CA  . LEU D 1 21 ? 10.978  3.986   6.058   1.00 10.58 ? 21 LEU D CA  1 
ATOM   791  C  C   . LEU D 1 21 ? 11.798  3.294   7.142   1.00 10.08 ? 21 LEU D C   1 
ATOM   792  O  O   . LEU D 1 21 ? 12.162  2.160   7.020   1.00 10.98 ? 21 LEU D O   1 
ATOM   793  C  CB  . LEU D 1 21 ? 9.550   3.391   6.011   1.00 8.80  ? 21 LEU D CB  1 
ATOM   794  C  CG  . LEU D 1 21 ? 8.740   3.540   7.277   1.00 11.55 ? 21 LEU D CG  1 
ATOM   795  C  CD1 . LEU D 1 21 ? 8.497   5.012   7.622   1.00 12.25 ? 21 LEU D CD1 1 
ATOM   796  C  CD2 . LEU D 1 21 ? 7.420   2.712   7.191   1.00 11.23 ? 21 LEU D CD2 1 
ATOM   797  N  N   . SER D 1 22 ? 12.059  3.978   8.214   1.00 11.50 ? 22 SER D N   1 
ATOM   798  C  CA  . SER D 1 22 ? 12.823  3.412   9.276   1.00 10.25 ? 22 SER D CA  1 
ATOM   799  C  C   . SER D 1 22 ? 12.137  2.233   9.926   1.00 13.26 ? 22 SER D C   1 
ATOM   800  O  O   . SER D 1 22 ? 10.936  2.202   10.114  1.00 13.31 ? 22 SER D O   1 
ATOM   801  C  CB  . SER D 1 22 ? 12.995  4.491   10.296  1.00 14.15 ? 22 SER D CB  1 
ATOM   802  O  OG  . SER D 1 22 ? 13.556  3.932   11.457  1.00 21.24 ? 22 SER D OG  1 
ATOM   803  N  N   . LYS D 1 23 ? 12.914  1.227   10.303  1.00 14.20 ? 23 LYS D N   1 
ATOM   804  C  CA  . LYS D 1 23 ? 12.383  0.086   11.034  1.00 13.72 ? 23 LYS D CA  1 
ATOM   805  C  C   . LYS D 1 23 ? 11.691  0.569   12.291  1.00 15.70 ? 23 LYS D C   1 
ATOM   806  O  O   . LYS D 1 23 ? 10.768  -0.079  12.792  1.00 14.41 ? 23 LYS D O   1 
ATOM   807  C  CB  . LYS D 1 23 ? 13.471  -0.901  11.418  1.00 14.77 ? 23 LYS D CB  1 
ATOM   808  C  CG  . LYS D 1 23 ? 13.971  -1.708  10.261  1.00 14.60 ? 23 LYS D CG  1 
ATOM   809  C  CD  . LYS D 1 23 ? 14.852  -2.888  10.635  1.00 18.62 ? 23 LYS D CD  1 
ATOM   810  C  CE  . LYS D 1 23 ? 15.143  -3.762  9.441   1.00 26.34 ? 23 LYS D CE  1 
ATOM   811  N  NZ  . LYS D 1 23 ? 16.183  -4.768  9.706   1.00 29.29 ? 23 LYS D NZ  1 
ATOM   812  N  N   . GLU D 1 24 ? 12.172  1.692   12.820  1.00 14.53 ? 24 GLU D N   1 
ATOM   813  C  CA  . GLU D 1 24 ? 11.575  2.246   14.002  1.00 16.66 ? 24 GLU D CA  1 
ATOM   814  C  C   . GLU D 1 24 ? 10.070  2.421   13.863  1.00 23.83 ? 24 GLU D C   1 
ATOM   815  O  O   . GLU D 1 24 ? 9.286   2.263   14.832  1.00 18.12 ? 24 GLU D O   1 
ATOM   816  C  CB  . GLU D 1 24 ? 12.269  3.567   14.370  1.00 18.42 ? 24 GLU D CB  1 
ATOM   817  C  CG  . GLU D 1 24 ? 13.671  3.332   14.979  1.00 31.11 ? 24 GLU D CG  1 
ATOM   818  C  CD  . GLU D 1 24 ? 13.672  2.331   16.103  1.00 45.78 ? 24 GLU D CD  1 
ATOM   819  O  OE1 . GLU D 1 24 ? 13.179  2.538   17.206  1.00 53.31 ? 24 GLU D OE1 1 
ATOM   820  O  OE2 . GLU D 1 24 ? 14.207  1.192   15.753  1.00 80.46 ? 24 GLU D OE2 1 
ATOM   821  N  N   . ALA D 1 25 ? 9.620   2.783   12.634  1.00 16.40 ? 25 ALA D N   1 
ATOM   822  C  CA  . ALA D 1 25 ? 8.178   2.915   12.392  1.00 16.50 ? 25 ALA D CA  1 
ATOM   823  C  C   . ALA D 1 25 ? 7.439   1.627   12.645  1.00 11.75 ? 25 ALA D C   1 
ATOM   824  O  O   . ALA D 1 25 ? 6.316   1.620   13.193  1.00 15.02 ? 25 ALA D O   1 
ATOM   825  C  CB  . ALA D 1 25 ? 7.895   3.403   10.963  1.00 18.75 ? 25 ALA D CB  1 
ATOM   826  N  N   . LEU D 1 26 ? 8.029   0.503   12.190  1.00 11.31 ? 26 LEU D N   1 
ATOM   827  C  CA  . LEU D 1 26 ? 7.331   -0.751  12.385  1.00 12.85 ? 26 LEU D CA  1 
ATOM   828  C  C   . LEU D 1 26 ? 7.435   -1.147  13.854  1.00 13.17 ? 26 LEU D C   1 
ATOM   829  O  O   . LEU D 1 26 ? 6.526   -1.759  14.396  1.00 15.20 ? 26 LEU D O   1 
ATOM   830  C  CB  . LEU D 1 26 ? 7.912   -1.922  11.509  1.00 18.57 ? 26 LEU D CB  1 
ATOM   831  C  CG  . LEU D 1 26 ? 8.154   -1.727  10.018  1.00 21.29 ? 26 LEU D CG  1 
ATOM   832  C  CD1 . LEU D 1 26 ? 8.126   -3.056  9.283   1.00 13.85 ? 26 LEU D CD1 1 
ATOM   833  C  CD2 . LEU D 1 26 ? 7.320   -0.674  9.372   1.00 15.48 ? 26 LEU D CD2 1 
ATOM   834  N  N   . ILE D 1 27 ? 8.606   -0.855  14.457  1.00 12.17 ? 27 ILE D N   1 
ATOM   835  C  CA  . ILE D 1 27 ? 8.789   -1.214  15.840  1.00 18.76 ? 27 ILE D CA  1 
ATOM   836  C  C   . ILE D 1 27 ? 7.777   -0.495  16.754  1.00 17.98 ? 27 ILE D C   1 
ATOM   837  O  O   . ILE D 1 27 ? 7.214   -1.111  17.677  1.00 19.16 ? 27 ILE D O   1 
ATOM   838  C  CB  . ILE D 1 27 ? 10.255  -1.069  16.270  1.00 21.76 ? 27 ILE D CB  1 
ATOM   839  C  CG1 . ILE D 1 27 ? 11.082  -2.185  15.581  1.00 19.03 ? 27 ILE D CG1 1 
ATOM   840  C  CG2 . ILE D 1 27 ? 10.379  -1.296  17.783  1.00 19.60 ? 27 ILE D CG2 1 
ATOM   841  C  CD1 . ILE D 1 27 ? 12.520  -2.132  16.020  1.00 33.71 ? 27 ILE D CD1 1 
ATOM   842  N  N   . GLN D 1 28 ? 7.448   0.759   16.395  1.00 16.82 ? 28 GLN D N   1 
ATOM   843  C  CA  . GLN D 1 28 ? 6.476   1.571   17.117  1.00 15.10 ? 28 GLN D CA  1 
ATOM   844  C  C   . GLN D 1 28 ? 5.100   0.944   17.052  1.00 23.24 ? 28 GLN D C   1 
ATOM   845  O  O   . GLN D 1 28 ? 4.353   0.889   18.028  1.00 20.74 ? 28 GLN D O   1 
ATOM   846  C  CB  . GLN D 1 28 ? 6.551   3.013   16.621  1.00 21.23 ? 28 GLN D CB  1 
ATOM   847  C  CG  . GLN D 1 28 ? 5.350   3.866   16.951  1.00 25.76 ? 28 GLN D CG  1 
ATOM   848  C  CD  . GLN D 1 28 ? 5.534   5.166   16.247  1.00 63.52 ? 28 GLN D CD  1 
ATOM   849  O  OE1 . GLN D 1 28 ? 6.667   5.492   15.903  1.00 47.87 ? 28 GLN D OE1 1 
ATOM   850  N  NE2 . GLN D 1 28 ? 4.441   5.861   15.960  1.00 85.16 ? 28 GLN D NE2 1 
ATOM   851  N  N   . ALA D 1 29 ? 4.761   0.375   15.915  1.00 19.88 ? 29 ALA D N   1 
ATOM   852  C  CA  . ALA D 1 29 ? 3.488   -0.344  15.835  1.00 16.21 ? 29 ALA D CA  1 
ATOM   853  C  C   . ALA D 1 29 ? 3.427   -1.602  16.713  1.00 17.38 ? 29 ALA D C   1 
ATOM   854  O  O   . ALA D 1 29 ? 2.376   -1.967  17.157  1.00 25.63 ? 29 ALA D O   1 
ATOM   855  C  CB  . ALA D 1 29 ? 3.170   -0.666  14.390  1.00 18.50 ? 29 ALA D CB  1 
ATOM   856  N  N   . LEU D 1 30 ? 4.551   -2.246  17.057  1.00 24.91 ? 30 LEU D N   1 
ATOM   857  C  CA  . LEU D 1 30 ? 4.529   -3.407  17.951  1.00 19.49 ? 30 LEU D CA  1 
ATOM   858  C  C   . LEU D 1 30 ? 4.049   -3.014  19.309  1.00 21.70 ? 30 LEU D C   1 
ATOM   859  O  O   . LEU D 1 30 ? 4.314   -1.899  19.723  1.00 39.32 ? 30 LEU D O   1 
ATOM   860  C  CB  . LEU D 1 30 ? 5.902   -4.075  18.152  1.00 26.79 ? 30 LEU D CB  1 
ATOM   861  C  CG  . LEU D 1 30 ? 6.344   -4.954  17.011  1.00 24.79 ? 30 LEU D CG  1 
ATOM   862  C  CD1 . LEU D 1 30 ? 7.829   -5.300  17.178  1.00 28.79 ? 30 LEU D CD1 1 
ATOM   863  C  CD2 . LEU D 1 30 ? 5.526   -6.229  16.941  1.00 19.55 ? 30 LEU D CD2 1 
HETATM 864  O  O   . HOH E 2 .  ? -10.129 5.232   -2.904  1.00 11.80 ? 33 HOH A O   1 
HETATM 865  O  O   . HOH E 2 .  ? -0.277  9.666   0.327   1.00 8.07  ? 34 HOH A O   1 
HETATM 866  O  O   . HOH E 2 .  ? -10.977 -1.990  -17.010 1.00 48.94 ? 35 HOH A O   1 
HETATM 867  O  O   . HOH E 2 .  ? -23.465 -6.731  6.492   1.00 15.19 ? 36 HOH A O   1 
HETATM 868  O  O   . HOH E 2 .  ? -8.305  1.510   6.395   1.00 16.43 ? 37 HOH A O   1 
HETATM 869  O  O   . HOH E 2 .  ? -10.508 9.423   -0.626  1.00 28.89 ? 38 HOH A O   1 
HETATM 870  O  O   . HOH E 2 .  ? -10.535 -9.757  2.613   1.00 12.03 ? 39 HOH A O   1 
HETATM 871  O  O   . HOH E 2 .  ? -12.661 -11.417 1.417   1.00 27.19 ? 40 HOH A O   1 
HETATM 872  O  O   . HOH E 2 .  ? -10.297 6.749   4.932   1.00 29.73 ? 41 HOH A O   1 
HETATM 873  O  O   . HOH E 2 .  ? -4.679  12.658  -14.886 1.00 33.02 ? 42 HOH A O   1 
HETATM 874  O  O   . HOH E 2 .  ? 1.770   10.364  -12.414 1.00 19.60 ? 43 HOH A O   1 
HETATM 875  O  O   . HOH E 2 .  ? -6.645  10.785  -2.423  1.00 11.90 ? 44 HOH A O   1 
HETATM 876  O  O   . HOH E 2 .  ? -6.592  10.883  0.225   1.00 18.84 ? 45 HOH A O   1 
HETATM 877  O  O   . HOH E 2 .  ? -4.590  9.069   1.469   1.00 18.03 ? 46 HOH A O   1 
HETATM 878  O  O   . HOH E 2 .  ? -5.289  6.294   2.304   1.00 17.18 ? 47 HOH A O   1 
HETATM 879  O  O   . HOH E 2 .  ? -9.062  9.925   -3.238  1.00 20.80 ? 48 HOH A O   1 
HETATM 880  O  O   . HOH E 2 .  ? -9.618  7.103   1.602   1.00 46.02 ? 49 HOH A O   1 
HETATM 881  O  O   . HOH E 2 .  ? -11.371 6.743   -0.657  1.00 22.49 ? 50 HOH A O   1 
HETATM 882  O  O   . HOH E 2 .  ? -11.243 -0.371  -3.708  1.00 21.67 ? 51 HOH A O   1 
HETATM 883  O  O   . HOH E 2 .  ? -11.474 -7.069  -3.145  1.00 22.07 ? 52 HOH A O   1 
HETATM 884  O  O   . HOH E 2 .  ? -8.676  -3.200  5.637   1.00 10.51 ? 53 HOH A O   1 
HETATM 885  O  O   . HOH E 2 .  ? -14.877 -1.961  0.654   1.00 35.02 ? 54 HOH A O   1 
HETATM 886  O  O   . HOH E 2 .  ? -14.201 0.477   -0.037  1.00 39.47 ? 55 HOH A O   1 
HETATM 887  O  O   . HOH E 2 .  ? -5.658  13.270  -8.605  1.00 32.23 ? 56 HOH A O   1 
HETATM 888  O  O   . HOH E 2 .  ? -3.149  12.744  -8.047  1.00 13.79 ? 57 HOH A O   1 
HETATM 889  O  O   . HOH E 2 .  ? -1.832  15.318  -5.033  1.00 41.31 ? 58 HOH A O   1 
HETATM 890  O  O   . HOH E 2 .  ? -6.042  13.122  -3.955  1.00 32.00 ? 59 HOH A O   1 
HETATM 891  O  O   . HOH E 2 .  ? 3.766   11.821  -10.721 1.00 36.59 ? 60 HOH A O   1 
HETATM 892  O  O   . HOH E 2 .  ? -4.650  13.610  -12.174 1.00 28.77 ? 61 HOH A O   1 
HETATM 893  O  O   . HOH E 2 .  ? -3.823  -3.112  -16.128 1.00 22.55 ? 62 HOH A O   1 
HETATM 894  O  O   . HOH E 2 .  ? 0.318   -2.588  -14.739 1.00 20.13 ? 63 HOH A O   1 
HETATM 895  O  O   . HOH E 2 .  ? -6.520  -3.824  -11.972 1.00 21.49 ? 64 HOH A O   1 
HETATM 896  O  O   . HOH E 2 .  ? -4.698  12.521  3.981   1.00 20.57 ? 65 HOH A O   1 
HETATM 897  O  O   . HOH E 2 .  ? -5.744  6.597   8.832   1.00 31.83 ? 66 HOH A O   1 
HETATM 898  O  O   . HOH E 2 .  ? 1.708   -3.145  -12.388 1.00 21.57 ? 67 HOH A O   1 
HETATM 899  O  O   . HOH E 2 .  ? -6.572  5.741   6.910   1.00 29.44 ? 68 HOH A O   1 
HETATM 900  O  O   . HOH E 2 .  ? -21.329 -2.664  0.615   1.00 30.87 ? 69 HOH A O   1 
HETATM 901  O  O   . HOH E 2 .  ? -20.219 -1.310  4.965   1.00 24.09 ? 70 HOH A O   1 
HETATM 902  O  O   . HOH E 2 .  ? -19.474 -2.281  7.003   1.00 32.34 ? 71 HOH A O   1 
HETATM 903  O  O   . HOH E 2 .  ? -18.530 1.272   3.694   1.00 29.47 ? 72 HOH A O   1 
HETATM 904  O  O   . HOH E 2 .  ? -22.293 -4.681  5.476   1.00 26.22 ? 73 HOH A O   1 
HETATM 905  O  O   . HOH E 2 .  ? -12.631 -9.193  -1.108  1.00 38.40 ? 74 HOH A O   1 
HETATM 906  O  O   . HOH E 2 .  ? -11.575 -3.025  -4.212  1.00 24.49 ? 75 HOH A O   1 
HETATM 907  O  O   . HOH E 2 .  ? -10.311 -3.460  7.990   1.00 30.98 ? 76 HOH A O   1 
HETATM 908  O  O   . HOH E 2 .  ? -7.638  7.891   3.179   1.00 36.50 ? 77 HOH A O   1 
HETATM 909  O  O   . HOH E 2 .  ? -0.623  7.299   -20.116 1.00 36.96 ? 78 HOH A O   1 
HETATM 910  O  O   . HOH E 2 .  ? -3.618  6.278   -19.583 1.00 46.85 ? 79 HOH A O   1 
HETATM 911  O  O   . HOH E 2 .  ? -8.838  -3.893  -14.735 1.00 28.13 ? 80 HOH A O   1 
HETATM 912  O  O   . HOH E 2 .  ? -3.676  7.455   10.474  1.00 18.32 ? 81 HOH A O   1 
HETATM 913  O  O   . HOH E 2 .  ? -6.505  -9.644  8.991   1.00 29.25 ? 82 HOH A O   1 
HETATM 914  O  O   . HOH F 2 .  ? 1.725   11.543  -0.381  1.00 7.98  ? 33 HOH B O   1 
HETATM 915  O  O   . HOH F 2 .  ? 1.086   14.192  0.323   1.00 11.90 ? 34 HOH B O   1 
HETATM 916  O  O   . HOH F 2 .  ? -0.720  15.880  -0.884  1.00 23.62 ? 35 HOH B O   1 
HETATM 917  O  O   . HOH F 2 .  ? 8.808   12.591  -1.358  1.00 8.02  ? 36 HOH B O   1 
HETATM 918  O  O   . HOH F 2 .  ? 11.451  14.869  -0.566  1.00 11.68 ? 37 HOH B O   1 
HETATM 919  O  O   . HOH F 2 .  ? 10.784  17.113  0.780   1.00 10.58 ? 38 HOH B O   1 
HETATM 920  O  O   . HOH F 2 .  ? 8.692   18.048  -0.530  1.00 11.69 ? 39 HOH B O   1 
HETATM 921  O  O   . HOH F 2 .  ? 7.466   15.770  -1.825  1.00 11.88 ? 40 HOH B O   1 
HETATM 922  O  O   . HOH F 2 .  ? 6.302   18.063  -3.505  1.00 22.53 ? 41 HOH B O   1 
HETATM 923  O  O   . HOH F 2 .  ? -3.553  -4.392  13.159  1.00 14.88 ? 42 HOH B O   1 
HETATM 924  O  O   . HOH F 2 .  ? 0.699   -11.828 16.277  1.00 21.51 ? 43 HOH B O   1 
HETATM 925  O  O   . HOH F 2 .  ? -0.153  -14.015 14.767  1.00 37.17 ? 44 HOH B O   1 
HETATM 926  O  O   . HOH F 2 .  ? -0.570  -5.293  14.994  1.00 35.18 ? 45 HOH B O   1 
HETATM 927  O  O   . HOH F 2 .  ? -1.060  -10.362 9.752   1.00 13.71 ? 46 HOH B O   1 
HETATM 928  O  O   . HOH F 2 .  ? 10.038  -6.942  5.079   1.00 19.86 ? 47 HOH B O   1 
HETATM 929  O  O   . HOH F 2 .  ? 7.511   -10.278 6.152   1.00 17.97 ? 48 HOH B O   1 
HETATM 930  O  O   . HOH F 2 .  ? 12.019  7.524   3.688   1.00 15.65 ? 49 HOH B O   1 
HETATM 931  O  O   . HOH F 2 .  ? 10.505  7.988   6.184   1.00 12.17 ? 50 HOH B O   1 
HETATM 932  O  O   . HOH F 2 .  ? 9.048   17.690  3.464   1.00 53.03 ? 51 HOH B O   1 
HETATM 933  O  O   . HOH F 2 .  ? 3.312   20.009  4.138   1.00 24.70 ? 52 HOH B O   1 
HETATM 934  O  O   . HOH F 2 .  ? 8.767   14.741  5.538   1.00 16.99 ? 53 HOH B O   1 
HETATM 935  O  O   . HOH F 2 .  ? 10.541  9.686   4.958   1.00 23.36 ? 54 HOH B O   1 
HETATM 936  O  O   . HOH F 2 .  ? 8.677   9.581   8.109   1.00 26.35 ? 55 HOH B O   1 
HETATM 937  O  O   . HOH F 2 .  ? 2.705   16.030  1.609   1.00 21.23 ? 56 HOH B O   1 
HETATM 938  O  O   . HOH F 2 .  ? 1.176   5.571   10.043  1.00 16.59 ? 57 HOH B O   1 
HETATM 939  O  O   . HOH F 2 .  ? 0.474   3.462   11.490  1.00 22.19 ? 58 HOH B O   1 
HETATM 940  O  O   . HOH F 2 .  ? -4.388  5.054   5.048   1.00 17.30 ? 59 HOH B O   1 
HETATM 941  O  O   . HOH F 2 .  ? 13.832  -6.232  7.696   1.00 31.71 ? 60 HOH B O   1 
HETATM 942  O  O   . HOH F 2 .  ? 14.198  -5.927  5.460   1.00 34.87 ? 61 HOH B O   1 
HETATM 943  O  O   . HOH F 2 .  ? 5.276   -10.184 7.458   1.00 18.58 ? 62 HOH B O   1 
HETATM 944  O  O   . HOH F 2 .  ? 3.796   -13.044 8.162   1.00 36.60 ? 63 HOH B O   1 
HETATM 945  O  O   . HOH F 2 .  ? 3.507   -13.785 10.545  1.00 39.53 ? 64 HOH B O   1 
HETATM 946  O  O   . HOH F 2 .  ? 6.922   -14.211 14.235  1.00 27.50 ? 65 HOH B O   1 
HETATM 947  O  O   . HOH F 2 .  ? 12.074  -11.918 12.553  1.00 22.78 ? 66 HOH B O   1 
HETATM 948  O  O   . HOH F 2 .  ? 14.811  -12.113 12.974  1.00 27.74 ? 67 HOH B O   1 
HETATM 949  O  O   . HOH F 2 .  ? -7.167  -0.908  5.408   1.00 11.01 ? 68 HOH B O   1 
HETATM 950  O  O   . HOH F 2 .  ? -8.477  4.199   12.235  1.00 22.31 ? 69 HOH B O   1 
HETATM 951  O  O   . HOH F 2 .  ? -4.004  2.760   11.825  1.00 31.25 ? 70 HOH B O   1 
HETATM 952  O  O   . HOH F 2 .  ? -2.037  3.684   12.786  1.00 26.91 ? 71 HOH B O   1 
HETATM 953  O  O   . HOH F 2 .  ? 10.504  11.490  8.607   1.00 24.27 ? 72 HOH B O   1 
HETATM 954  O  O   . HOH F 2 .  ? 2.269   22.063  2.534   1.00 46.58 ? 73 HOH B O   1 
HETATM 955  O  O   . HOH F 2 .  ? -0.906  -9.728  16.646  1.00 33.55 ? 74 HOH B O   1 
HETATM 956  O  O   . HOH F 2 .  ? -3.520  -12.643 12.132  1.00 32.87 ? 75 HOH B O   1 
HETATM 957  O  O   . HOH G 2 .  ? -9.364  7.451   -4.424  1.00 13.88 ? 33 HOH C O   1 
HETATM 958  O  O   . HOH G 2 .  ? -12.551 4.262   -3.786  1.00 17.00 ? 34 HOH C O   1 
HETATM 959  O  O   . HOH G 2 .  ? 14.686  8.947   -3.918  1.00 7.66  ? 35 HOH C O   1 
HETATM 960  O  O   . HOH G 2 .  ? 12.033  9.667   -3.895  1.00 9.82  ? 36 HOH C O   1 
HETATM 961  O  O   . HOH G 2 .  ? 15.622  11.386  -4.874  1.00 10.40 ? 37 HOH C O   1 
HETATM 962  O  O   . HOH G 2 .  ? 14.701  13.187  -3.060  1.00 9.22  ? 38 HOH C O   1 
HETATM 963  O  O   . HOH G 2 .  ? 12.045  12.249  -2.725  1.00 11.54 ? 39 HOH C O   1 
HETATM 964  O  O   . HOH G 2 .  ? 9.295   0.454   -2.515  1.00 9.44  ? 40 HOH C O   1 
HETATM 965  O  O   . HOH G 2 .  ? 11.124  2.546   -3.003  1.00 8.67  ? 41 HOH C O   1 
HETATM 966  O  O   . HOH G 2 .  ? 11.078  -6.509  -4.096  1.00 76.98 ? 42 HOH C O   1 
HETATM 967  O  O   . HOH G 2 .  ? 12.137  -3.604  -4.413  1.00 24.61 ? 43 HOH C O   1 
HETATM 968  O  O   . HOH G 2 .  ? 9.940   -3.935  -2.206  1.00 12.19 ? 44 HOH C O   1 
HETATM 969  O  O   . HOH G 2 .  ? 3.647   -1.296  -11.395 1.00 12.98 ? 45 HOH C O   1 
HETATM 970  O  O   . HOH G 2 .  ? 9.341   -5.571  -5.839  1.00 17.56 ? 46 HOH C O   1 
HETATM 971  O  O   . HOH G 2 .  ? -6.564  -6.708  -10.893 1.00 15.51 ? 47 HOH C O   1 
HETATM 972  O  O   . HOH G 2 .  ? -4.008  -9.811  -11.460 1.00 16.17 ? 48 HOH C O   1 
HETATM 973  O  O   . HOH G 2 .  ? -9.585  -10.260 -5.339  1.00 26.84 ? 49 HOH C O   1 
HETATM 974  O  O   . HOH G 2 .  ? -11.872 -4.780  -6.232  1.00 21.48 ? 50 HOH C O   1 
HETATM 975  O  O   . HOH G 2 .  ? -16.525 -4.333  -11.643 1.00 29.12 ? 51 HOH C O   1 
HETATM 976  O  O   . HOH G 2 .  ? -13.185 8.259   -4.071  1.00 48.52 ? 52 HOH C O   1 
HETATM 977  O  O   . HOH G 2 .  ? -12.721 11.119  -6.136  1.00 58.62 ? 53 HOH C O   1 
HETATM 978  O  O   . HOH G 2 .  ? -12.650 1.806   -4.875  1.00 15.25 ? 54 HOH C O   1 
HETATM 979  O  O   . HOH G 2 .  ? -10.712 10.516  -7.102  1.00 24.14 ? 55 HOH C O   1 
HETATM 980  O  O   . HOH G 2 .  ? -18.859 5.911   -10.484 1.00 63.51 ? 56 HOH C O   1 
HETATM 981  O  O   . HOH G 2 .  ? -15.076 0.950   -3.292  1.00 52.83 ? 57 HOH C O   1 
HETATM 982  O  O   . HOH G 2 .  ? -7.754  12.835  -6.496  1.00 31.95 ? 58 HOH C O   1 
HETATM 983  O  O   . HOH G 2 .  ? -9.953  -5.629  -12.981 1.00 55.17 ? 59 HOH C O   1 
HETATM 984  O  O   . HOH G 2 .  ? 7.026   9.969   -8.749  1.00 22.36 ? 60 HOH C O   1 
HETATM 985  O  O   . HOH G 2 .  ? 4.420   11.398  -8.126  1.00 17.94 ? 61 HOH C O   1 
HETATM 986  O  O   . HOH G 2 .  ? 5.629   6.529   -10.258 1.00 25.65 ? 62 HOH C O   1 
HETATM 987  O  O   . HOH G 2 .  ? -6.233  -11.277 -10.892 1.00 24.96 ? 63 HOH C O   1 
HETATM 988  O  O   . HOH G 2 .  ? -5.875  -11.670 -8.054  1.00 17.48 ? 64 HOH C O   1 
HETATM 989  O  O   . HOH G 2 .  ? -16.661 7.781   -6.625  1.00 33.19 ? 65 HOH C O   1 
HETATM 990  O  O   . HOH G 2 .  ? -9.249  -2.602  -12.228 1.00 32.94 ? 66 HOH C O   1 
HETATM 991  O  O   . HOH G 2 .  ? -16.197 -4.650  -7.600  1.00 29.53 ? 67 HOH C O   1 
HETATM 992  O  O   . HOH G 2 .  ? -12.315 0.072   -14.491 1.00 30.17 ? 68 HOH C O   1 
HETATM 993  O  O   . HOH G 2 .  ? -14.445 -0.551  -16.658 1.00 30.87 ? 69 HOH C O   1 
HETATM 994  O  O   . HOH G 2 .  ? 4.397   4.614   -10.825 1.00 27.84 ? 70 HOH C O   1 
HETATM 995  O  O   . HOH G 2 .  ? 3.724   0.693   -13.158 1.00 20.53 ? 71 HOH C O   1 
HETATM 996  O  O   . HOH G 2 .  ? 6.884   2.997   -13.010 1.00 29.79 ? 72 HOH C O   1 
HETATM 997  O  O   . HOH G 2 .  ? -9.469  11.636  -5.538  1.00 28.45 ? 73 HOH C O   1 
HETATM 998  O  O   . HOH H 2 .  ? 13.642  7.409   1.516   1.00 9.54  ? 33 HOH D O   1 
HETATM 999  O  O   . HOH H 2 .  ? 7.706   -5.708  -1.950  1.00 9.35  ? 34 HOH D O   1 
HETATM 1000 O  O   . HOH H 2 .  ? -7.226  -12.787 1.200   1.00 13.25 ? 35 HOH D O   1 
HETATM 1001 O  O   . HOH H 2 .  ? -6.545  -15.765 -0.876  1.00 14.41 ? 36 HOH D O   1 
HETATM 1002 O  O   . HOH H 2 .  ? -8.105  -15.278 2.422   1.00 22.83 ? 37 HOH D O   1 
HETATM 1003 O  O   . HOH H 2 .  ? -8.877  -11.826 2.969   1.00 17.00 ? 38 HOH D O   1 
HETATM 1004 O  O   . HOH H 2 .  ? -2.414  -16.435 4.559   1.00 18.49 ? 39 HOH D O   1 
HETATM 1005 O  O   . HOH H 2 .  ? 0.157   -10.499 7.357   1.00 17.74 ? 40 HOH D O   1 
HETATM 1006 O  O   . HOH H 2 .  ? 2.736   -13.538 3.463   1.00 22.17 ? 41 HOH D O   1 
HETATM 1007 O  O   . HOH H 2 .  ? 7.829   -10.078 -0.091  1.00 23.85 ? 42 HOH D O   1 
HETATM 1008 O  O   . HOH H 2 .  ? 9.126   -10.040 2.281   1.00 17.72 ? 43 HOH D O   1 
HETATM 1009 O  O   . HOH H 2 .  ? 8.075   -13.873 -2.075  1.00 17.65 ? 44 HOH D O   1 
HETATM 1010 O  O   . HOH H 2 .  ? -3.668  -11.515 6.660   1.00 16.45 ? 45 HOH D O   1 
HETATM 1011 O  O   . HOH H 2 .  ? 7.979   -8.361  4.328   1.00 12.95 ? 46 HOH D O   1 
HETATM 1012 O  O   . HOH H 2 .  ? 12.558  -4.635  1.619   1.00 15.58 ? 47 HOH D O   1 
HETATM 1013 O  O   . HOH H 2 .  ? 15.511  -3.487  5.498   1.00 40.18 ? 48 HOH D O   1 
HETATM 1014 O  O   . HOH H 2 .  ? 14.303  0.994   5.521   1.00 15.31 ? 49 HOH D O   1 
HETATM 1015 O  O   . HOH H 2 .  ? 16.732  2.916   1.462   1.00 55.17 ? 50 HOH D O   1 
HETATM 1016 O  O   . HOH H 2 .  ? 11.574  6.884   8.391   1.00 13.44 ? 51 HOH D O   1 
HETATM 1017 O  O   . HOH H 2 .  ? 2.694   -9.834  6.441   1.00 17.14 ? 52 HOH D O   1 
HETATM 1018 O  O   . HOH H 2 .  ? 12.204  -6.427  3.583   1.00 24.47 ? 53 HOH D O   1 
HETATM 1019 O  O   . HOH H 2 .  ? -6.134  -13.295 4.902   1.00 46.31 ? 54 HOH D O   1 
HETATM 1020 O  O   . HOH H 2 .  ? 6.283   -11.803 -1.848  1.00 28.82 ? 55 HOH D O   1 
HETATM 1021 O  O   . HOH H 2 .  ? 16.177  6.197   5.021   1.00 24.73 ? 56 HOH D O   1 
HETATM 1022 O  O   . HOH H 2 .  ? 14.836  -1.541  -2.020  1.00 30.52 ? 57 HOH D O   1 
HETATM 1023 O  O   . HOH H 2 .  ? 14.793  6.694   7.238   1.00 35.66 ? 58 HOH D O   1 
HETATM 1024 O  O   . HOH H 2 .  ? 13.875  8.210   8.650   1.00 23.53 ? 59 HOH D O   1 
HETATM 1025 O  O   . HOH H 2 .  ? 9.756   6.787   12.350  1.00 35.58 ? 60 HOH D O   1 
HETATM 1026 O  O   . HOH H 2 .  ? 15.883  1.371   9.837   1.00 25.10 ? 61 HOH D O   1 
HETATM 1027 O  O   . HOH H 2 .  ? 15.397  -1.457  6.557   1.00 24.04 ? 62 HOH D O   1 
HETATM 1028 O  O   . HOH H 2 .  ? 14.855  -3.474  1.519   1.00 33.74 ? 63 HOH D O   1 
HETATM 1029 O  O   . HOH H 2 .  ? 4.473   3.846   13.231  1.00 19.37 ? 64 HOH D O   1 
HETATM 1030 O  O   . HOH H 2 .  ? 10.674  2.805   17.475  1.00 38.67 ? 65 HOH D O   1 
HETATM 1031 O  O   . HOH H 2 .  ? 5.419   7.559   11.593  1.00 33.46 ? 66 HOH D O   1 
HETATM 1032 O  O   . HOH H 2 .  ? 4.054   5.562   10.876  1.00 22.33 ? 67 HOH D O   1 
HETATM 1033 O  O   . HOH H 2 .  ? -0.122  -2.971  16.015  1.00 34.65 ? 68 HOH D O   1 
HETATM 1034 O  O   . HOH H 2 .  ? -9.785  -11.992 -0.528  1.00 36.88 ? 69 HOH D O   1 
HETATM 1035 O  O   . HOH H 2 .  ? 0.034   -13.473 7.440   1.00 31.88 ? 70 HOH D O   1 
HETATM 1036 O  O   . HOH H 2 .  ? 4.661   -14.602 1.224   1.00 30.09 ? 71 HOH D O   1 
HETATM 1037 O  O   . HOH H 2 .  ? 16.843  2.954   5.273   1.00 30.98 ? 72 HOH D O   1 
HETATM 1038 O  O   . HOH H 2 .  ? 18.712  6.451   5.634   1.00 47.86 ? 73 HOH D O   1 
HETATM 1039 O  O   . HOH H 2 .  ? 1.980   3.535   13.818  1.00 31.46 ? 74 HOH D O   1 
# 
